data_7N33
#
_entry.id   7N33
#
_cell.length_a   1.00
_cell.length_b   1.00
_cell.length_c   1.00
_cell.angle_alpha   90.00
_cell.angle_beta   90.00
_cell.angle_gamma   90.00
#
_symmetry.space_group_name_H-M   'P 1'
#
loop_
_entity.id
_entity.type
_entity.pdbx_description
1 polymer 'Uridylate-specific endoribonuclease'
2 polymer "RNA (5'-R(*A)-D(*(UFT))-R(P*A)-3')"
#
loop_
_entity_poly.entity_id
_entity_poly.type
_entity_poly.pdbx_seq_one_letter_code
_entity_poly.pdbx_strand_id
1 'polypeptide(L)'
;GSHMLEENLYFQSLEMSLENVAFNVVNKGHFDGQQGEVPVSIINNTVYTKVDGVDVELFENKTTLPVNVAFELWAKRNIK
PVPEVKILNNLGVDIAANTVIWDYKRDAPAHISTIGVCSMTDIAKKPTETICAPLTVFFDGRVDGQVDLFRNARNGVLIT
EGSVKGLQPSVGPKQASLNGVTLIGEAVKTQFNYYKKVDGVVQQLPETYFTQSRNLQEFKPRSQMEIDFLELAMDEFIER
YKLEGYAFEHIVYGDFSHSQLGGLHLLIGLAKRFKESPFELEDFIPMDSTVKNYFITDAQTGSSKCVCSVIDLLLDDFVE
IIKSQDLSVVSKVVKVTIDYTEISFMLWCKDGHVETFYPK
;
A,B,C,D,E,F
2 'polyribonucleotide' A(UFT)A G,H,I,J,K,L
#
# COMPACT_ATOMS: atom_id res chain seq x y z
N GLU A 15 8.91 -16.20 25.54
CA GLU A 15 7.82 -15.73 24.68
C GLU A 15 8.34 -14.84 23.56
N MET A 16 8.10 -15.25 22.33
CA MET A 16 8.50 -14.48 21.15
C MET A 16 7.23 -13.91 20.51
N SER A 17 7.04 -12.60 20.69
CA SER A 17 5.81 -11.95 20.31
C SER A 17 6.09 -10.53 19.84
N LEU A 18 5.27 -10.05 18.91
CA LEU A 18 5.37 -8.68 18.45
C LEU A 18 5.11 -7.70 19.59
N GLU A 19 4.11 -8.00 20.42
CA GLU A 19 3.79 -7.13 21.55
C GLU A 19 4.92 -7.11 22.58
N ASN A 20 5.54 -8.27 22.82
CA ASN A 20 6.67 -8.31 23.75
C ASN A 20 7.89 -7.59 23.19
N VAL A 21 8.13 -7.73 21.88
CA VAL A 21 9.22 -7.01 21.25
C VAL A 21 8.99 -5.51 21.35
N ALA A 22 7.76 -5.07 21.12
CA ALA A 22 7.44 -3.65 21.24
C ALA A 22 7.57 -3.18 22.68
N PHE A 23 7.20 -4.03 23.64
CA PHE A 23 7.40 -3.69 25.05
C PHE A 23 8.86 -3.46 25.35
N ASN A 24 9.73 -4.35 24.87
CA ASN A 24 11.16 -4.20 25.09
C ASN A 24 11.70 -2.94 24.42
N VAL A 25 11.23 -2.64 23.21
CA VAL A 25 11.68 -1.44 22.52
C VAL A 25 11.25 -0.20 23.28
N VAL A 26 10.02 -0.19 23.81
CA VAL A 26 9.50 0.98 24.50
C VAL A 26 10.22 1.19 25.83
N ASN A 27 10.50 0.12 26.56
CA ASN A 27 11.06 0.26 27.90
C ASN A 27 12.57 0.14 27.95
N LYS A 28 13.22 -0.26 26.86
CA LYS A 28 14.66 -0.49 26.85
C LYS A 28 15.36 0.06 25.63
N GLY A 29 14.64 0.56 24.63
CA GLY A 29 15.25 1.00 23.40
C GLY A 29 15.58 -0.10 22.42
N HIS A 30 15.67 -1.34 22.89
CA HIS A 30 15.97 -2.49 22.05
C HIS A 30 15.38 -3.71 22.75
N PHE A 31 15.55 -4.88 22.12
CA PHE A 31 15.05 -6.11 22.72
C PHE A 31 16.03 -6.58 23.79
N ASP A 32 15.62 -6.50 25.04
CA ASP A 32 16.43 -6.92 26.16
C ASP A 32 15.99 -8.24 26.78
N GLY A 33 14.92 -8.84 26.27
CA GLY A 33 14.41 -10.08 26.82
C GLY A 33 13.50 -9.91 28.01
N GLN A 34 12.91 -8.75 28.21
CA GLN A 34 12.00 -8.52 29.32
C GLN A 34 10.62 -9.09 29.02
N GLN A 35 9.84 -9.28 30.09
CA GLN A 35 8.49 -9.78 29.99
C GLN A 35 7.50 -8.62 30.08
N GLY A 36 6.46 -8.70 29.27
CA GLY A 36 5.47 -7.63 29.19
C GLY A 36 5.03 -7.42 27.76
N GLU A 37 3.93 -6.68 27.59
CA GLU A 37 3.39 -6.41 26.28
C GLU A 37 2.79 -5.03 26.26
N VAL A 38 2.79 -4.42 25.07
CA VAL A 38 2.15 -3.12 24.87
C VAL A 38 1.25 -3.22 23.65
N PRO A 39 0.21 -2.39 23.56
CA PRO A 39 -0.61 -2.37 22.36
C PRO A 39 0.23 -2.01 21.13
N VAL A 40 0.00 -2.72 20.05
CA VAL A 40 0.71 -2.49 18.79
C VAL A 40 -0.32 -2.37 17.68
N SER A 41 -0.14 -1.39 16.82
CA SER A 41 -0.90 -1.25 15.60
C SER A 41 0.05 -1.26 14.43
N ILE A 42 -0.27 -2.03 13.41
CA ILE A 42 0.56 -2.10 12.21
C ILE A 42 -0.22 -1.47 11.08
N ILE A 43 0.33 -0.40 10.52
CA ILE A 43 -0.28 0.25 9.37
C ILE A 43 0.76 0.16 8.28
N ASN A 44 0.53 0.83 7.15
CA ASN A 44 1.02 0.42 5.84
C ASN A 44 2.36 -0.31 5.87
N ASN A 45 3.39 0.32 6.42
CA ASN A 45 4.66 -0.38 6.64
C ASN A 45 5.30 0.07 7.94
N THR A 46 4.49 0.43 8.92
CA THR A 46 4.93 1.10 10.13
C THR A 46 4.32 0.41 11.34
N VAL A 47 5.12 0.31 12.40
CA VAL A 47 4.70 -0.21 13.70
C VAL A 47 4.52 0.99 14.62
N TYR A 48 3.30 1.13 15.14
CA TYR A 48 2.92 2.14 16.11
C TYR A 48 2.57 1.47 17.43
N THR A 49 2.73 2.21 18.51
CA THR A 49 2.23 1.79 19.80
C THR A 49 1.43 2.93 20.42
N LYS A 50 0.53 2.58 21.31
CA LYS A 50 -0.34 3.56 21.95
C LYS A 50 0.30 4.01 23.26
N VAL A 51 0.63 5.29 23.34
CA VAL A 51 1.17 5.90 24.55
C VAL A 51 0.24 7.04 24.94
N ASP A 52 -0.36 6.93 26.13
CA ASP A 52 -1.31 7.94 26.62
C ASP A 52 -2.46 8.16 25.64
N GLY A 53 -2.92 7.09 25.01
CA GLY A 53 -4.09 7.15 24.18
C GLY A 53 -3.87 7.54 22.74
N VAL A 54 -2.64 7.87 22.35
CA VAL A 54 -2.34 8.24 20.98
C VAL A 54 -1.30 7.29 20.43
N ASP A 55 -1.36 7.04 19.12
CA ASP A 55 -0.43 6.16 18.46
C ASP A 55 0.88 6.86 18.18
N VAL A 56 1.98 6.24 18.60
CA VAL A 56 3.32 6.76 18.42
C VAL A 56 4.08 5.78 17.55
N GLU A 57 4.67 6.29 16.48
CA GLU A 57 5.43 5.43 15.58
C GLU A 57 6.65 4.87 16.28
N LEU A 58 6.77 3.55 16.28
CA LEU A 58 7.95 2.88 16.82
C LEU A 58 8.95 2.51 15.74
N PHE A 59 8.47 2.08 14.57
CA PHE A 59 9.39 1.55 13.58
C PHE A 59 8.81 1.77 12.20
N GLU A 60 9.65 2.11 11.25
CA GLU A 60 9.25 2.23 9.86
C GLU A 60 10.08 1.27 9.03
N ASN A 61 9.42 0.36 8.33
CA ASN A 61 10.10 -0.69 7.59
C ASN A 61 10.66 -0.13 6.30
N LYS A 62 11.99 -0.10 6.19
CA LYS A 62 12.66 0.25 4.96
C LYS A 62 13.25 -0.96 4.27
N THR A 63 12.95 -2.16 4.74
CA THR A 63 13.50 -3.39 4.21
C THR A 63 12.52 -4.03 3.23
N THR A 64 12.94 -5.11 2.62
CA THR A 64 12.08 -5.93 1.79
C THR A 64 11.42 -7.06 2.56
N LEU A 65 11.63 -7.13 3.86
CA LEU A 65 11.00 -8.09 4.74
C LEU A 65 9.62 -7.60 5.17
N PRO A 66 8.76 -8.50 5.65
CA PRO A 66 7.51 -8.07 6.26
C PRO A 66 7.77 -7.16 7.45
N VAL A 67 6.82 -6.25 7.68
CA VAL A 67 7.05 -5.17 8.64
C VAL A 67 7.31 -5.71 10.05
N ASN A 68 6.55 -6.72 10.46
CA ASN A 68 6.74 -7.28 11.80
C ASN A 68 8.05 -8.04 11.91
N VAL A 69 8.44 -8.74 10.84
CA VAL A 69 9.70 -9.46 10.84
C VAL A 69 10.87 -8.48 10.91
N ALA A 70 10.82 -7.42 10.11
CA ALA A 70 11.85 -6.41 10.13
C ALA A 70 11.91 -5.70 11.48
N PHE A 71 10.74 -5.45 12.08
CA PHE A 71 10.71 -4.84 13.40
C PHE A 71 11.38 -5.72 14.44
N GLU A 72 11.09 -7.01 14.42
CA GLU A 72 11.71 -7.92 15.38
C GLU A 72 13.21 -8.03 15.15
N LEU A 73 13.65 -8.08 13.89
CA LEU A 73 15.07 -8.16 13.61
C LEU A 73 15.79 -6.89 14.03
N TRP A 74 15.13 -5.73 13.86
CA TRP A 74 15.73 -4.47 14.25
C TRP A 74 15.80 -4.34 15.76
N ALA A 75 14.80 -4.85 16.47
CA ALA A 75 14.83 -4.79 17.92
C ALA A 75 15.91 -5.69 18.50
N LYS A 76 16.26 -6.76 17.81
CA LYS A 76 17.25 -7.72 18.28
C LYS A 76 18.62 -7.51 17.65
N ARG A 77 18.86 -6.33 17.07
CA ARG A 77 20.14 -6.01 16.50
C ARG A 77 21.22 -5.93 17.58
N ASN A 78 22.46 -6.19 17.18
CA ASN A 78 23.58 -6.13 18.11
C ASN A 78 23.88 -4.67 18.42
N ILE A 79 23.84 -4.33 19.71
CA ILE A 79 24.11 -2.95 20.15
C ILE A 79 25.50 -2.82 20.77
N LYS A 80 26.34 -3.81 20.60
CA LYS A 80 27.74 -3.71 20.93
C LYS A 80 28.55 -3.32 19.70
N PRO A 81 29.79 -2.86 19.88
CA PRO A 81 30.64 -2.60 18.72
C PRO A 81 30.83 -3.86 17.89
N VAL A 82 30.53 -3.76 16.60
CA VAL A 82 30.63 -4.91 15.71
C VAL A 82 31.48 -4.49 14.51
N PRO A 83 32.07 -5.46 13.82
CA PRO A 83 32.79 -5.13 12.59
C PRO A 83 31.86 -4.45 11.59
N GLU A 84 32.41 -3.53 10.82
CA GLU A 84 31.61 -2.87 9.81
C GLU A 84 31.16 -3.89 8.77
N VAL A 85 30.02 -3.58 8.14
CA VAL A 85 29.39 -4.55 7.24
C VAL A 85 30.30 -4.88 6.07
N LYS A 86 31.07 -3.90 5.60
CA LYS A 86 31.98 -4.16 4.48
C LYS A 86 33.04 -5.19 4.85
N ILE A 87 33.55 -5.15 6.08
CA ILE A 87 34.54 -6.12 6.51
C ILE A 87 33.95 -7.52 6.51
N LEU A 88 32.74 -7.67 7.04
CA LEU A 88 32.09 -8.97 7.07
C LEU A 88 31.79 -9.47 5.66
N ASN A 89 31.38 -8.57 4.76
CA ASN A 89 31.15 -8.98 3.39
C ASN A 89 32.43 -9.45 2.72
N ASN A 90 33.53 -8.73 2.94
CA ASN A 90 34.80 -9.12 2.32
C ASN A 90 35.33 -10.43 2.87
N LEU A 91 34.94 -10.80 4.08
CA LEU A 91 35.32 -12.07 4.67
C LEU A 91 34.37 -13.19 4.28
N GLY A 92 33.38 -12.92 3.45
CA GLY A 92 32.47 -13.94 3.00
C GLY A 92 31.47 -14.39 4.04
N VAL A 93 31.19 -13.56 5.05
CA VAL A 93 30.22 -13.93 6.06
C VAL A 93 28.83 -14.01 5.44
N ASP A 94 28.14 -15.12 5.67
CA ASP A 94 26.80 -15.31 5.15
C ASP A 94 25.72 -15.11 6.20
N ILE A 95 26.05 -15.28 7.47
CA ILE A 95 25.05 -15.33 8.53
C ILE A 95 25.76 -15.16 9.87
N ALA A 96 25.06 -14.61 10.85
CA ALA A 96 25.62 -14.45 12.19
C ALA A 96 25.02 -15.48 13.13
N ALA A 97 25.81 -15.88 14.12
CA ALA A 97 25.36 -16.86 15.09
C ALA A 97 24.67 -16.12 16.24
N ASN A 98 23.36 -16.30 16.35
CA ASN A 98 22.57 -15.85 17.49
C ASN A 98 22.63 -14.35 17.69
N THR A 99 22.74 -13.59 16.61
CA THR A 99 22.63 -12.14 16.70
C THR A 99 22.26 -11.59 15.34
N VAL A 100 21.81 -10.34 15.33
CA VAL A 100 21.45 -9.63 14.12
C VAL A 100 22.45 -8.50 13.93
N ILE A 101 23.13 -8.50 12.79
CA ILE A 101 23.95 -7.38 12.39
C ILE A 101 23.06 -6.46 11.55
N TRP A 102 22.87 -5.23 12.03
CA TRP A 102 22.02 -4.28 11.34
C TRP A 102 22.89 -3.43 10.42
N ASP A 103 22.47 -3.33 9.16
CA ASP A 103 23.13 -2.47 8.18
C ASP A 103 22.44 -1.12 8.23
N TYR A 104 23.07 -0.14 8.89
CA TYR A 104 22.46 1.17 9.04
C TYR A 104 22.50 1.99 7.76
N LYS A 105 23.41 1.70 6.85
CA LYS A 105 23.39 2.36 5.55
C LYS A 105 22.22 1.90 4.72
N ARG A 106 21.92 0.60 4.74
CA ARG A 106 20.75 0.07 4.06
C ARG A 106 19.49 0.13 4.91
N ASP A 107 19.63 0.37 6.21
CA ASP A 107 18.50 0.36 7.15
C ASP A 107 17.78 -0.98 7.10
N ALA A 108 18.55 -2.05 7.16
CA ALA A 108 18.06 -3.40 6.94
C ALA A 108 19.02 -4.37 7.60
N PRO A 109 18.60 -5.61 7.85
CA PRO A 109 19.55 -6.61 8.35
C PRO A 109 20.68 -6.84 7.37
N ALA A 110 21.87 -7.06 7.90
CA ALA A 110 23.02 -7.30 7.03
C ALA A 110 22.91 -8.61 6.28
N HIS A 111 22.20 -9.58 6.83
CA HIS A 111 22.12 -10.91 6.25
C HIS A 111 20.68 -11.34 6.12
N ILE A 112 20.42 -12.20 5.12
CA ILE A 112 19.05 -12.60 4.80
C ILE A 112 18.48 -13.49 5.88
N SER A 113 19.23 -14.48 6.33
CA SER A 113 18.77 -15.45 7.31
C SER A 113 19.43 -15.20 8.65
N THR A 114 18.88 -15.83 9.67
CA THR A 114 19.40 -15.74 11.03
C THR A 114 19.55 -17.15 11.60
N ILE A 115 20.20 -17.22 12.75
CA ILE A 115 20.38 -18.47 13.49
C ILE A 115 19.90 -18.20 14.92
N GLY A 116 18.74 -18.72 15.26
CA GLY A 116 18.19 -18.51 16.59
C GLY A 116 17.80 -17.09 16.93
N VAL A 117 17.16 -16.39 16.00
CA VAL A 117 16.72 -15.02 16.25
C VAL A 117 15.22 -14.86 16.03
N CYS A 118 14.77 -15.11 14.80
CA CYS A 118 13.39 -14.91 14.40
C CYS A 118 12.87 -16.14 13.69
N SER A 119 11.67 -16.58 14.07
CA SER A 119 11.11 -17.79 13.46
C SER A 119 10.90 -17.64 11.96
N MET A 120 10.60 -16.42 11.50
CA MET A 120 10.36 -16.20 10.09
C MET A 120 11.64 -16.11 9.27
N THR A 121 12.80 -15.95 9.90
CA THR A 121 14.06 -15.85 9.18
C THR A 121 15.08 -16.90 9.59
N ASP A 122 14.87 -17.62 10.68
CA ASP A 122 15.82 -18.63 11.11
C ASP A 122 15.90 -19.77 10.10
N ILE A 123 17.12 -20.13 9.73
CA ILE A 123 17.37 -21.38 9.05
C ILE A 123 17.78 -22.48 10.04
N ALA A 124 18.17 -22.10 11.25
CA ALA A 124 18.55 -23.05 12.29
C ALA A 124 18.43 -22.34 13.63
N LYS A 125 18.42 -23.12 14.70
CA LYS A 125 18.38 -22.56 16.04
C LYS A 125 19.77 -22.45 16.67
N LYS A 126 20.72 -23.26 16.20
CA LYS A 126 22.11 -23.20 16.62
C LYS A 126 22.99 -23.33 15.40
N PRO A 127 24.19 -22.74 15.42
CA PRO A 127 25.08 -22.83 14.26
C PRO A 127 25.68 -24.22 14.07
N THR A 128 25.48 -25.14 15.01
CA THR A 128 26.01 -26.49 14.89
C THR A 128 25.18 -27.38 13.98
N GLU A 129 23.99 -26.94 13.58
CA GLU A 129 23.12 -27.77 12.76
C GLU A 129 23.70 -27.93 11.36
N THR A 130 23.23 -28.98 10.66
CA THR A 130 23.81 -29.36 9.38
C THR A 130 23.63 -28.27 8.33
N ILE A 131 22.52 -27.54 8.38
CA ILE A 131 22.25 -26.53 7.36
C ILE A 131 23.29 -25.42 7.41
N CYS A 132 23.85 -25.16 8.59
CA CYS A 132 24.81 -24.07 8.75
C CYS A 132 26.23 -24.44 8.34
N ALA A 133 26.51 -25.73 8.14
CA ALA A 133 27.89 -26.15 7.87
C ALA A 133 28.46 -25.53 6.59
N PRO A 134 27.78 -25.53 5.44
CA PRO A 134 28.37 -24.89 4.26
C PRO A 134 28.40 -23.38 4.33
N LEU A 135 27.66 -22.76 5.25
CA LEU A 135 27.62 -21.31 5.35
C LEU A 135 28.75 -20.79 6.23
N THR A 136 29.28 -19.63 5.87
CA THR A 136 30.28 -18.96 6.69
C THR A 136 29.55 -18.20 7.79
N VAL A 137 29.67 -18.68 9.02
CA VAL A 137 28.95 -18.13 10.16
C VAL A 137 29.85 -17.16 10.89
N PHE A 138 29.29 -16.03 11.31
CA PHE A 138 30.04 -15.05 12.09
C PHE A 138 29.90 -15.37 13.56
N PHE A 139 31.04 -15.49 14.25
CA PHE A 139 31.08 -15.79 15.67
C PHE A 139 31.73 -14.63 16.41
N ASP A 140 31.12 -14.26 17.53
CA ASP A 140 31.60 -13.18 18.38
C ASP A 140 32.23 -13.79 19.62
N GLY A 141 33.53 -13.54 19.82
CA GLY A 141 34.21 -14.08 20.97
C GLY A 141 33.85 -13.41 22.28
N ARG A 142 33.16 -12.28 22.23
CA ARG A 142 32.70 -11.62 23.44
C ARG A 142 31.45 -12.27 24.02
N VAL A 143 30.78 -13.13 23.27
CA VAL A 143 29.66 -13.91 23.78
C VAL A 143 30.20 -15.27 24.19
N ASP A 144 29.83 -15.71 25.39
CA ASP A 144 30.43 -16.91 25.95
C ASP A 144 30.04 -18.15 25.16
N GLY A 145 31.03 -18.99 24.86
CA GLY A 145 30.81 -20.25 24.19
C GLY A 145 30.98 -20.22 22.69
N GLN A 146 30.95 -19.03 22.08
CA GLN A 146 31.03 -18.95 20.63
C GLN A 146 32.41 -19.24 20.09
N VAL A 147 33.46 -19.13 20.90
CA VAL A 147 34.79 -19.52 20.46
C VAL A 147 34.83 -21.02 20.19
N ASP A 148 34.25 -21.82 21.08
CA ASP A 148 34.17 -23.26 20.86
C ASP A 148 33.30 -23.58 19.65
N LEU A 149 32.21 -22.83 19.46
CA LEU A 149 31.37 -23.03 18.28
C LEU A 149 32.17 -22.77 17.01
N PHE A 150 33.01 -21.74 17.01
CA PHE A 150 33.88 -21.50 15.87
C PHE A 150 34.88 -22.64 15.70
N ARG A 151 35.42 -23.15 16.81
CA ARG A 151 36.36 -24.26 16.72
C ARG A 151 35.71 -25.48 16.07
N ASN A 152 34.47 -25.77 16.43
CA ASN A 152 33.76 -26.90 15.84
C ASN A 152 33.12 -26.56 14.51
N ALA A 153 33.10 -25.28 14.12
CA ALA A 153 32.47 -24.85 12.89
C ALA A 153 33.30 -25.29 11.69
N ARG A 154 32.60 -25.63 10.60
CA ARG A 154 33.28 -25.98 9.36
C ARG A 154 33.73 -24.73 8.62
N ASN A 155 32.83 -23.77 8.44
CA ASN A 155 33.15 -22.47 7.86
C ASN A 155 32.72 -21.40 8.85
N GLY A 156 33.55 -20.39 9.01
CA GLY A 156 33.19 -19.32 9.92
C GLY A 156 34.26 -18.26 9.99
N VAL A 157 33.87 -17.13 10.56
CA VAL A 157 34.76 -16.02 10.89
C VAL A 157 34.52 -15.66 12.33
N LEU A 158 35.57 -15.70 13.14
CA LEU A 158 35.50 -15.38 14.55
C LEU A 158 36.18 -14.04 14.81
N ILE A 159 35.57 -13.22 15.67
CA ILE A 159 36.21 -12.01 16.15
C ILE A 159 36.37 -12.13 17.66
N THR A 160 37.52 -11.68 18.15
CA THR A 160 37.77 -11.65 19.59
C THR A 160 38.40 -10.33 19.96
N GLU A 161 38.28 -9.99 21.24
CA GLU A 161 38.99 -8.83 21.77
C GLU A 161 40.35 -9.19 22.35
N GLY A 162 40.65 -10.47 22.49
CA GLY A 162 41.93 -10.88 23.02
C GLY A 162 42.54 -12.03 22.24
N SER A 163 43.48 -12.74 22.85
CA SER A 163 44.15 -13.84 22.18
C SER A 163 43.37 -15.13 22.35
N VAL A 164 43.48 -16.00 21.34
CA VAL A 164 42.83 -17.30 21.34
C VAL A 164 43.90 -18.36 21.21
N LYS A 165 43.90 -19.32 22.13
CA LYS A 165 44.95 -20.33 22.18
C LYS A 165 44.87 -21.26 20.97
N GLY A 166 46.02 -21.49 20.35
CA GLY A 166 46.11 -22.37 19.20
C GLY A 166 45.79 -21.74 17.87
N LEU A 167 45.41 -20.46 17.85
CA LEU A 167 45.05 -19.78 16.61
C LEU A 167 45.86 -18.50 16.49
N GLN A 168 46.49 -18.31 15.34
CA GLN A 168 47.26 -17.09 15.10
C GLN A 168 46.32 -15.96 14.73
N PRO A 169 46.31 -14.86 15.48
CA PRO A 169 45.35 -13.79 15.22
C PRO A 169 45.71 -12.97 14.00
N SER A 170 44.70 -12.26 13.50
CA SER A 170 44.88 -11.24 12.46
C SER A 170 44.25 -9.96 12.99
N VAL A 171 45.06 -8.93 13.15
CA VAL A 171 44.57 -7.68 13.72
C VAL A 171 43.75 -6.94 12.68
N GLY A 172 42.52 -6.58 13.03
CA GLY A 172 41.62 -5.92 12.13
C GLY A 172 41.73 -4.41 12.19
N PRO A 173 40.75 -3.71 11.65
CA PRO A 173 40.78 -2.25 11.69
C PRO A 173 40.58 -1.72 13.10
N LYS A 174 41.06 -0.50 13.31
CA LYS A 174 40.92 0.13 14.61
C LYS A 174 39.48 0.50 14.92
N GLN A 175 38.70 0.84 13.90
CA GLN A 175 37.34 1.30 14.11
C GLN A 175 36.36 0.14 14.01
N ALA A 176 35.20 0.34 14.65
CA ALA A 176 34.09 -0.59 14.55
C ALA A 176 32.80 0.20 14.61
N SER A 177 31.70 -0.46 14.30
CA SER A 177 30.40 0.17 14.26
C SER A 177 29.67 -0.09 15.57
N LEU A 178 29.17 0.97 16.19
CA LEU A 178 28.38 0.90 17.42
C LEU A 178 27.09 1.65 17.18
N ASN A 179 25.98 0.93 17.10
CA ASN A 179 24.66 1.51 16.85
C ASN A 179 24.65 2.34 15.56
N GLY A 180 25.41 1.91 14.57
CA GLY A 180 25.49 2.63 13.32
C GLY A 180 26.53 3.71 13.28
N VAL A 181 27.23 3.96 14.37
CA VAL A 181 28.24 5.02 14.46
C VAL A 181 29.61 4.36 14.34
N THR A 182 30.36 4.72 13.32
CA THR A 182 31.72 4.20 13.19
C THR A 182 32.65 4.97 14.12
N LEU A 183 33.38 4.25 14.95
CA LEU A 183 34.24 4.92 15.91
C LEU A 183 35.41 4.02 16.29
N ILE A 184 36.50 4.67 16.69
CA ILE A 184 37.62 3.99 17.31
C ILE A 184 37.40 4.09 18.81
N GLY A 185 37.24 2.94 19.46
CA GLY A 185 36.77 2.94 20.83
C GLY A 185 37.82 3.41 21.82
N GLU A 186 37.37 4.17 22.81
CA GLU A 186 38.17 4.53 23.96
C GLU A 186 37.64 3.91 25.24
N ALA A 187 36.38 4.16 25.57
CA ALA A 187 35.75 3.49 26.70
C ALA A 187 35.39 2.05 26.37
N VAL A 188 35.31 1.71 25.09
CA VAL A 188 34.95 0.38 24.63
C VAL A 188 35.99 -0.05 23.61
N LYS A 189 36.17 -1.36 23.49
CA LYS A 189 37.20 -1.92 22.62
C LYS A 189 36.61 -2.18 21.24
N THR A 190 37.16 -1.54 20.21
CA THR A 190 36.72 -1.73 18.84
C THR A 190 37.75 -2.41 17.95
N GLN A 191 38.91 -2.77 18.49
CA GLN A 191 39.94 -3.45 17.74
C GLN A 191 39.80 -4.95 17.97
N PHE A 192 39.58 -5.71 16.91
CA PHE A 192 39.28 -7.13 17.00
C PHE A 192 40.37 -7.94 16.31
N ASN A 193 40.68 -9.10 16.90
CA ASN A 193 41.41 -10.13 16.20
C ASN A 193 40.44 -10.97 15.39
N TYR A 194 40.82 -11.27 14.15
CA TYR A 194 39.97 -11.99 13.22
C TYR A 194 40.58 -13.36 12.92
N TYR A 195 39.72 -14.37 12.89
CA TYR A 195 40.10 -15.73 12.53
C TYR A 195 39.11 -16.24 11.51
N LYS A 196 39.57 -17.08 10.59
CA LYS A 196 38.70 -17.61 9.55
C LYS A 196 38.96 -19.10 9.38
N LYS A 197 37.88 -19.87 9.22
CA LYS A 197 37.96 -21.28 8.92
C LYS A 197 37.15 -21.58 7.67
N VAL A 198 37.78 -22.24 6.71
CA VAL A 198 37.13 -22.68 5.48
C VAL A 198 37.26 -24.19 5.39
N ASP A 199 36.15 -24.87 5.16
CA ASP A 199 36.13 -26.33 5.02
C ASP A 199 36.77 -27.02 6.22
N GLY A 200 36.64 -26.42 7.40
CA GLY A 200 37.16 -27.00 8.61
C GLY A 200 38.61 -26.70 8.90
N VAL A 201 39.31 -25.98 8.04
CA VAL A 201 40.73 -25.68 8.25
C VAL A 201 40.90 -24.17 8.37
N VAL A 202 41.74 -23.76 9.31
CA VAL A 202 41.98 -22.35 9.58
C VAL A 202 42.77 -21.74 8.43
N GLN A 203 42.32 -20.59 7.94
CA GLN A 203 43.01 -19.85 6.90
C GLN A 203 43.84 -18.74 7.51
N GLN A 204 44.94 -18.42 6.86
CA GLN A 204 45.79 -17.30 7.26
C GLN A 204 45.30 -16.06 6.51
N LEU A 205 44.67 -15.15 7.24
CA LEU A 205 44.18 -13.94 6.60
C LEU A 205 45.36 -13.11 6.10
N PRO A 206 45.31 -12.60 4.88
CA PRO A 206 46.47 -11.88 4.34
C PRO A 206 46.67 -10.55 5.04
N GLU A 207 47.92 -10.08 4.98
CA GLU A 207 48.20 -8.72 5.43
C GLU A 207 47.41 -7.74 4.57
N THR A 208 46.80 -6.76 5.21
CA THR A 208 45.83 -5.93 4.52
C THR A 208 45.90 -4.50 5.02
N TYR A 209 45.50 -3.58 4.15
CA TYR A 209 45.17 -2.22 4.55
C TYR A 209 43.69 -2.14 4.91
N PHE A 210 43.33 -1.11 5.64
CA PHE A 210 41.95 -0.91 6.04
C PHE A 210 41.51 0.51 5.71
N THR A 211 40.29 0.63 5.20
CA THR A 211 39.74 1.95 4.96
C THR A 211 39.37 2.60 6.30
N GLN A 212 39.26 3.92 6.28
CA GLN A 212 39.08 4.69 7.50
C GLN A 212 37.62 4.93 7.85
N SER A 213 36.70 4.68 6.93
CA SER A 213 35.26 4.80 7.19
C SER A 213 34.88 6.20 7.64
N ARG A 214 35.52 7.21 7.06
CA ARG A 214 35.25 8.59 7.45
C ARG A 214 34.11 9.15 6.60
N ASN A 215 33.67 10.35 6.97
CA ASN A 215 32.54 10.99 6.32
C ASN A 215 33.01 12.28 5.68
N LEU A 216 32.36 12.65 4.58
CA LEU A 216 32.74 13.86 3.86
C LEU A 216 32.53 15.11 4.70
N GLN A 217 31.34 15.23 5.32
CA GLN A 217 31.04 16.48 6.02
C GLN A 217 31.91 16.67 7.25
N GLU A 218 32.03 15.62 8.07
CA GLU A 218 32.80 15.69 9.32
C GLU A 218 34.18 15.04 9.15
N PHE A 219 34.83 15.28 8.02
CA PHE A 219 36.15 14.69 7.80
C PHE A 219 37.17 15.28 8.75
N LYS A 220 37.96 14.41 9.38
CA LYS A 220 39.00 14.83 10.31
C LYS A 220 40.28 14.08 9.97
N PRO A 221 41.39 14.78 9.76
CA PRO A 221 42.65 14.09 9.43
C PRO A 221 43.13 13.20 10.57
N ARG A 222 43.80 12.10 10.19
CA ARG A 222 44.31 11.12 11.14
C ARG A 222 45.81 10.93 11.01
N SER A 223 46.52 11.85 10.37
CA SER A 223 47.96 11.78 10.27
C SER A 223 48.49 13.17 9.98
N GLN A 224 49.80 13.33 10.18
CA GLN A 224 50.43 14.60 9.84
C GLN A 224 50.37 14.84 8.34
N MET A 225 50.52 13.79 7.53
CA MET A 225 50.41 13.95 6.09
C MET A 225 49.02 14.41 5.69
N GLU A 226 47.98 13.88 6.34
CA GLU A 226 46.61 14.31 6.04
C GLU A 226 46.39 15.76 6.48
N ILE A 227 46.96 16.15 7.62
CA ILE A 227 46.85 17.53 8.05
C ILE A 227 47.52 18.46 7.03
N ASP A 228 48.70 18.07 6.56
CA ASP A 228 49.38 18.88 5.55
C ASP A 228 48.56 18.94 4.26
N PHE A 229 47.97 17.82 3.86
CA PHE A 229 47.14 17.82 2.65
C PHE A 229 45.96 18.77 2.79
N LEU A 230 45.29 18.75 3.94
CA LEU A 230 44.14 19.61 4.12
C LEU A 230 44.54 21.08 4.27
N GLU A 231 45.73 21.35 4.79
CA GLU A 231 46.17 22.72 5.04
C GLU A 231 47.04 23.29 3.93
N LEU A 232 48.05 22.54 3.49
CA LEU A 232 48.94 23.04 2.46
C LEU A 232 48.23 23.10 1.13
N ALA A 233 48.71 23.98 0.27
CA ALA A 233 48.23 24.03 -1.11
C ALA A 233 48.69 22.78 -1.86
N MET A 234 48.15 22.60 -3.06
CA MET A 234 48.45 21.41 -3.85
C MET A 234 49.93 21.29 -4.14
N ASP A 235 50.52 22.34 -4.72
CA ASP A 235 51.94 22.30 -5.04
C ASP A 235 52.79 22.23 -3.78
N GLU A 236 52.43 22.99 -2.75
CA GLU A 236 53.19 22.97 -1.50
C GLU A 236 53.22 21.58 -0.89
N PHE A 237 52.04 20.93 -0.80
CA PHE A 237 51.99 19.59 -0.21
C PHE A 237 52.72 18.58 -1.08
N ILE A 238 52.55 18.66 -2.40
CA ILE A 238 53.22 17.71 -3.28
C ILE A 238 54.73 17.84 -3.15
N GLU A 239 55.23 19.08 -3.07
CA GLU A 239 56.65 19.30 -2.91
C GLU A 239 57.15 18.80 -1.56
N ARG A 240 56.38 19.04 -0.49
CA ARG A 240 56.85 18.70 0.84
C ARG A 240 57.08 17.20 1.00
N TYR A 241 56.18 16.40 0.45
CA TYR A 241 56.28 14.94 0.54
C TYR A 241 56.85 14.32 -0.73
N LYS A 242 57.54 15.12 -1.55
CA LYS A 242 58.16 14.69 -2.81
C LYS A 242 57.29 13.70 -3.56
N LEU A 243 56.08 14.15 -3.87
CA LEU A 243 55.08 13.36 -4.58
C LEU A 243 55.03 13.71 -6.07
N GLU A 244 56.06 14.38 -6.58
CA GLU A 244 56.08 14.71 -8.01
C GLU A 244 56.16 13.44 -8.85
N GLY A 245 55.46 13.45 -9.98
CA GLY A 245 55.45 12.31 -10.87
C GLY A 245 54.42 11.25 -10.58
N TYR A 246 53.60 11.41 -9.53
CA TYR A 246 52.55 10.46 -9.22
C TYR A 246 51.14 11.02 -9.45
N ALA A 247 51.02 12.12 -10.19
CA ALA A 247 49.72 12.65 -10.63
C ALA A 247 48.80 12.94 -9.45
N PHE A 248 49.37 13.38 -8.32
CA PHE A 248 48.55 13.71 -7.17
C PHE A 248 47.60 14.87 -7.46
N GLU A 249 47.98 15.77 -8.38
CA GLU A 249 47.10 16.87 -8.73
C GLU A 249 45.81 16.40 -9.38
N HIS A 250 45.78 15.17 -9.88
CA HIS A 250 44.60 14.62 -10.53
C HIS A 250 43.99 13.47 -9.75
N ILE A 251 44.81 12.53 -9.27
CA ILE A 251 44.28 11.35 -8.59
C ILE A 251 43.55 11.74 -7.31
N VAL A 252 44.14 12.63 -6.53
CA VAL A 252 43.67 12.94 -5.19
C VAL A 252 42.97 14.29 -5.12
N TYR A 253 43.60 15.34 -5.67
CA TYR A 253 43.04 16.68 -5.54
C TYR A 253 41.79 16.86 -6.38
N GLY A 254 41.78 16.31 -7.59
CA GLY A 254 40.61 16.45 -8.44
C GLY A 254 40.71 17.62 -9.39
N ASP A 255 40.27 17.41 -10.62
CA ASP A 255 40.29 18.41 -11.67
C ASP A 255 38.87 18.84 -12.00
N PHE A 256 38.65 20.15 -12.02
CA PHE A 256 37.33 20.72 -12.28
C PHE A 256 37.30 21.65 -13.48
N SER A 257 38.34 21.62 -14.32
CA SER A 257 38.41 22.55 -15.43
C SER A 257 37.53 22.14 -16.61
N HIS A 258 37.20 20.87 -16.73
CA HIS A 258 36.41 20.37 -17.85
C HIS A 258 35.00 20.01 -17.37
N SER A 259 34.11 19.81 -18.34
CA SER A 259 32.75 19.41 -18.01
C SER A 259 32.70 18.03 -17.36
N GLN A 260 33.72 17.22 -17.57
CA GLN A 260 33.85 15.92 -16.92
C GLN A 260 34.86 16.01 -15.79
N LEU A 261 34.43 15.64 -14.59
CA LEU A 261 35.29 15.71 -13.42
C LEU A 261 36.43 14.71 -13.53
N GLY A 262 37.60 15.13 -13.06
CA GLY A 262 38.81 14.33 -13.13
C GLY A 262 39.30 13.90 -11.76
N GLY A 263 39.67 12.63 -11.64
CA GLY A 263 40.25 12.13 -10.41
C GLY A 263 39.32 12.21 -9.21
N LEU A 264 39.86 12.66 -8.08
CA LEU A 264 39.11 12.77 -6.83
C LEU A 264 38.64 11.39 -6.38
N HIS A 265 39.59 10.45 -6.32
CA HIS A 265 39.34 9.04 -6.00
C HIS A 265 39.66 8.67 -4.56
N LEU A 266 40.05 9.63 -3.74
CA LEU A 266 40.22 9.41 -2.30
C LEU A 266 39.35 10.38 -1.55
N LEU A 267 38.76 9.90 -0.44
CA LEU A 267 37.81 10.71 0.30
C LEU A 267 38.44 11.98 0.87
N ILE A 268 39.76 11.97 1.11
CA ILE A 268 40.40 13.15 1.67
C ILE A 268 40.38 14.29 0.65
N GLY A 269 40.55 13.98 -0.64
CA GLY A 269 40.45 15.00 -1.66
C GLY A 269 39.05 15.58 -1.75
N LEU A 270 38.03 14.71 -1.66
CA LEU A 270 36.66 15.20 -1.63
C LEU A 270 36.44 16.10 -0.42
N ALA A 271 37.00 15.74 0.73
CA ALA A 271 36.84 16.57 1.91
C ALA A 271 37.48 17.93 1.73
N LYS A 272 38.69 17.97 1.15
CA LYS A 272 39.34 19.25 0.92
C LYS A 272 38.53 20.12 -0.02
N ARG A 273 38.03 19.52 -1.12
CA ARG A 273 37.19 20.29 -2.04
C ARG A 273 35.91 20.76 -1.37
N PHE A 274 35.29 19.89 -0.57
CA PHE A 274 34.03 20.23 0.08
C PHE A 274 34.20 21.40 1.05
N LYS A 275 35.30 21.41 1.81
CA LYS A 275 35.59 22.58 2.61
C LYS A 275 35.89 23.79 1.74
N GLU A 276 36.47 23.57 0.56
CA GLU A 276 36.67 24.67 -0.38
C GLU A 276 35.36 25.13 -0.99
N SER A 277 34.51 24.19 -1.43
CA SER A 277 33.24 24.53 -2.07
C SER A 277 32.33 23.32 -2.07
N PRO A 278 31.03 23.48 -1.81
CA PRO A 278 30.14 22.32 -1.76
C PRO A 278 29.92 21.71 -3.13
N PHE A 279 29.59 20.42 -3.12
CA PHE A 279 29.21 19.70 -4.32
C PHE A 279 28.19 18.63 -3.95
N GLU A 280 27.58 18.04 -4.96
CA GLU A 280 26.56 17.03 -4.78
C GLU A 280 27.15 15.65 -5.01
N LEU A 281 26.95 14.74 -4.06
CA LEU A 281 27.28 13.34 -4.19
C LEU A 281 25.99 12.54 -4.23
N GLU A 282 25.82 11.73 -5.27
CA GLU A 282 24.67 10.85 -5.39
C GLU A 282 25.17 9.42 -5.23
N ASP A 283 24.78 8.79 -4.12
CA ASP A 283 25.15 7.40 -3.83
C ASP A 283 24.06 6.52 -4.43
N PHE A 284 24.23 6.15 -5.70
CA PHE A 284 23.17 5.42 -6.39
C PHE A 284 23.12 3.95 -6.02
N ILE A 285 24.09 3.45 -5.26
CA ILE A 285 24.02 2.11 -4.69
C ILE A 285 24.28 2.25 -3.19
N PRO A 286 23.29 2.69 -2.43
CA PRO A 286 23.54 3.05 -1.03
C PRO A 286 23.75 1.85 -0.11
N MET A 287 24.95 1.28 -0.15
CA MET A 287 25.33 0.22 0.75
C MET A 287 26.77 0.48 1.21
N ASP A 288 27.33 -0.46 1.96
CA ASP A 288 28.67 -0.30 2.49
C ASP A 288 29.64 -1.15 1.68
N SER A 289 30.70 -0.51 1.17
CA SER A 289 31.70 -1.19 0.38
C SER A 289 33.05 -0.55 0.63
N THR A 290 34.10 -1.32 0.33
CA THR A 290 35.44 -0.77 0.38
C THR A 290 35.60 0.36 -0.63
N VAL A 291 35.06 0.18 -1.82
CA VAL A 291 35.07 1.20 -2.87
C VAL A 291 33.64 1.64 -3.13
N LYS A 292 33.41 2.94 -3.13
CA LYS A 292 32.09 3.51 -3.35
C LYS A 292 32.06 4.23 -4.69
N ASN A 293 30.95 4.11 -5.41
CA ASN A 293 30.76 4.83 -6.66
C ASN A 293 29.75 5.95 -6.45
N TYR A 294 30.08 7.14 -6.93
CA TYR A 294 29.24 8.30 -6.72
C TYR A 294 28.98 9.01 -8.05
N PHE A 295 27.83 9.66 -8.11
CA PHE A 295 27.50 10.60 -9.18
C PHE A 295 27.78 11.97 -8.59
N ILE A 296 28.88 12.58 -8.99
CA ILE A 296 29.35 13.80 -8.37
C ILE A 296 29.10 14.96 -9.32
N THR A 297 28.52 16.03 -8.77
CA THR A 297 28.29 17.28 -9.50
C THR A 297 28.94 18.40 -8.72
N ASP A 298 29.97 19.01 -9.32
CA ASP A 298 30.64 20.13 -8.66
C ASP A 298 29.79 21.39 -8.82
N ALA A 299 29.27 21.89 -7.71
CA ALA A 299 28.35 23.03 -7.76
C ALA A 299 29.04 24.31 -8.19
N GLN A 300 30.35 24.42 -7.99
CA GLN A 300 31.05 25.65 -8.33
C GLN A 300 31.28 25.76 -9.84
N THR A 301 31.88 24.74 -10.44
CA THR A 301 32.24 24.79 -11.84
C THR A 301 31.28 24.05 -12.76
N GLY A 302 30.39 23.23 -12.21
CA GLY A 302 29.55 22.40 -13.04
C GLY A 302 30.20 21.15 -13.55
N SER A 303 31.42 20.85 -13.11
CA SER A 303 32.11 19.64 -13.51
C SER A 303 31.45 18.43 -12.86
N SER A 304 31.20 17.39 -13.64
CA SER A 304 30.45 16.24 -13.16
C SER A 304 31.09 14.95 -13.66
N LYS A 305 30.79 13.86 -12.96
CA LYS A 305 31.17 12.53 -13.41
C LYS A 305 30.10 11.56 -12.94
N CYS A 306 29.57 10.79 -13.89
CA CYS A 306 28.48 9.87 -13.56
C CYS A 306 28.93 8.79 -12.59
N VAL A 307 30.13 8.25 -12.78
CA VAL A 307 30.67 7.21 -11.93
C VAL A 307 32.06 7.64 -11.50
N CYS A 308 32.21 7.97 -10.22
CA CYS A 308 33.50 8.27 -9.62
C CYS A 308 33.74 7.25 -8.51
N SER A 309 34.89 6.59 -8.55
CA SER A 309 35.25 5.59 -7.56
C SER A 309 36.06 6.24 -6.45
N VAL A 310 35.62 6.06 -5.22
CA VAL A 310 36.22 6.68 -4.05
C VAL A 310 36.56 5.58 -3.05
N ILE A 311 37.77 5.63 -2.49
CA ILE A 311 38.19 4.74 -1.43
C ILE A 311 38.80 5.58 -0.32
N ASP A 312 38.43 5.28 0.93
CA ASP A 312 38.88 6.07 2.06
C ASP A 312 40.06 5.41 2.76
N LEU A 313 41.18 5.35 2.04
CA LEU A 313 42.42 4.91 2.64
C LEU A 313 43.08 6.07 3.36
N LEU A 314 43.91 5.73 4.36
CA LEU A 314 44.78 6.73 4.96
C LEU A 314 45.77 7.22 3.91
N LEU A 315 46.00 8.53 3.89
CA LEU A 315 46.85 9.11 2.86
C LEU A 315 48.25 8.51 2.89
N ASP A 316 48.76 8.22 4.09
CA ASP A 316 50.06 7.54 4.19
C ASP A 316 50.03 6.18 3.52
N ASP A 317 48.96 5.42 3.77
CA ASP A 317 48.83 4.11 3.13
C ASP A 317 48.72 4.25 1.62
N PHE A 318 47.97 5.24 1.14
CA PHE A 318 47.82 5.41 -0.30
C PHE A 318 49.13 5.78 -0.96
N VAL A 319 49.90 6.71 -0.36
CA VAL A 319 51.17 7.07 -0.96
C VAL A 319 52.15 5.91 -0.88
N GLU A 320 52.10 5.13 0.19
CA GLU A 320 52.95 3.94 0.28
C GLU A 320 52.60 2.93 -0.82
N ILE A 321 51.31 2.77 -1.09
CA ILE A 321 50.88 1.85 -2.16
C ILE A 321 51.33 2.37 -3.51
N ILE A 322 51.13 3.67 -3.77
CA ILE A 322 51.42 4.19 -5.10
C ILE A 322 52.92 4.29 -5.35
N LYS A 323 53.72 4.41 -4.30
CA LYS A 323 55.17 4.42 -4.48
C LYS A 323 55.76 3.03 -4.58
N SER A 324 54.98 1.98 -4.34
CA SER A 324 55.47 0.62 -4.43
C SER A 324 55.25 0.00 -5.81
N GLN A 325 54.69 0.75 -6.75
CA GLN A 325 54.39 0.25 -8.08
C GLN A 325 55.34 0.88 -9.09
N ASP A 326 56.05 0.05 -9.84
CA ASP A 326 56.89 0.57 -10.91
C ASP A 326 56.03 1.16 -12.02
N LEU A 327 56.50 2.27 -12.58
CA LEU A 327 55.73 3.04 -13.56
C LEU A 327 56.22 2.81 -14.98
N SER A 328 56.72 1.60 -15.25
CA SER A 328 57.22 1.25 -16.57
C SER A 328 56.17 0.60 -17.46
N VAL A 329 54.95 0.42 -16.94
CA VAL A 329 53.86 -0.20 -17.69
C VAL A 329 52.89 0.90 -18.08
N VAL A 330 52.51 0.94 -19.36
CA VAL A 330 51.60 1.98 -19.84
C VAL A 330 50.22 1.81 -19.21
N SER A 331 49.73 0.58 -19.10
CA SER A 331 48.41 0.34 -18.55
C SER A 331 48.38 -1.04 -17.91
N LYS A 332 47.86 -1.11 -16.68
CA LYS A 332 47.77 -2.39 -15.98
C LYS A 332 46.72 -2.31 -14.88
N VAL A 333 46.48 -3.46 -14.27
CA VAL A 333 45.58 -3.59 -13.13
C VAL A 333 46.40 -4.09 -11.96
N VAL A 334 46.33 -3.38 -10.83
CA VAL A 334 47.10 -3.71 -9.64
C VAL A 334 46.14 -4.20 -8.57
N LYS A 335 46.50 -5.31 -7.93
CA LYS A 335 45.70 -5.88 -6.85
C LYS A 335 46.29 -5.46 -5.51
N VAL A 336 45.49 -4.78 -4.71
CA VAL A 336 45.89 -4.35 -3.38
C VAL A 336 44.93 -4.96 -2.37
N THR A 337 45.46 -5.63 -1.35
CA THR A 337 44.61 -6.27 -0.35
C THR A 337 44.20 -5.22 0.67
N ILE A 338 42.96 -4.76 0.56
CA ILE A 338 42.37 -3.75 1.45
C ILE A 338 41.10 -4.35 2.05
N ASP A 339 40.94 -4.18 3.36
CA ASP A 339 39.75 -4.66 4.07
C ASP A 339 39.53 -6.15 3.85
N TYR A 340 40.63 -6.91 3.82
CA TYR A 340 40.63 -8.36 3.61
C TYR A 340 40.12 -8.77 2.24
N THR A 341 40.14 -7.88 1.25
CA THR A 341 39.72 -8.24 -0.09
C THR A 341 40.64 -7.57 -1.10
N GLU A 342 40.74 -8.17 -2.29
CA GLU A 342 41.64 -7.65 -3.31
C GLU A 342 40.91 -6.60 -4.14
N ILE A 343 41.35 -5.36 -4.01
CA ILE A 343 40.81 -4.23 -4.77
C ILE A 343 41.68 -4.04 -6.01
N SER A 344 41.04 -3.86 -7.16
CA SER A 344 41.72 -3.70 -8.42
C SER A 344 41.80 -2.22 -8.77
N PHE A 345 43.02 -1.70 -8.88
CA PHE A 345 43.27 -0.33 -9.28
C PHE A 345 43.71 -0.33 -10.74
N MET A 346 43.04 0.47 -11.55
CA MET A 346 43.48 0.69 -12.92
C MET A 346 44.58 1.74 -12.90
N LEU A 347 45.75 1.41 -13.45
CA LEU A 347 46.90 2.29 -13.48
C LEU A 347 47.33 2.55 -14.91
N TRP A 348 47.43 3.82 -15.27
CA TRP A 348 47.99 4.27 -16.53
C TRP A 348 49.19 5.15 -16.24
N CYS A 349 50.32 4.84 -16.87
CA CYS A 349 51.55 5.60 -16.69
C CYS A 349 52.08 6.03 -18.05
N LYS A 350 52.85 7.12 -18.05
CA LYS A 350 53.52 7.61 -19.24
C LYS A 350 54.96 7.95 -18.88
N ASP A 351 55.90 7.21 -19.44
CA ASP A 351 57.33 7.52 -19.33
C ASP A 351 57.76 7.61 -17.87
N GLY A 352 57.37 6.60 -17.10
CA GLY A 352 57.82 6.51 -15.73
C GLY A 352 57.11 7.40 -14.73
N HIS A 353 56.00 8.02 -15.13
CA HIS A 353 55.23 8.85 -14.20
C HIS A 353 53.75 8.51 -14.35
N VAL A 354 53.02 8.58 -13.24
CA VAL A 354 51.64 8.15 -13.22
C VAL A 354 50.78 9.15 -13.99
N GLU A 355 49.89 8.62 -14.83
CA GLU A 355 48.87 9.41 -15.52
C GLU A 355 47.51 9.27 -14.86
N THR A 356 47.12 8.06 -14.48
CA THR A 356 45.86 7.82 -13.80
C THR A 356 46.01 6.61 -12.89
N PHE A 357 45.34 6.65 -11.74
CA PHE A 357 45.37 5.52 -10.81
C PHE A 357 44.07 5.55 -10.02
N TYR A 358 43.12 4.72 -10.42
CA TYR A 358 41.82 4.79 -9.76
C TYR A 358 41.28 3.41 -9.42
N PRO A 359 40.58 3.28 -8.30
CA PRO A 359 40.02 1.98 -7.93
C PRO A 359 38.80 1.64 -8.76
N LYS A 360 38.38 0.39 -8.66
CA LYS A 360 37.17 -0.08 -9.33
C LYS A 360 36.22 -0.74 -8.34
N GLU B 15 -19.68 24.40 3.34
CA GLU B 15 -19.28 23.22 2.59
C GLU B 15 -18.02 22.58 3.15
N MET B 16 -18.13 21.33 3.57
CA MET B 16 -17.00 20.57 4.10
C MET B 16 -16.62 19.52 3.07
N SER B 17 -15.50 19.76 2.38
CA SER B 17 -15.11 18.95 1.25
C SER B 17 -13.59 18.86 1.18
N LEU B 18 -13.10 17.73 0.67
CA LEU B 18 -11.67 17.55 0.46
C LEU B 18 -11.14 18.56 -0.54
N GLU B 19 -11.89 18.80 -1.61
CA GLU B 19 -11.47 19.77 -2.62
C GLU B 19 -11.46 21.18 -2.06
N ASN B 20 -12.43 21.54 -1.22
CA ASN B 20 -12.44 22.85 -0.60
C ASN B 20 -11.30 23.00 0.41
N VAL B 21 -11.02 21.94 1.17
CA VAL B 21 -9.90 21.98 2.10
C VAL B 21 -8.60 22.16 1.34
N ALA B 22 -8.43 21.46 0.22
CA ALA B 22 -7.23 21.61 -0.59
C ALA B 22 -7.15 23.00 -1.20
N PHE B 23 -8.29 23.57 -1.59
CA PHE B 23 -8.31 24.94 -2.09
C PHE B 23 -7.80 25.90 -1.03
N ASN B 24 -8.28 25.75 0.21
CA ASN B 24 -7.83 26.61 1.29
C ASN B 24 -6.34 26.43 1.58
N VAL B 25 -5.87 25.18 1.54
CA VAL B 25 -4.45 24.95 1.77
C VAL B 25 -3.61 25.59 0.67
N VAL B 26 -4.06 25.50 -0.57
CA VAL B 26 -3.29 26.03 -1.69
C VAL B 26 -3.27 27.55 -1.67
N ASN B 27 -4.39 28.18 -1.34
CA ASN B 27 -4.48 29.63 -1.42
C ASN B 27 -4.22 30.35 -0.11
N LYS B 28 -4.13 29.63 1.00
CA LYS B 28 -3.98 30.25 2.32
C LYS B 28 -2.96 29.56 3.20
N GLY B 29 -2.41 28.42 2.80
CA GLY B 29 -1.51 27.67 3.63
C GLY B 29 -2.19 26.81 4.68
N HIS B 30 -3.44 27.09 5.01
CA HIS B 30 -4.21 26.34 5.98
C HIS B 30 -5.68 26.52 5.64
N PHE B 31 -6.55 25.89 6.42
CA PHE B 31 -7.99 26.04 6.19
C PHE B 31 -8.47 27.35 6.78
N ASP B 32 -8.83 28.29 5.91
CA ASP B 32 -9.31 29.59 6.32
C ASP B 32 -10.81 29.75 6.16
N GLY B 33 -11.51 28.74 5.65
CA GLY B 33 -12.94 28.84 5.44
C GLY B 33 -13.35 29.50 4.14
N GLN B 34 -12.46 29.55 3.15
CA GLN B 34 -12.78 30.15 1.88
C GLN B 34 -13.57 29.19 1.00
N GLN B 35 -14.23 29.75 0.00
CA GLN B 35 -15.02 28.98 -0.96
C GLN B 35 -14.23 28.76 -2.23
N GLY B 36 -14.33 27.57 -2.79
CA GLY B 36 -13.59 27.20 -3.98
C GLY B 36 -13.11 25.77 -3.88
N GLU B 37 -12.66 25.23 -4.99
CA GLU B 37 -12.19 23.85 -5.03
C GLU B 37 -11.05 23.74 -6.02
N VAL B 38 -10.15 22.78 -5.78
CA VAL B 38 -9.07 22.49 -6.69
C VAL B 38 -9.06 20.98 -6.97
N PRO B 39 -8.53 20.55 -8.10
CA PRO B 39 -8.38 19.12 -8.34
C PRO B 39 -7.51 18.47 -7.28
N VAL B 40 -7.94 17.32 -6.81
CA VAL B 40 -7.21 16.56 -5.80
C VAL B 40 -7.06 15.13 -6.29
N SER B 41 -5.86 14.59 -6.15
CA SER B 41 -5.60 13.18 -6.37
C SER B 41 -5.05 12.58 -5.10
N ILE B 42 -5.57 11.43 -4.71
CA ILE B 42 -5.11 10.74 -3.51
C ILE B 42 -4.41 9.47 -3.96
N ILE B 43 -3.12 9.37 -3.65
CA ILE B 43 -2.36 8.17 -3.94
C ILE B 43 -1.90 7.66 -2.60
N ASN B 44 -1.03 6.65 -2.60
CA ASN B 44 -0.93 5.66 -1.54
C ASN B 44 -1.27 6.20 -0.14
N ASN B 45 -0.57 7.23 0.31
CA ASN B 45 -0.95 7.91 1.55
C ASN B 45 -0.73 9.40 1.43
N THR B 46 -0.86 9.95 0.23
CA THR B 46 -0.46 11.31 -0.08
C THR B 46 -1.59 12.01 -0.83
N VAL B 47 -1.76 13.29 -0.53
CA VAL B 47 -2.69 14.18 -1.20
C VAL B 47 -1.88 15.07 -2.14
N TYR B 48 -2.20 14.99 -3.42
CA TYR B 48 -1.62 15.81 -4.48
C TYR B 48 -2.69 16.72 -5.05
N THR B 49 -2.25 17.85 -5.59
CA THR B 49 -3.13 18.70 -6.37
C THR B 49 -2.43 19.04 -7.69
N LYS B 50 -3.22 19.37 -8.68
CA LYS B 50 -2.70 19.67 -10.01
C LYS B 50 -2.48 21.17 -10.13
N VAL B 51 -1.23 21.57 -10.32
CA VAL B 51 -0.85 22.96 -10.55
C VAL B 51 -0.14 23.04 -11.88
N ASP B 52 -0.70 23.79 -12.82
CA ASP B 52 -0.16 23.93 -14.16
C ASP B 52 0.03 22.57 -14.83
N GLY B 53 -0.92 21.67 -14.62
CA GLY B 53 -0.93 20.41 -15.32
C GLY B 53 -0.12 19.30 -14.71
N VAL B 54 0.61 19.56 -13.62
CA VAL B 54 1.39 18.52 -12.97
C VAL B 54 0.92 18.39 -11.54
N ASP B 55 1.04 17.17 -11.00
CA ASP B 55 0.62 16.90 -9.64
C ASP B 55 1.69 17.34 -8.65
N VAL B 56 1.28 18.12 -7.67
CA VAL B 56 2.15 18.64 -6.63
C VAL B 56 1.67 18.09 -5.30
N GLU B 57 2.58 17.48 -4.56
CA GLU B 57 2.22 16.91 -3.27
C GLU B 57 1.82 18.01 -2.29
N LEU B 58 0.62 17.90 -1.74
CA LEU B 58 0.15 18.81 -0.70
C LEU B 58 0.35 18.26 0.69
N PHE B 59 0.15 16.96 0.89
CA PHE B 59 0.16 16.43 2.24
C PHE B 59 0.59 14.98 2.19
N GLU B 60 1.37 14.57 3.17
CA GLU B 60 1.76 13.17 3.33
C GLU B 60 1.30 12.70 4.69
N ASN B 61 0.49 11.65 4.70
CA ASN B 61 -0.13 11.18 5.94
C ASN B 61 0.89 10.36 6.72
N LYS B 62 1.28 10.87 7.89
CA LYS B 62 2.12 10.13 8.82
C LYS B 62 1.33 9.63 10.02
N THR B 63 0.01 9.76 9.98
CA THR B 63 -0.85 9.37 11.09
C THR B 63 -1.43 7.97 10.84
N THR B 64 -2.17 7.49 11.82
CA THR B 64 -2.92 6.25 11.69
C THR B 64 -4.35 6.49 11.22
N LEU B 65 -4.71 7.72 10.91
CA LEU B 65 -6.00 8.08 10.37
C LEU B 65 -6.01 7.90 8.85
N PRO B 66 -7.19 7.82 8.25
CA PRO B 66 -7.28 7.85 6.80
C PRO B 66 -6.69 9.14 6.24
N VAL B 67 -6.14 9.04 5.03
CA VAL B 67 -5.34 10.13 4.47
C VAL B 67 -6.15 11.40 4.34
N ASN B 68 -7.40 11.30 3.88
CA ASN B 68 -8.23 12.49 3.72
C ASN B 68 -8.62 13.07 5.06
N VAL B 69 -8.90 12.22 6.04
CA VAL B 69 -9.24 12.69 7.38
C VAL B 69 -8.06 13.41 8.01
N ALA B 70 -6.87 12.82 7.90
CA ALA B 70 -5.67 13.44 8.43
C ALA B 70 -5.36 14.75 7.72
N PHE B 71 -5.59 14.79 6.41
CA PHE B 71 -5.39 16.02 5.65
C PHE B 71 -6.31 17.12 6.12
N GLU B 72 -7.59 16.81 6.33
CA GLU B 72 -8.53 17.81 6.81
C GLU B 72 -8.19 18.27 8.22
N LEU B 73 -7.79 17.35 9.09
CA LEU B 73 -7.42 17.74 10.44
C LEU B 73 -6.17 18.59 10.46
N TRP B 74 -5.22 18.31 9.56
CA TRP B 74 -4.00 19.09 9.48
C TRP B 74 -4.27 20.47 8.91
N ALA B 75 -5.20 20.58 7.96
CA ALA B 75 -5.52 21.88 7.41
C ALA B 75 -6.23 22.76 8.41
N LYS B 76 -6.95 22.17 9.35
CA LYS B 76 -7.72 22.90 10.35
C LYS B 76 -7.00 22.98 11.69
N ARG B 77 -5.69 22.75 11.71
CA ARG B 77 -4.92 22.87 12.93
C ARG B 77 -4.86 24.32 13.39
N ASN B 78 -4.68 24.49 14.69
CA ASN B 78 -4.59 25.82 15.27
C ASN B 78 -3.24 26.44 14.90
N ILE B 79 -3.28 27.59 14.26
CA ILE B 79 -2.06 28.29 13.84
C ILE B 79 -1.75 29.48 14.73
N LYS B 80 -2.40 29.58 15.86
CA LYS B 80 -2.05 30.52 16.90
C LYS B 80 -1.14 29.86 17.93
N PRO B 81 -0.45 30.63 18.76
CA PRO B 81 0.32 30.03 19.86
C PRO B 81 -0.58 29.22 20.76
N VAL B 82 -0.22 27.96 20.97
CA VAL B 82 -1.02 27.06 21.81
C VAL B 82 -0.09 26.45 22.85
N PRO B 83 -0.65 25.97 23.97
CA PRO B 83 0.17 25.25 24.93
C PRO B 83 0.83 24.05 24.29
N GLU B 84 2.04 23.75 24.74
CA GLU B 84 2.72 22.57 24.22
C GLU B 84 1.94 21.32 24.58
N VAL B 85 2.11 20.29 23.75
CA VAL B 85 1.29 19.09 23.89
C VAL B 85 1.54 18.43 25.24
N LYS B 86 2.76 18.48 25.74
CA LYS B 86 3.06 17.88 27.04
C LYS B 86 2.27 18.55 28.16
N ILE B 87 2.11 19.86 28.10
CA ILE B 87 1.33 20.56 29.13
C ILE B 87 -0.12 20.11 29.11
N LEU B 88 -0.70 20.01 27.92
CA LEU B 88 -2.08 19.57 27.80
C LEU B 88 -2.25 18.13 28.26
N ASN B 89 -1.27 17.27 27.95
CA ASN B 89 -1.33 15.89 28.41
C ASN B 89 -1.27 15.83 29.94
N ASN B 90 -0.38 16.61 30.55
CA ASN B 90 -0.25 16.58 32.00
C ASN B 90 -1.48 17.14 32.69
N LEU B 91 -2.25 17.98 32.02
CA LEU B 91 -3.50 18.50 32.56
C LEU B 91 -4.67 17.59 32.29
N GLY B 92 -4.44 16.44 31.66
CA GLY B 92 -5.51 15.50 31.42
C GLY B 92 -6.46 15.90 30.32
N VAL B 93 -6.03 16.77 29.40
CA VAL B 93 -6.90 17.18 28.30
C VAL B 93 -7.14 15.99 27.39
N ASP B 94 -8.42 15.74 27.09
CA ASP B 94 -8.80 14.64 26.22
C ASP B 94 -9.17 15.10 24.82
N ILE B 95 -9.58 16.36 24.66
CA ILE B 95 -10.17 16.83 23.42
C ILE B 95 -10.20 18.35 23.45
N ALA B 96 -10.13 18.98 22.29
CA ALA B 96 -10.19 20.42 22.19
C ALA B 96 -11.56 20.85 21.67
N ALA B 97 -12.00 22.02 22.09
CA ALA B 97 -13.29 22.56 21.68
C ALA B 97 -13.09 23.35 20.40
N ASN B 98 -13.62 22.82 19.29
CA ASN B 98 -13.71 23.53 18.02
C ASN B 98 -12.35 23.95 17.47
N THR B 99 -11.32 23.13 17.72
CA THR B 99 -10.03 23.37 17.10
C THR B 99 -9.24 22.06 17.11
N VAL B 100 -8.20 22.02 16.29
CA VAL B 100 -7.30 20.88 16.21
C VAL B 100 -5.95 21.32 16.74
N ILE B 101 -5.47 20.62 17.77
CA ILE B 101 -4.10 20.78 18.23
C ILE B 101 -3.26 19.77 17.48
N TRP B 102 -2.30 20.27 16.71
CA TRP B 102 -1.44 19.40 15.92
C TRP B 102 -0.18 19.09 16.72
N ASP B 103 0.14 17.80 16.82
CA ASP B 103 1.38 17.35 17.46
C ASP B 103 2.44 17.27 16.38
N TYR B 104 3.33 18.26 16.33
CA TYR B 104 4.35 18.29 15.30
C TYR B 104 5.47 17.29 15.53
N LYS B 105 5.67 16.86 16.78
CA LYS B 105 6.63 15.80 17.03
C LYS B 105 6.14 14.47 16.51
N ARG B 106 4.85 14.17 16.70
CA ARG B 106 4.24 12.98 16.14
C ARG B 106 3.75 13.17 14.72
N ASP B 107 3.66 14.40 14.24
CA ASP B 107 3.11 14.72 12.93
C ASP B 107 1.69 14.17 12.79
N ALA B 108 0.87 14.43 13.80
CA ALA B 108 -0.44 13.84 13.93
C ALA B 108 -1.28 14.73 14.83
N PRO B 109 -2.59 14.59 14.81
CA PRO B 109 -3.42 15.34 15.77
C PRO B 109 -3.08 14.94 17.19
N ALA B 110 -3.13 15.92 18.09
CA ALA B 110 -2.82 15.65 19.48
C ALA B 110 -3.87 14.76 20.13
N HIS B 111 -5.11 14.81 19.65
CA HIS B 111 -6.21 14.08 20.27
C HIS B 111 -6.93 13.25 19.23
N ILE B 112 -7.52 12.14 19.69
CA ILE B 112 -8.15 11.18 18.79
C ILE B 112 -9.42 11.76 18.19
N SER B 113 -10.27 12.36 19.01
CA SER B 113 -11.55 12.89 18.57
C SER B 113 -11.51 14.41 18.53
N THR B 114 -12.52 14.98 17.88
CA THR B 114 -12.67 16.42 17.77
C THR B 114 -14.09 16.80 18.17
N ILE B 115 -14.30 18.10 18.31
CA ILE B 115 -15.62 18.68 18.60
C ILE B 115 -15.87 19.75 17.55
N GLY B 116 -16.74 19.46 16.59
CA GLY B 116 -17.05 20.41 15.54
C GLY B 116 -15.92 20.72 14.59
N VAL B 117 -15.18 19.70 14.15
CA VAL B 117 -14.09 19.91 13.21
C VAL B 117 -14.26 19.05 11.96
N CYS B 118 -14.28 17.73 12.14
CA CYS B 118 -14.33 16.79 11.03
C CYS B 118 -15.42 15.76 11.29
N SER B 119 -16.23 15.49 10.28
CA SER B 119 -17.33 14.54 10.44
C SER B 119 -16.84 13.15 10.79
N MET B 120 -15.66 12.77 10.30
CA MET B 120 -15.13 11.44 10.56
C MET B 120 -14.51 11.30 11.95
N THR B 121 -14.24 12.41 12.63
CA THR B 121 -13.63 12.35 13.95
C THR B 121 -14.45 13.04 15.04
N ASP B 122 -15.47 13.81 14.68
CA ASP B 122 -16.28 14.49 15.68
C ASP B 122 -17.04 13.48 16.53
N ILE B 123 -16.97 13.66 17.84
CA ILE B 123 -17.89 13.01 18.75
C ILE B 123 -19.06 13.92 19.10
N ALA B 124 -18.94 15.21 18.84
CA ALA B 124 -20.00 16.17 19.09
C ALA B 124 -19.74 17.39 18.22
N LYS B 125 -20.76 18.23 18.07
CA LYS B 125 -20.61 19.47 17.32
C LYS B 125 -20.33 20.66 18.23
N LYS B 126 -20.70 20.58 19.50
CA LYS B 126 -20.42 21.58 20.50
C LYS B 126 -19.98 20.89 21.78
N PRO B 127 -19.13 21.53 22.59
CA PRO B 127 -18.69 20.90 23.83
C PRO B 127 -19.77 20.82 24.90
N THR B 128 -20.92 21.43 24.68
CA THR B 128 -22.01 21.39 25.64
C THR B 128 -22.81 20.10 25.60
N GLU B 129 -22.60 19.26 24.59
CA GLU B 129 -23.36 18.03 24.45
C GLU B 129 -22.98 17.04 25.54
N THR B 130 -23.88 16.07 25.76
CA THR B 130 -23.75 15.16 26.89
C THR B 130 -22.50 14.29 26.77
N ILE B 131 -22.12 13.93 25.55
CA ILE B 131 -20.97 13.05 25.36
C ILE B 131 -19.69 13.71 25.84
N CYS B 132 -19.61 15.04 25.79
CA CYS B 132 -18.41 15.75 26.16
C CYS B 132 -18.29 15.99 27.65
N ALA B 133 -19.35 15.77 28.43
CA ALA B 133 -19.32 16.09 29.85
C ALA B 133 -18.25 15.32 30.62
N PRO B 134 -18.12 13.99 30.48
CA PRO B 134 -17.05 13.30 31.23
C PRO B 134 -15.66 13.57 30.69
N LEU B 135 -15.52 14.14 29.50
CA LEU B 135 -14.21 14.40 28.92
C LEU B 135 -13.68 15.75 29.36
N THR B 136 -12.37 15.82 29.56
CA THR B 136 -11.72 17.09 29.86
C THR B 136 -11.49 17.83 28.55
N VAL B 137 -12.24 18.90 28.34
CA VAL B 137 -12.22 19.65 27.10
C VAL B 137 -11.29 20.84 27.25
N PHE B 138 -10.50 21.10 26.22
CA PHE B 138 -9.61 22.26 26.21
C PHE B 138 -10.34 23.46 25.63
N PHE B 139 -10.34 24.56 26.38
CA PHE B 139 -11.00 25.80 25.98
C PHE B 139 -9.95 26.89 25.84
N ASP B 140 -10.07 27.65 24.76
CA ASP B 140 -9.17 28.76 24.46
C ASP B 140 -9.91 30.06 24.74
N GLY B 141 -9.40 30.85 25.67
CA GLY B 141 -10.05 32.11 26.01
C GLY B 141 -9.87 33.19 24.97
N ARG B 142 -8.98 32.98 24.00
CA ARG B 142 -8.81 33.93 22.90
C ARG B 142 -9.89 33.79 21.84
N VAL B 143 -10.65 32.71 21.85
CA VAL B 143 -11.80 32.55 20.97
C VAL B 143 -13.04 32.97 21.75
N ASP B 144 -13.87 33.80 21.13
CA ASP B 144 -14.98 34.42 21.82
C ASP B 144 -16.02 33.38 22.24
N GLY B 145 -16.46 33.45 23.48
CA GLY B 145 -17.51 32.59 24.00
C GLY B 145 -17.02 31.35 24.70
N GLN B 146 -15.77 30.95 24.51
CA GLN B 146 -15.28 29.72 25.10
C GLN B 146 -15.06 29.83 26.61
N VAL B 147 -14.90 31.04 27.14
CA VAL B 147 -14.81 31.20 28.59
C VAL B 147 -16.12 30.78 29.25
N ASP B 148 -17.25 31.19 28.67
CA ASP B 148 -18.54 30.78 29.19
C ASP B 148 -18.75 29.28 29.03
N LEU B 149 -18.27 28.72 27.91
CA LEU B 149 -18.35 27.27 27.72
C LEU B 149 -17.56 26.54 28.80
N PHE B 150 -16.39 27.06 29.16
CA PHE B 150 -15.64 26.48 30.26
C PHE B 150 -16.40 26.63 31.58
N ARG B 151 -17.03 27.79 31.79
CA ARG B 151 -17.81 27.99 33.01
C ARG B 151 -18.92 26.95 33.14
N ASN B 152 -19.60 26.67 32.03
CA ASN B 152 -20.68 25.69 32.04
C ASN B 152 -20.16 24.26 31.89
N ALA B 153 -18.89 24.09 31.59
CA ALA B 153 -18.31 22.77 31.38
C ALA B 153 -18.19 22.02 32.70
N ARG B 154 -18.38 20.71 32.64
CA ARG B 154 -18.19 19.88 33.82
C ARG B 154 -16.72 19.58 34.06
N ASN B 155 -16.01 19.15 33.03
CA ASN B 155 -14.58 18.95 33.08
C ASN B 155 -13.95 19.77 31.96
N GLY B 156 -12.84 20.43 32.25
CA GLY B 156 -12.18 21.21 31.22
C GLY B 156 -10.95 21.90 31.75
N VAL B 157 -10.15 22.37 30.79
CA VAL B 157 -8.99 23.21 31.05
C VAL B 157 -9.10 24.42 30.17
N LEU B 158 -9.09 25.61 30.76
CA LEU B 158 -9.19 26.87 30.04
C LEU B 158 -7.85 27.58 30.05
N ILE B 159 -7.47 28.16 28.92
CA ILE B 159 -6.31 29.04 28.86
C ILE B 159 -6.78 30.42 28.45
N THR B 160 -6.22 31.44 29.09
CA THR B 160 -6.51 32.82 28.74
C THR B 160 -5.23 33.61 28.68
N GLU B 161 -5.28 34.73 27.97
CA GLU B 161 -4.17 35.68 27.96
C GLU B 161 -4.31 36.75 29.03
N GLY B 162 -5.46 36.85 29.67
CA GLY B 162 -5.66 37.83 30.71
C GLY B 162 -6.36 37.27 31.92
N SER B 163 -6.95 38.13 32.74
CA SER B 163 -7.62 37.71 33.94
C SER B 163 -9.07 37.33 33.67
N VAL B 164 -9.57 36.37 34.44
CA VAL B 164 -10.94 35.90 34.34
C VAL B 164 -11.62 36.14 35.68
N LYS B 165 -12.76 36.82 35.65
CA LYS B 165 -13.45 37.21 36.88
C LYS B 165 -14.00 35.99 37.60
N GLY B 166 -13.75 35.93 38.91
CA GLY B 166 -14.24 34.84 39.73
C GLY B 166 -13.38 33.61 39.76
N LEU B 167 -12.28 33.58 39.00
CA LEU B 167 -11.40 32.42 38.93
C LEU B 167 -9.98 32.85 39.23
N GLN B 168 -9.33 32.14 40.14
CA GLN B 168 -7.95 32.44 40.47
C GLN B 168 -7.02 31.85 39.42
N PRO B 169 -6.20 32.64 38.74
CA PRO B 169 -5.39 32.13 37.64
C PRO B 169 -4.21 31.31 38.14
N SER B 170 -3.67 30.51 37.23
CA SER B 170 -2.40 29.82 37.43
C SER B 170 -1.52 30.17 36.25
N VAL B 171 -0.39 30.81 36.51
CA VAL B 171 0.49 31.25 35.45
C VAL B 171 1.25 30.06 34.89
N GLY B 172 1.17 29.87 33.58
CA GLY B 172 1.81 28.75 32.93
C GLY B 172 3.21 29.06 32.48
N PRO B 173 3.77 28.22 31.61
CA PRO B 173 5.12 28.46 31.11
C PRO B 173 5.18 29.69 30.22
N LYS B 174 6.38 30.25 30.12
CA LYS B 174 6.57 31.43 29.28
C LYS B 174 6.46 31.09 27.80
N GLN B 175 6.86 29.89 27.42
CA GLN B 175 6.88 29.51 26.01
C GLN B 175 5.59 28.83 25.60
N ALA B 176 5.30 28.90 24.31
CA ALA B 176 4.19 28.18 23.72
C ALA B 176 4.58 27.76 22.31
N SER B 177 3.76 26.90 21.73
CA SER B 177 4.03 26.36 20.41
C SER B 177 3.25 27.15 19.36
N LEU B 178 3.95 27.61 18.34
CA LEU B 178 3.34 28.33 17.21
C LEU B 178 3.79 27.63 15.93
N ASN B 179 2.85 26.96 15.27
CA ASN B 179 3.12 26.21 14.04
C ASN B 179 4.23 25.20 14.23
N GLY B 180 4.30 24.60 15.42
CA GLY B 180 5.33 23.63 15.73
C GLY B 180 6.61 24.21 16.26
N VAL B 181 6.73 25.52 16.35
CA VAL B 181 7.94 26.19 16.81
C VAL B 181 7.70 26.63 18.24
N THR B 182 8.50 26.12 19.16
CA THR B 182 8.40 26.55 20.55
C THR B 182 9.10 27.89 20.71
N LEU B 183 8.39 28.85 21.28
CA LEU B 183 8.98 30.18 21.41
C LEU B 183 8.34 30.92 22.57
N ILE B 184 9.10 31.86 23.12
CA ILE B 184 8.60 32.83 24.07
C ILE B 184 8.22 34.06 23.27
N GLY B 185 6.94 34.41 23.28
CA GLY B 185 6.45 35.40 22.35
C GLY B 185 6.89 36.81 22.71
N GLU B 186 7.22 37.58 21.67
CA GLU B 186 7.44 39.00 21.80
C GLU B 186 6.38 39.81 21.06
N ALA B 187 6.21 39.56 19.76
CA ALA B 187 5.12 40.19 19.02
C ALA B 187 3.77 39.55 19.34
N VAL B 188 3.79 38.34 19.88
CA VAL B 188 2.58 37.59 20.21
C VAL B 188 2.72 37.11 21.65
N LYS B 189 1.58 36.90 22.30
CA LYS B 189 1.57 36.52 23.71
C LYS B 189 1.54 35.01 23.83
N THR B 190 2.56 34.44 24.48
CA THR B 190 2.64 33.01 24.69
C THR B 190 2.51 32.60 26.15
N GLN B 191 2.33 33.55 27.07
CA GLN B 191 2.15 33.26 28.48
C GLN B 191 0.67 33.22 28.79
N PHE B 192 0.19 32.07 29.27
CA PHE B 192 -1.22 31.83 29.48
C PHE B 192 -1.52 31.61 30.94
N ASN B 193 -2.68 32.11 31.38
CA ASN B 193 -3.27 31.69 32.64
C ASN B 193 -4.07 30.42 32.41
N TYR B 194 -3.91 29.46 33.31
CA TYR B 194 -4.55 28.16 33.21
C TYR B 194 -5.58 27.98 34.32
N TYR B 195 -6.73 27.44 33.94
CA TYR B 195 -7.80 27.11 34.86
C TYR B 195 -8.25 25.69 34.60
N LYS B 196 -8.67 24.98 35.64
CA LYS B 196 -9.11 23.61 35.48
C LYS B 196 -10.37 23.37 36.29
N LYS B 197 -11.31 22.65 35.69
CA LYS B 197 -12.53 22.23 36.36
C LYS B 197 -12.67 20.72 36.25
N VAL B 198 -12.87 20.07 37.39
CA VAL B 198 -13.11 18.63 37.47
C VAL B 198 -14.45 18.43 38.14
N ASP B 199 -15.31 17.62 37.51
CA ASP B 199 -16.63 17.29 38.06
C ASP B 199 -17.43 18.55 38.39
N GLY B 200 -17.22 19.60 37.61
CA GLY B 200 -17.95 20.83 37.79
C GLY B 200 -17.39 21.79 38.81
N VAL B 201 -16.31 21.44 39.49
CA VAL B 201 -15.72 22.30 40.51
C VAL B 201 -14.31 22.69 40.09
N VAL B 202 -13.97 23.97 40.30
CA VAL B 202 -12.66 24.48 39.91
C VAL B 202 -11.60 23.91 40.83
N GLN B 203 -10.51 23.43 40.23
CA GLN B 203 -9.37 22.91 40.96
C GLN B 203 -8.30 23.99 41.05
N GLN B 204 -7.53 23.94 42.13
CA GLN B 204 -6.39 24.83 42.31
C GLN B 204 -5.17 24.12 41.76
N LEU B 205 -4.67 24.59 40.63
CA LEU B 205 -3.50 23.97 40.04
C LEU B 205 -2.30 24.18 40.95
N PRO B 206 -1.50 23.14 41.19
CA PRO B 206 -0.40 23.29 42.15
C PRO B 206 0.71 24.18 41.60
N GLU B 207 1.48 24.75 42.52
CA GLU B 207 2.69 25.45 42.12
C GLU B 207 3.63 24.47 41.44
N THR B 208 4.22 24.89 40.33
CA THR B 208 4.92 23.94 39.48
C THR B 208 6.13 24.60 38.85
N TYR B 209 7.12 23.78 38.52
CA TYR B 209 8.19 24.17 37.62
C TYR B 209 7.79 23.83 36.20
N PHE B 210 8.46 24.44 35.23
CA PHE B 210 8.19 24.19 33.84
C PHE B 210 9.48 23.89 33.10
N THR B 211 9.43 22.91 32.21
CA THR B 211 10.57 22.62 31.36
C THR B 211 10.72 23.72 30.31
N GLN B 212 11.92 23.82 29.77
CA GLN B 212 12.26 24.93 28.88
C GLN B 212 12.02 24.60 27.41
N SER B 213 11.80 23.34 27.07
CA SER B 213 11.48 22.93 25.71
C SER B 213 12.56 23.35 24.71
N ARG B 214 13.82 23.26 25.12
CA ARG B 214 14.92 23.66 24.27
C ARG B 214 15.39 22.48 23.43
N ASN B 215 16.28 22.75 22.50
CA ASN B 215 16.77 21.76 21.56
C ASN B 215 18.26 21.58 21.77
N LEU B 216 18.73 20.36 21.51
CA LEU B 216 20.15 20.06 21.69
C LEU B 216 21.03 20.87 20.74
N GLN B 217 20.69 20.89 19.46
CA GLN B 217 21.57 21.54 18.50
C GLN B 217 21.63 23.05 18.70
N GLU B 218 20.47 23.69 18.84
CA GLU B 218 20.39 25.14 19.00
C GLU B 218 20.19 25.53 20.45
N PHE B 219 20.88 24.86 21.38
CA PHE B 219 20.73 25.19 22.78
C PHE B 219 21.28 26.57 23.08
N LYS B 220 20.50 27.37 23.82
CA LYS B 220 20.90 28.71 24.21
C LYS B 220 20.62 28.89 25.70
N PRO B 221 21.61 29.30 26.48
CA PRO B 221 21.38 29.49 27.92
C PRO B 221 20.36 30.59 28.21
N ARG B 222 19.63 30.42 29.30
CA ARG B 222 18.59 31.36 29.70
C ARG B 222 18.82 31.90 31.11
N SER B 223 20.03 31.77 31.64
CA SER B 223 20.35 32.32 32.94
C SER B 223 21.86 32.50 33.02
N GLN B 224 22.28 33.29 34.01
CA GLN B 224 23.72 33.44 34.24
C GLN B 224 24.34 32.13 34.69
N MET B 225 23.61 31.34 35.48
CA MET B 225 24.12 30.04 35.90
C MET B 225 24.30 29.12 34.70
N GLU B 226 23.37 29.15 33.75
CA GLU B 226 23.51 28.32 32.55
C GLU B 226 24.67 28.80 31.69
N ILE B 227 24.88 30.11 31.60
CA ILE B 227 26.02 30.63 30.86
C ILE B 227 27.32 30.16 31.50
N ASP B 228 27.39 30.23 32.83
CA ASP B 228 28.58 29.75 33.52
C ASP B 228 28.78 28.25 33.29
N PHE B 229 27.70 27.47 33.33
CA PHE B 229 27.81 26.04 33.09
C PHE B 229 28.36 25.75 31.71
N LEU B 230 27.87 26.47 30.70
CA LEU B 230 28.33 26.21 29.34
C LEU B 230 29.75 26.72 29.11
N GLU B 231 30.16 27.76 29.84
CA GLU B 231 31.47 28.36 29.63
C GLU B 231 32.52 27.84 30.62
N LEU B 232 32.20 27.82 31.91
CA LEU B 232 33.16 27.38 32.89
C LEU B 232 33.40 25.89 32.79
N ALA B 233 34.58 25.46 33.22
CA ALA B 233 34.86 24.05 33.33
C ALA B 233 34.02 23.43 34.45
N MET B 234 34.05 22.09 34.51
CA MET B 234 33.23 21.38 35.48
C MET B 234 33.58 21.78 36.90
N ASP B 235 34.86 21.67 37.27
CA ASP B 235 35.27 22.02 38.62
C ASP B 235 35.08 23.51 38.89
N GLU B 236 35.41 24.36 37.91
CA GLU B 236 35.27 25.80 38.09
C GLU B 236 33.81 26.17 38.35
N PHE B 237 32.89 25.64 37.54
CA PHE B 237 31.48 25.94 37.73
C PHE B 237 30.95 25.38 39.04
N ILE B 238 31.32 24.15 39.38
CA ILE B 238 30.86 23.55 40.63
C ILE B 238 31.33 24.36 41.82
N GLU B 239 32.58 24.82 41.79
CA GLU B 239 33.11 25.63 42.86
C GLU B 239 32.41 26.99 42.94
N ARG B 240 32.15 27.61 41.79
CA ARG B 240 31.59 28.96 41.79
C ARG B 240 30.22 29.00 42.44
N TYR B 241 29.38 28.00 42.16
CA TYR B 241 28.04 27.94 42.72
C TYR B 241 27.94 26.99 43.91
N LYS B 242 29.08 26.68 44.54
CA LYS B 242 29.18 25.80 45.71
C LYS B 242 28.24 24.60 45.60
N LEU B 243 28.44 23.85 44.51
CA LEU B 243 27.65 22.66 44.22
C LEU B 243 28.35 21.38 44.64
N GLU B 244 29.38 21.47 45.48
CA GLU B 244 30.08 20.28 45.93
C GLU B 244 29.15 19.41 46.77
N GLY B 245 29.28 18.10 46.61
CA GLY B 245 28.46 17.15 47.33
C GLY B 245 27.14 16.80 46.70
N TYR B 246 26.81 17.37 45.54
CA TYR B 246 25.56 17.05 44.85
C TYR B 246 25.77 16.28 43.55
N ALA B 247 26.97 15.72 43.35
CA ALA B 247 27.25 14.82 42.23
C ALA B 247 26.97 15.47 40.88
N PHE B 248 27.22 16.78 40.78
CA PHE B 248 27.01 17.47 39.51
C PHE B 248 27.92 16.94 38.42
N GLU B 249 29.09 16.42 38.79
CA GLU B 249 30.00 15.85 37.80
C GLU B 249 29.40 14.64 37.10
N HIS B 250 28.40 14.02 37.70
CA HIS B 250 27.76 12.85 37.13
C HIS B 250 26.32 13.10 36.71
N ILE B 251 25.53 13.77 37.54
CA ILE B 251 24.11 13.97 37.23
C ILE B 251 23.94 14.82 35.99
N VAL B 252 24.72 15.90 35.88
CA VAL B 252 24.52 16.91 34.85
C VAL B 252 25.58 16.82 33.75
N TYR B 253 26.85 16.77 34.15
CA TYR B 253 27.92 16.81 33.16
C TYR B 253 28.00 15.52 32.34
N GLY B 254 27.82 14.38 32.99
CA GLY B 254 27.88 13.12 32.28
C GLY B 254 29.25 12.48 32.33
N ASP B 255 29.27 11.17 32.50
CA ASP B 255 30.49 10.39 32.58
C ASP B 255 30.61 9.51 31.35
N PHE B 256 31.79 9.56 30.70
CA PHE B 256 32.04 8.81 29.48
C PHE B 256 33.23 7.87 29.60
N SER B 257 33.69 7.59 30.81
CA SER B 257 34.88 6.76 30.98
C SER B 257 34.60 5.28 30.84
N HIS B 258 33.35 4.85 31.04
CA HIS B 258 32.99 3.44 30.96
C HIS B 258 32.16 3.18 29.71
N SER B 259 32.03 1.90 29.38
CA SER B 259 31.22 1.51 28.24
C SER B 259 29.75 1.89 28.42
N GLN B 260 29.31 2.07 29.65
CA GLN B 260 27.95 2.51 29.96
C GLN B 260 27.99 3.98 30.36
N LEU B 261 27.22 4.80 29.65
CA LEU B 261 27.19 6.22 29.91
C LEU B 261 26.58 6.50 31.27
N GLY B 262 27.14 7.51 31.95
CA GLY B 262 26.71 7.89 33.29
C GLY B 262 26.08 9.26 33.33
N GLY B 263 24.95 9.36 34.04
CA GLY B 263 24.31 10.65 34.22
C GLY B 263 23.82 11.30 32.94
N LEU B 264 24.08 12.60 32.81
CA LEU B 264 23.64 13.38 31.65
C LEU B 264 22.11 13.38 31.55
N HIS B 265 21.47 13.73 32.66
CA HIS B 265 20.02 13.71 32.81
C HIS B 265 19.36 15.08 32.65
N LEU B 266 20.13 16.12 32.33
CA LEU B 266 19.59 17.42 32.02
C LEU B 266 20.06 17.82 30.63
N LEU B 267 19.17 18.47 29.87
CA LEU B 267 19.48 18.79 28.49
C LEU B 267 20.66 19.76 28.37
N ILE B 268 20.92 20.56 29.40
CA ILE B 268 22.03 21.50 29.33
C ILE B 268 23.36 20.75 29.31
N GLY B 269 23.46 19.65 30.07
CA GLY B 269 24.65 18.84 30.02
C GLY B 269 24.87 18.20 28.65
N LEU B 270 23.79 17.70 28.06
CA LEU B 270 23.87 17.17 26.70
C LEU B 270 24.33 18.25 25.73
N ALA B 271 23.82 19.48 25.89
CA ALA B 271 24.23 20.56 25.01
C ALA B 271 25.71 20.88 25.16
N LYS B 272 26.20 20.91 26.40
CA LYS B 272 27.62 21.17 26.61
C LYS B 272 28.48 20.08 25.97
N ARG B 273 28.10 18.82 26.16
CA ARG B 273 28.86 17.73 25.55
C ARG B 273 28.78 17.80 24.03
N PHE B 274 27.60 18.11 23.48
CA PHE B 274 27.42 18.16 22.04
C PHE B 274 28.28 19.24 21.41
N LYS B 275 28.36 20.41 22.06
CA LYS B 275 29.32 21.41 21.59
C LYS B 275 30.75 20.93 21.76
N GLU B 276 31.00 20.12 22.79
CA GLU B 276 32.33 19.54 22.94
C GLU B 276 32.59 18.47 21.89
N SER B 277 31.62 17.57 21.67
CA SER B 277 31.79 16.48 20.72
C SER B 277 30.44 15.91 20.36
N PRO B 278 30.19 15.57 19.09
CA PRO B 278 28.87 15.05 18.71
C PRO B 278 28.61 13.66 19.27
N PHE B 279 27.33 13.35 19.43
CA PHE B 279 26.89 12.02 19.81
C PHE B 279 25.54 11.75 19.16
N GLU B 280 25.11 10.51 19.25
CA GLU B 280 23.85 10.06 18.65
C GLU B 280 22.79 9.94 19.73
N LEU B 281 21.64 10.58 19.49
CA LEU B 281 20.45 10.42 20.32
C LEU B 281 19.39 9.71 19.51
N GLU B 282 18.88 8.59 20.05
CA GLU B 282 17.80 7.85 19.42
C GLU B 282 16.55 8.04 20.27
N ASP B 283 15.57 8.75 19.73
CA ASP B 283 14.31 8.98 20.41
C ASP B 283 13.37 7.85 20.01
N PHE B 284 13.41 6.75 20.78
CA PHE B 284 12.65 5.57 20.40
C PHE B 284 11.17 5.68 20.73
N ILE B 285 10.75 6.72 21.42
CA ILE B 285 9.33 7.02 21.61
C ILE B 285 9.13 8.46 21.20
N PRO B 286 9.07 8.76 19.91
CA PRO B 286 9.09 10.15 19.45
C PRO B 286 7.80 10.90 19.71
N MET B 287 7.58 11.33 20.94
CA MET B 287 6.44 12.16 21.28
C MET B 287 6.93 13.24 22.25
N ASP B 288 5.99 14.03 22.76
CA ASP B 288 6.33 15.14 23.64
C ASP B 288 6.01 14.75 25.08
N SER B 289 7.01 14.86 25.95
CA SER B 289 6.85 14.52 27.36
C SER B 289 7.72 15.44 28.19
N THR B 290 7.35 15.55 29.48
CA THR B 290 8.20 16.28 30.41
C THR B 290 9.55 15.61 30.55
N VAL B 291 9.58 14.28 30.61
CA VAL B 291 10.80 13.50 30.67
C VAL B 291 10.91 12.69 29.39
N LYS B 292 12.07 12.75 28.74
CA LYS B 292 12.32 12.03 27.51
C LYS B 292 13.34 10.93 27.75
N ASN B 293 13.15 9.78 27.12
CA ASN B 293 14.10 8.69 27.19
C ASN B 293 14.83 8.57 25.87
N TYR B 294 16.14 8.45 25.92
CA TYR B 294 16.97 8.41 24.72
C TYR B 294 17.90 7.22 24.76
N PHE B 295 18.23 6.73 23.58
CA PHE B 295 19.31 5.76 23.38
C PHE B 295 20.50 6.58 22.91
N ILE B 296 21.45 6.81 23.81
CA ILE B 296 22.54 7.73 23.55
C ILE B 296 23.81 6.94 23.29
N THR B 297 24.51 7.30 22.22
CA THR B 297 25.80 6.72 21.86
C THR B 297 26.80 7.85 21.74
N ASP B 298 27.79 7.87 22.62
CA ASP B 298 28.83 8.90 22.58
C ASP B 298 29.81 8.54 21.47
N ALA B 299 29.86 9.36 20.42
CA ALA B 299 30.69 9.04 19.26
C ALA B 299 32.17 9.14 19.57
N GLN B 300 32.55 9.93 20.58
CA GLN B 300 33.97 10.11 20.88
C GLN B 300 34.53 8.90 21.62
N THR B 301 33.90 8.51 22.72
CA THR B 301 34.42 7.43 23.56
C THR B 301 33.73 6.09 23.34
N GLY B 302 32.59 6.07 22.64
CA GLY B 302 31.84 4.85 22.53
C GLY B 302 30.97 4.53 23.73
N SER B 303 30.89 5.44 24.70
CA SER B 303 30.05 5.22 25.86
C SER B 303 28.59 5.35 25.47
N SER B 304 27.76 4.40 25.91
CA SER B 304 26.37 4.33 25.49
C SER B 304 25.48 4.02 26.67
N LYS B 305 24.21 4.36 26.52
CA LYS B 305 23.19 3.96 27.49
C LYS B 305 21.88 3.75 26.74
N CYS B 306 21.28 2.57 26.91
CA CYS B 306 20.07 2.24 26.17
C CYS B 306 18.92 3.16 26.55
N VAL B 307 18.77 3.46 27.84
CA VAL B 307 17.72 4.32 28.33
C VAL B 307 18.35 5.38 29.20
N CYS B 308 18.35 6.62 28.72
CA CYS B 308 18.79 7.77 29.49
C CYS B 308 17.61 8.73 29.62
N SER B 309 17.30 9.12 30.84
CA SER B 309 16.20 10.03 31.11
C SER B 309 16.71 11.46 31.15
N VAL B 310 16.08 12.33 30.36
CA VAL B 310 16.50 13.72 30.22
C VAL B 310 15.31 14.60 30.49
N ILE B 311 15.51 15.64 31.30
CA ILE B 311 14.49 16.66 31.55
C ILE B 311 15.14 18.02 31.36
N ASP B 312 14.42 18.91 30.66
CA ASP B 312 14.96 20.23 30.33
C ASP B 312 14.46 21.29 31.31
N LEU B 313 14.88 21.15 32.55
CA LEU B 313 14.63 22.18 33.53
C LEU B 313 15.67 23.28 33.42
N LEU B 314 15.30 24.48 33.86
CA LEU B 314 16.29 25.53 34.02
C LEU B 314 17.28 25.14 35.11
N LEU B 315 18.56 25.38 34.86
CA LEU B 315 19.59 24.94 35.79
C LEU B 315 19.39 25.52 37.17
N ASP B 316 18.92 26.77 37.25
CA ASP B 316 18.60 27.36 38.55
C ASP B 316 17.50 26.57 39.25
N ASP B 317 16.46 26.20 38.52
CA ASP B 317 15.38 25.41 39.10
C ASP B 317 15.89 24.04 39.55
N PHE B 318 16.75 23.41 38.75
CA PHE B 318 17.25 22.10 39.12
C PHE B 318 18.13 22.16 40.36
N VAL B 319 19.01 23.16 40.47
CA VAL B 319 19.84 23.24 41.66
C VAL B 319 18.98 23.61 42.87
N GLU B 320 17.95 24.44 42.68
CA GLU B 320 17.04 24.73 43.78
C GLU B 320 16.32 23.48 44.26
N ILE B 321 15.90 22.63 43.32
CA ILE B 321 15.24 21.38 43.68
C ILE B 321 16.19 20.45 44.41
N ILE B 322 17.41 20.30 43.89
CA ILE B 322 18.34 19.33 44.46
C ILE B 322 18.88 19.80 45.80
N LYS B 323 18.92 21.11 46.05
CA LYS B 323 19.34 21.61 47.35
C LYS B 323 18.22 21.61 48.38
N SER B 324 16.99 21.31 47.98
CA SER B 324 15.87 21.28 48.91
C SER B 324 15.61 19.89 49.47
N GLN B 325 16.42 18.91 49.10
CA GLN B 325 16.24 17.53 49.52
C GLN B 325 17.35 17.17 50.50
N ASP B 326 16.95 16.70 51.69
CA ASP B 326 17.93 16.20 52.64
C ASP B 326 18.56 14.93 52.13
N LEU B 327 19.86 14.78 52.37
CA LEU B 327 20.65 13.69 51.82
C LEU B 327 20.93 12.61 52.87
N SER B 328 20.03 12.44 53.83
CA SER B 328 20.18 11.46 54.89
C SER B 328 19.54 10.11 54.55
N VAL B 329 18.93 9.99 53.38
CA VAL B 329 18.29 8.75 52.94
C VAL B 329 19.16 8.11 51.88
N VAL B 330 19.45 6.82 52.04
CA VAL B 330 20.31 6.13 51.09
C VAL B 330 19.64 6.03 49.73
N SER B 331 18.34 5.75 49.69
CA SER B 331 17.62 5.60 48.43
C SER B 331 16.17 5.98 48.63
N LYS B 332 15.63 6.81 47.73
CA LYS B 332 14.25 7.21 47.84
C LYS B 332 13.75 7.72 46.49
N VAL B 333 12.45 8.00 46.43
CA VAL B 333 11.80 8.57 45.27
C VAL B 333 11.22 9.92 45.69
N VAL B 334 11.56 10.97 44.95
CA VAL B 334 11.14 12.33 45.27
C VAL B 334 10.14 12.77 44.21
N LYS B 335 9.03 13.35 44.65
CA LYS B 335 8.01 13.86 43.75
C LYS B 335 8.19 15.37 43.59
N VAL B 336 8.40 15.81 42.36
CA VAL B 336 8.54 17.22 42.04
C VAL B 336 7.45 17.59 41.03
N THR B 337 6.69 18.64 41.33
CA THR B 337 5.62 19.05 40.43
C THR B 337 6.21 19.91 39.32
N ILE B 338 6.36 19.32 38.14
CA ILE B 338 6.89 19.96 36.96
C ILE B 338 5.86 19.84 35.86
N ASP B 339 5.62 20.94 35.14
CA ASP B 339 4.69 20.96 34.01
C ASP B 339 3.30 20.47 34.43
N TYR B 340 2.88 20.84 35.64
CA TYR B 340 1.59 20.47 36.22
C TYR B 340 1.45 18.97 36.46
N THR B 341 2.55 18.22 36.55
CA THR B 341 2.46 16.81 36.84
C THR B 341 3.60 16.43 37.79
N GLU B 342 3.39 15.35 38.54
CA GLU B 342 4.37 14.91 39.52
C GLU B 342 5.39 14.00 38.86
N ILE B 343 6.62 14.48 38.74
CA ILE B 343 7.73 13.70 38.20
C ILE B 343 8.46 13.04 39.35
N SER B 344 8.77 11.76 39.17
CA SER B 344 9.44 10.97 40.20
C SER B 344 10.93 10.89 39.88
N PHE B 345 11.75 11.42 40.79
CA PHE B 345 13.19 11.36 40.68
C PHE B 345 13.71 10.28 41.62
N MET B 346 14.49 9.36 41.10
CA MET B 346 15.18 8.39 41.93
C MET B 346 16.43 9.03 42.49
N LEU B 347 16.57 9.03 43.82
CA LEU B 347 17.69 9.65 44.50
C LEU B 347 18.43 8.62 45.34
N TRP B 348 19.73 8.51 45.11
CA TRP B 348 20.63 7.71 45.93
C TRP B 348 21.68 8.63 46.54
N CYS B 349 21.83 8.55 47.85
CA CYS B 349 22.80 9.36 48.58
C CYS B 349 23.72 8.45 49.40
N LYS B 350 24.91 8.96 49.69
CA LYS B 350 25.87 8.27 50.55
C LYS B 350 26.46 9.28 51.52
N ASP B 351 26.15 9.11 52.81
CA ASP B 351 26.77 9.90 53.87
C ASP B 351 26.57 11.39 53.65
N GLY B 352 25.33 11.78 53.37
CA GLY B 352 24.98 13.17 53.25
C GLY B 352 25.37 13.84 51.95
N HIS B 353 25.77 13.08 50.93
CA HIS B 353 26.09 13.65 49.63
C HIS B 353 25.44 12.80 48.55
N VAL B 354 25.02 13.47 47.48
CA VAL B 354 24.27 12.79 46.42
C VAL B 354 25.18 11.86 45.65
N GLU B 355 24.70 10.65 45.40
CA GLU B 355 25.34 9.69 44.51
C GLU B 355 24.70 9.64 43.14
N THR B 356 23.37 9.63 43.08
CA THR B 356 22.65 9.63 41.82
C THR B 356 21.33 10.34 42.02
N PHE B 357 20.86 11.05 40.99
CA PHE B 357 19.59 11.74 41.05
C PHE B 357 19.06 11.85 39.63
N TYR B 358 18.16 10.96 39.25
CA TYR B 358 17.71 10.96 37.86
C TYR B 358 16.20 10.83 37.75
N PRO B 359 15.60 11.49 36.76
CA PRO B 359 14.15 11.39 36.59
C PRO B 359 13.75 10.05 35.98
N LYS B 360 12.45 9.79 36.02
CA LYS B 360 11.90 8.59 35.41
C LYS B 360 10.77 8.93 34.44
N GLU C 15 16.76 -2.72 -26.56
CA GLU C 15 15.96 -3.37 -25.52
C GLU C 15 15.55 -2.38 -24.45
N MET C 16 14.24 -2.23 -24.26
CA MET C 16 13.69 -1.36 -23.24
C MET C 16 13.07 -2.23 -22.15
N SER C 17 13.77 -2.29 -21.01
CA SER C 17 13.43 -3.22 -19.95
C SER C 17 13.74 -2.61 -18.60
N LEU C 18 12.95 -2.99 -17.60
CA LEU C 18 13.21 -2.55 -16.24
C LEU C 18 14.55 -3.06 -15.74
N GLU C 19 14.89 -4.32 -16.06
CA GLU C 19 16.16 -4.89 -15.64
C GLU C 19 17.33 -4.20 -16.33
N ASN C 20 17.18 -3.85 -17.61
CA ASN C 20 18.23 -3.13 -18.31
C ASN C 20 18.38 -1.71 -17.79
N VAL C 21 17.27 -1.06 -17.47
CA VAL C 21 17.33 0.28 -16.89
C VAL C 21 18.04 0.23 -15.54
N ALA C 22 17.72 -0.78 -14.72
CA ALA C 22 18.40 -0.93 -13.44
C ALA C 22 19.87 -1.24 -13.61
N PHE C 23 20.21 -2.04 -14.64
CA PHE C 23 21.62 -2.29 -14.93
C PHE C 23 22.35 -1.00 -15.24
N ASN C 24 21.75 -0.15 -16.08
CA ASN C 24 22.38 1.12 -16.41
C ASN C 24 22.51 2.02 -15.19
N VAL C 25 21.49 2.04 -14.33
CA VAL C 25 21.56 2.85 -13.12
C VAL C 25 22.66 2.36 -12.20
N VAL C 26 22.81 1.04 -12.08
CA VAL C 26 23.79 0.47 -11.17
C VAL C 26 25.20 0.70 -11.69
N ASN C 27 25.43 0.57 -13.00
CA ASN C 27 26.77 0.64 -13.55
C ASN C 27 27.15 2.03 -14.08
N LYS C 28 26.20 2.95 -14.19
CA LYS C 28 26.46 4.25 -14.78
C LYS C 28 25.84 5.40 -14.01
N GLY C 29 25.03 5.14 -12.98
CA GLY C 29 24.33 6.19 -12.28
C GLY C 29 23.08 6.69 -12.97
N HIS C 30 22.94 6.45 -14.26
CA HIS C 30 21.78 6.86 -15.04
C HIS C 30 21.67 5.91 -16.22
N PHE C 31 20.66 6.14 -17.05
CA PHE C 31 20.49 5.30 -18.23
C PHE C 31 21.42 5.77 -19.33
N ASP C 32 22.43 4.97 -19.63
CA ASP C 32 23.41 5.28 -20.65
C ASP C 32 23.22 4.48 -21.93
N GLY C 33 22.24 3.59 -21.97
CA GLY C 33 22.03 2.76 -23.15
C GLY C 33 22.89 1.52 -23.22
N GLN C 34 23.43 1.06 -22.10
CA GLN C 34 24.25 -0.13 -22.09
C GLN C 34 23.39 -1.39 -22.10
N GLN C 35 24.01 -2.50 -22.47
CA GLN C 35 23.36 -3.80 -22.51
C GLN C 35 23.71 -4.59 -21.26
N GLY C 36 22.72 -5.28 -20.72
CA GLY C 36 22.88 -6.04 -19.50
C GLY C 36 21.65 -5.93 -18.64
N GLU C 37 21.57 -6.79 -17.63
CA GLU C 37 20.42 -6.80 -16.73
C GLU C 37 20.87 -7.17 -15.33
N VAL C 38 20.14 -6.68 -14.34
CA VAL C 38 20.39 -7.02 -12.94
C VAL C 38 19.08 -7.46 -12.32
N PRO C 39 19.11 -8.28 -11.27
CA PRO C 39 17.88 -8.62 -10.56
C PRO C 39 17.22 -7.37 -10.00
N VAL C 40 15.90 -7.30 -10.15
CA VAL C 40 15.12 -6.19 -9.66
C VAL C 40 13.96 -6.73 -8.85
N SER C 41 13.72 -6.14 -7.69
CA SER C 41 12.54 -6.41 -6.89
C SER C 41 11.77 -5.11 -6.70
N ILE C 42 10.47 -5.16 -6.90
CA ILE C 42 9.63 -3.99 -6.73
C ILE C 42 8.74 -4.23 -5.52
N ILE C 43 8.89 -3.39 -4.51
CA ILE C 43 8.05 -3.46 -3.32
C ILE C 43 7.35 -2.13 -3.27
N ASN C 44 6.62 -1.88 -2.18
CA ASN C 44 5.44 -1.03 -2.17
C ASN C 44 5.48 0.12 -3.18
N ASN C 45 6.49 0.97 -3.12
CA ASN C 45 6.69 1.98 -4.15
C ASN C 45 8.17 2.18 -4.43
N THR C 46 8.96 1.14 -4.27
CA THR C 46 10.41 1.22 -4.28
C THR C 46 10.98 0.14 -5.18
N VAL C 47 12.04 0.51 -5.89
CA VAL C 47 12.81 -0.40 -6.74
C VAL C 47 14.09 -0.73 -6.00
N TYR C 48 14.29 -2.03 -5.74
CA TYR C 48 15.49 -2.58 -5.13
C TYR C 48 16.21 -3.46 -6.13
N THR C 49 17.51 -3.59 -5.94
CA THR C 49 18.30 -4.55 -6.68
C THR C 49 19.14 -5.36 -5.69
N LYS C 50 19.52 -6.55 -6.11
CA LYS C 50 20.29 -7.45 -5.25
C LYS C 50 21.77 -7.25 -5.54
N VAL C 51 22.51 -6.79 -4.53
CA VAL C 51 23.95 -6.64 -4.61
C VAL C 51 24.57 -7.48 -3.50
N ASP C 52 25.38 -8.47 -3.88
CA ASP C 52 26.02 -9.38 -2.93
C ASP C 52 24.99 -10.07 -2.05
N GLY C 53 23.84 -10.43 -2.64
CA GLY C 53 22.86 -11.23 -1.94
C GLY C 53 21.87 -10.46 -1.09
N VAL C 54 22.00 -9.15 -0.98
CA VAL C 54 21.06 -8.35 -0.21
C VAL C 54 20.43 -7.31 -1.13
N ASP C 55 19.20 -6.95 -0.81
CA ASP C 55 18.46 -5.98 -1.60
C ASP C 55 18.87 -4.57 -1.22
N VAL C 56 19.23 -3.78 -2.22
CA VAL C 56 19.64 -2.40 -2.05
C VAL C 56 18.66 -1.52 -2.78
N GLU C 57 18.12 -0.53 -2.09
CA GLU C 57 17.15 0.36 -2.71
C GLU C 57 17.80 1.19 -3.80
N LEU C 58 17.25 1.13 -5.00
CA LEU C 58 17.69 1.94 -6.11
C LEU C 58 16.87 3.20 -6.29
N PHE C 59 15.56 3.10 -6.08
CA PHE C 59 14.70 4.22 -6.42
C PHE C 59 13.48 4.19 -5.54
N GLU C 60 13.02 5.36 -5.10
CA GLU C 60 11.78 5.47 -4.34
C GLU C 60 10.87 6.41 -5.10
N ASN C 61 9.67 5.92 -5.44
CA ASN C 61 8.74 6.66 -6.27
C ASN C 61 8.03 7.70 -5.43
N LYS C 62 8.29 8.98 -5.71
CA LYS C 62 7.57 10.08 -5.11
C LYS C 62 6.59 10.71 -6.08
N THR C 63 6.37 10.10 -7.23
CA THR C 63 5.49 10.63 -8.26
C THR C 63 4.12 9.98 -8.17
N THR C 64 3.21 10.44 -9.02
CA THR C 64 1.91 9.82 -9.18
C THR C 64 1.89 8.79 -10.30
N LEU C 65 3.04 8.52 -10.91
CA LEU C 65 3.19 7.50 -11.94
C LEU C 65 3.42 6.13 -11.30
N PRO C 66 3.20 5.06 -12.04
CA PRO C 66 3.61 3.73 -11.56
C PRO C 66 5.10 3.69 -11.30
N VAL C 67 5.48 2.85 -10.32
CA VAL C 67 6.84 2.87 -9.79
C VAL C 67 7.86 2.55 -10.89
N ASN C 68 7.57 1.56 -11.74
CA ASN C 68 8.50 1.21 -12.79
C ASN C 68 8.58 2.30 -13.86
N VAL C 69 7.45 2.92 -14.17
CA VAL C 69 7.44 4.01 -15.15
C VAL C 69 8.25 5.19 -14.64
N ALA C 70 8.03 5.56 -13.38
CA ALA C 70 8.77 6.65 -12.77
C ALA C 70 10.26 6.33 -12.68
N PHE C 71 10.58 5.07 -12.38
CA PHE C 71 11.98 4.67 -12.34
C PHE C 71 12.65 4.81 -13.70
N GLU C 72 11.97 4.37 -14.75
CA GLU C 72 12.54 4.49 -16.09
C GLU C 72 12.67 5.96 -16.51
N LEU C 73 11.68 6.79 -16.17
CA LEU C 73 11.77 8.20 -16.52
C LEU C 73 12.88 8.89 -15.75
N TRP C 74 13.09 8.49 -14.50
CA TRP C 74 14.15 9.08 -13.69
C TRP C 74 15.52 8.64 -14.19
N ALA C 75 15.64 7.39 -14.64
CA ALA C 75 16.92 6.93 -15.16
C ALA C 75 17.29 7.61 -16.47
N LYS C 76 16.29 8.04 -17.24
CA LYS C 76 16.52 8.67 -18.53
C LYS C 76 16.42 10.18 -18.47
N ARG C 77 16.53 10.76 -17.27
CA ARG C 77 16.50 12.20 -17.12
C ARG C 77 17.73 12.83 -17.76
N ASN C 78 17.59 14.08 -18.17
CA ASN C 78 18.69 14.81 -18.77
C ASN C 78 19.71 15.19 -17.69
N ILE C 79 20.96 14.75 -17.86
CA ILE C 79 22.01 15.02 -16.91
C ILE C 79 22.96 16.11 -17.40
N LYS C 80 22.58 16.83 -18.43
CA LYS C 80 23.27 18.03 -18.86
C LYS C 80 22.60 19.25 -18.26
N PRO C 81 23.26 20.40 -18.25
CA PRO C 81 22.61 21.63 -17.80
C PRO C 81 21.37 21.92 -18.65
N VAL C 82 20.25 22.11 -17.98
CA VAL C 82 18.98 22.36 -18.68
C VAL C 82 18.37 23.61 -18.07
N PRO C 83 17.49 24.28 -18.82
CA PRO C 83 16.77 25.42 -18.23
C PRO C 83 15.99 24.98 -17.01
N GLU C 84 15.89 25.90 -16.05
CA GLU C 84 15.12 25.58 -14.86
C GLU C 84 13.66 25.38 -15.24
N VAL C 85 12.96 24.59 -14.41
CA VAL C 85 11.60 24.18 -14.74
C VAL C 85 10.69 25.39 -14.83
N LYS C 86 10.91 26.40 -14.00
CA LYS C 86 10.08 27.60 -14.03
C LYS C 86 10.19 28.32 -15.37
N ILE C 87 11.39 28.37 -15.95
CA ILE C 87 11.57 29.01 -17.24
C ILE C 87 10.78 28.28 -18.32
N LEU C 88 10.87 26.95 -18.33
CA LEU C 88 10.14 26.16 -19.31
C LEU C 88 8.64 26.31 -19.13
N ASN C 89 8.17 26.36 -17.88
CA ASN C 89 6.74 26.56 -17.63
C ASN C 89 6.29 27.92 -18.15
N ASN C 90 7.08 28.97 -17.89
CA ASN C 90 6.69 30.31 -18.34
C ASN C 90 6.71 30.43 -19.84
N LEU C 91 7.48 29.60 -20.53
CA LEU C 91 7.50 29.58 -21.98
C LEU C 91 6.43 28.69 -22.57
N GLY C 92 5.58 28.09 -21.73
CA GLY C 92 4.51 27.27 -22.23
C GLY C 92 4.93 25.91 -22.75
N VAL C 93 6.10 25.42 -22.33
CA VAL C 93 6.56 24.12 -22.79
C VAL C 93 5.63 23.04 -22.23
N ASP C 94 5.15 22.17 -23.12
CA ASP C 94 4.29 21.07 -22.73
C ASP C 94 4.99 19.73 -22.67
N ILE C 95 6.09 19.58 -23.40
CA ILE C 95 6.72 18.28 -23.58
C ILE C 95 8.12 18.50 -24.15
N ALA C 96 9.03 17.59 -23.86
CA ALA C 96 10.39 17.65 -24.36
C ALA C 96 10.57 16.64 -25.48
N ALA C 97 11.44 16.97 -26.43
CA ALA C 97 11.72 16.09 -27.55
C ALA C 97 12.85 15.15 -27.16
N ASN C 98 12.52 13.87 -27.00
CA ASN C 98 13.51 12.81 -26.84
C ASN C 98 14.38 12.99 -25.60
N THR C 99 13.82 13.57 -24.55
CA THR C 99 14.54 13.64 -23.28
C THR C 99 13.52 13.82 -22.16
N VAL C 100 13.97 13.57 -20.94
CA VAL C 100 13.16 13.76 -19.74
C VAL C 100 13.76 14.89 -18.94
N ILE C 101 12.96 15.92 -18.68
CA ILE C 101 13.33 16.97 -17.76
C ILE C 101 12.82 16.56 -16.38
N TRP C 102 13.73 16.38 -15.44
CA TRP C 102 13.35 15.96 -14.11
C TRP C 102 13.17 17.20 -13.23
N ASP C 103 12.03 17.25 -12.55
CA ASP C 103 11.75 18.32 -11.58
C ASP C 103 12.24 17.83 -10.23
N TYR C 104 13.39 18.33 -9.80
CA TYR C 104 13.96 17.88 -8.53
C TYR C 104 13.25 18.47 -7.32
N LYS C 105 12.57 19.60 -7.48
CA LYS C 105 11.76 20.13 -6.38
C LYS C 105 10.54 19.25 -6.15
N ARG C 106 9.89 18.80 -7.22
CA ARG C 106 8.77 17.88 -7.10
C ARG C 106 9.20 16.43 -7.05
N ASP C 107 10.47 16.12 -7.37
CA ASP C 107 10.98 14.75 -7.45
C ASP C 107 10.13 13.92 -8.41
N ALA C 108 9.91 14.48 -9.59
CA ALA C 108 8.98 13.92 -10.56
C ALA C 108 9.35 14.45 -11.92
N PRO C 109 8.89 13.82 -13.00
CA PRO C 109 9.11 14.38 -14.33
C PRO C 109 8.45 15.75 -14.45
N ALA C 110 9.11 16.64 -15.18
CA ALA C 110 8.57 17.97 -15.36
C ALA C 110 7.29 17.95 -16.20
N HIS C 111 7.15 16.98 -17.09
CA HIS C 111 6.02 16.93 -18.01
C HIS C 111 5.35 15.57 -17.95
N ILE C 112 4.04 15.57 -18.24
CA ILE C 112 3.24 14.36 -18.11
C ILE C 112 3.62 13.33 -19.16
N SER C 113 3.75 13.76 -20.41
CA SER C 113 4.02 12.86 -21.52
C SER C 113 5.45 13.03 -21.99
N THR C 114 5.90 12.09 -22.80
CA THR C 114 7.23 12.11 -23.39
C THR C 114 7.13 11.86 -24.89
N ILE C 115 8.24 12.06 -25.57
CA ILE C 115 8.35 11.81 -27.00
C ILE C 115 9.57 10.90 -27.19
N GLY C 116 9.33 9.63 -27.46
CA GLY C 116 10.43 8.69 -27.66
C GLY C 116 11.26 8.40 -26.42
N VAL C 117 10.61 8.22 -25.27
CA VAL C 117 11.34 7.91 -24.04
C VAL C 117 10.84 6.62 -23.42
N CYS C 118 9.56 6.59 -23.04
CA CYS C 118 8.97 5.47 -22.33
C CYS C 118 7.67 5.08 -23.00
N SER C 119 7.48 3.77 -23.21
CA SER C 119 6.28 3.30 -23.89
C SER C 119 5.02 3.65 -23.11
N MET C 120 5.10 3.68 -21.79
CA MET C 120 3.93 3.98 -20.97
C MET C 120 3.59 5.46 -20.94
N THR C 121 4.49 6.34 -21.35
CA THR C 121 4.24 7.77 -21.32
C THR C 121 4.38 8.45 -22.68
N ASP C 122 4.94 7.77 -23.69
CA ASP C 122 5.09 8.38 -25.00
C ASP C 122 3.74 8.66 -25.63
N ILE C 123 3.56 9.87 -26.13
CA ILE C 123 2.47 10.16 -27.05
C ILE C 123 2.93 10.06 -28.50
N ALA C 124 4.23 10.06 -28.75
CA ALA C 124 4.78 9.92 -30.08
C ALA C 124 6.22 9.43 -29.94
N LYS C 125 6.78 8.95 -31.04
CA LYS C 125 8.17 8.53 -31.06
C LYS C 125 9.10 9.61 -31.58
N LYS C 126 8.58 10.56 -32.37
CA LYS C 126 9.32 11.70 -32.86
C LYS C 126 8.44 12.93 -32.73
N PRO C 127 9.04 14.11 -32.55
CA PRO C 127 8.22 15.33 -32.42
C PRO C 127 7.59 15.76 -33.73
N THR C 128 7.92 15.13 -34.85
CA THR C 128 7.35 15.49 -36.14
C THR C 128 5.96 14.91 -36.35
N GLU C 129 5.50 14.01 -35.49
CA GLU C 129 4.21 13.37 -35.66
C GLU C 129 3.08 14.37 -35.42
N THR C 130 1.90 14.04 -35.94
CA THR C 130 0.78 14.97 -35.95
C THR C 130 0.33 15.32 -34.54
N ILE C 131 0.42 14.36 -33.61
CA ILE C 131 -0.06 14.60 -32.24
C ILE C 131 0.75 15.69 -31.56
N CYS C 132 2.02 15.85 -31.94
CA CYS C 132 2.88 16.82 -31.31
C CYS C 132 2.73 18.23 -31.86
N ALA C 133 2.05 18.40 -32.99
CA ALA C 133 1.97 19.71 -33.63
C ALA C 133 1.32 20.77 -32.74
N PRO C 134 0.16 20.53 -32.12
CA PRO C 134 -0.42 21.58 -31.26
C PRO C 134 0.33 21.78 -29.96
N LEU C 135 1.22 20.86 -29.57
CA LEU C 135 1.95 20.98 -28.32
C LEU C 135 3.22 21.79 -28.51
N THR C 136 3.57 22.56 -27.48
CA THR C 136 4.83 23.29 -27.48
C THR C 136 5.93 22.33 -27.04
N VAL C 137 6.79 21.96 -27.96
CA VAL C 137 7.83 20.96 -27.73
C VAL C 137 9.13 21.68 -27.41
N PHE C 138 9.85 21.16 -26.43
CA PHE C 138 11.15 21.71 -26.06
C PHE C 138 12.24 21.03 -26.88
N PHE C 139 13.06 21.83 -27.54
CA PHE C 139 14.14 21.35 -28.38
C PHE C 139 15.47 21.84 -27.82
N ASP C 140 16.44 20.94 -27.75
CA ASP C 140 17.77 21.23 -27.26
C ASP C 140 18.72 21.31 -28.44
N GLY C 141 19.33 22.48 -28.65
CA GLY C 141 20.24 22.64 -29.76
C GLY C 141 21.57 21.95 -29.58
N ARG C 142 21.87 21.46 -28.38
CA ARG C 142 23.09 20.71 -28.13
C ARG C 142 22.97 19.26 -28.60
N VAL C 143 21.76 18.79 -28.89
CA VAL C 143 21.57 17.47 -29.47
C VAL C 143 21.43 17.65 -30.97
N ASP C 144 22.16 16.83 -31.73
CA ASP C 144 22.26 17.03 -33.17
C ASP C 144 20.92 16.78 -33.85
N GLY C 145 20.54 17.69 -34.74
CA GLY C 145 19.34 17.55 -35.53
C GLY C 145 18.11 18.24 -34.96
N GLN C 146 18.12 18.58 -33.68
CA GLN C 146 16.94 19.16 -33.05
C GLN C 146 16.69 20.60 -33.49
N VAL C 147 17.71 21.30 -33.98
CA VAL C 147 17.49 22.64 -34.52
C VAL C 147 16.59 22.57 -35.75
N ASP C 148 16.84 21.61 -36.63
CA ASP C 148 15.98 21.44 -37.80
C ASP C 148 14.59 20.98 -37.39
N LEU C 149 14.48 20.15 -36.36
CA LEU C 149 13.18 19.75 -35.86
C LEU C 149 12.40 20.96 -35.34
N PHE C 150 13.09 21.88 -34.66
CA PHE C 150 12.45 23.12 -34.25
C PHE C 150 12.04 23.95 -35.45
N ARG C 151 12.89 24.01 -36.47
CA ARG C 151 12.55 24.76 -37.67
C ARG C 151 11.27 24.23 -38.32
N ASN C 152 11.14 22.91 -38.38
CA ASN C 152 9.94 22.30 -38.95
C ASN C 152 8.79 22.22 -37.97
N ALA C 153 9.04 22.50 -36.69
CA ALA C 153 8.02 22.40 -35.67
C ALA C 153 7.00 23.52 -35.81
N ARG C 154 5.75 23.21 -35.50
CA ARG C 154 4.70 24.23 -35.51
C ARG C 154 4.74 25.06 -34.24
N ASN C 155 4.80 24.42 -33.09
CA ASN C 155 4.96 25.08 -31.81
C ASN C 155 6.18 24.49 -31.12
N GLY C 156 7.00 25.33 -30.53
CA GLY C 156 8.17 24.83 -29.84
C GLY C 156 8.99 25.94 -29.22
N VAL C 157 9.88 25.52 -28.33
CA VAL C 157 10.88 26.40 -27.72
C VAL C 157 12.23 25.72 -27.90
N LEU C 158 13.16 26.41 -28.53
CA LEU C 158 14.50 25.89 -28.78
C LEU C 158 15.50 26.61 -27.88
N ILE C 159 16.44 25.86 -27.32
CA ILE C 159 17.57 26.44 -26.62
C ILE C 159 18.85 26.05 -27.34
N THR C 160 19.76 27.01 -27.45
CA THR C 160 21.06 26.75 -28.05
C THR C 160 22.15 27.38 -27.20
N GLU C 161 23.37 26.88 -27.35
CA GLU C 161 24.52 27.50 -26.74
C GLU C 161 25.19 28.52 -27.63
N GLY C 162 24.82 28.58 -28.90
CA GLY C 162 25.41 29.53 -29.82
C GLY C 162 24.37 30.21 -30.69
N SER C 163 24.81 30.77 -31.80
CA SER C 163 23.91 31.49 -32.69
C SER C 163 23.27 30.54 -33.70
N VAL C 164 22.05 30.86 -34.10
CA VAL C 164 21.29 30.09 -35.07
C VAL C 164 20.97 30.99 -36.24
N LYS C 165 21.33 30.54 -37.45
CA LYS C 165 21.18 31.36 -38.64
C LYS C 165 19.70 31.59 -38.97
N GLY C 166 19.36 32.85 -39.24
CA GLY C 166 18.01 33.21 -39.60
C GLY C 166 17.07 33.46 -38.44
N LEU C 167 17.53 33.28 -37.21
CA LEU C 167 16.70 33.46 -36.03
C LEU C 167 17.38 34.43 -35.08
N GLN C 168 16.63 35.43 -34.63
CA GLN C 168 17.18 36.39 -33.68
C GLN C 168 17.15 35.80 -32.28
N PRO C 169 18.28 35.68 -31.60
CA PRO C 169 18.29 35.02 -30.29
C PRO C 169 17.71 35.88 -29.19
N SER C 170 17.35 35.21 -28.10
CA SER C 170 16.98 35.87 -26.86
C SER C 170 17.84 35.28 -25.75
N VAL C 171 18.65 36.10 -25.12
CA VAL C 171 19.58 35.62 -24.11
C VAL C 171 18.81 35.32 -22.84
N GLY C 172 18.96 34.10 -22.33
CA GLY C 172 18.27 33.67 -21.15
C GLY C 172 19.03 33.95 -19.88
N PRO C 173 18.63 33.32 -18.78
CA PRO C 173 19.33 33.53 -17.51
C PRO C 173 20.73 32.92 -17.54
N LYS C 174 21.58 33.46 -16.67
CA LYS C 174 22.95 32.96 -16.59
C LYS C 174 23.00 31.57 -15.99
N GLN C 175 22.10 31.24 -15.09
CA GLN C 175 22.13 29.97 -14.39
C GLN C 175 21.28 28.93 -15.11
N ALA C 176 21.62 27.66 -14.87
CA ALA C 176 20.83 26.54 -15.35
C ALA C 176 20.92 25.42 -14.33
N SER C 177 20.07 24.42 -14.50
CA SER C 177 19.99 23.32 -13.57
C SER C 177 20.81 22.14 -14.11
N LEU C 178 21.69 21.61 -13.28
CA LEU C 178 22.50 20.45 -13.61
C LEU C 178 22.32 19.43 -12.50
N ASN C 179 21.64 18.33 -12.80
CA ASN C 179 21.35 17.27 -11.84
C ASN C 179 20.64 17.81 -10.60
N GLY C 180 19.78 18.81 -10.80
CA GLY C 180 19.05 19.41 -9.72
C GLY C 180 19.77 20.54 -9.02
N VAL C 181 21.01 20.85 -9.42
CA VAL C 181 21.80 21.88 -8.79
C VAL C 181 21.76 23.10 -9.70
N THR C 182 21.25 24.22 -9.19
CA THR C 182 21.24 25.44 -9.96
C THR C 182 22.62 26.08 -9.89
N LEU C 183 23.19 26.39 -11.06
CA LEU C 183 24.52 26.94 -11.06
C LEU C 183 24.74 27.78 -12.31
N ILE C 184 25.66 28.73 -12.19
CA ILE C 184 26.18 29.47 -13.32
C ILE C 184 27.44 28.77 -13.77
N GLY C 185 27.43 28.23 -14.99
CA GLY C 185 28.48 27.32 -15.38
C GLY C 185 29.80 28.02 -15.65
N GLU C 186 30.88 27.36 -15.23
CA GLU C 186 32.24 27.76 -15.58
C GLU C 186 32.91 26.73 -16.48
N ALA C 187 32.98 25.48 -16.04
CA ALA C 187 33.48 24.42 -16.91
C ALA C 187 32.46 24.01 -17.95
N VAL C 188 31.20 24.33 -17.73
CA VAL C 188 30.11 23.98 -18.63
C VAL C 188 29.30 25.24 -18.90
N LYS C 189 28.65 25.28 -20.06
CA LYS C 189 27.91 26.46 -20.49
C LYS C 189 26.47 26.35 -20.02
N THR C 190 26.03 27.32 -19.20
CA THR C 190 24.66 27.35 -18.72
C THR C 190 23.85 28.52 -19.26
N GLN C 191 24.44 29.36 -20.10
CA GLN C 191 23.75 30.50 -20.70
C GLN C 191 23.25 30.09 -22.07
N PHE C 192 21.92 30.15 -22.26
CA PHE C 192 21.29 29.66 -23.46
C PHE C 192 20.61 30.79 -24.21
N ASN C 193 20.66 30.71 -25.54
CA ASN C 193 19.78 31.51 -26.38
C ASN C 193 18.47 30.76 -26.55
N TYR C 194 17.37 31.51 -26.43
CA TYR C 194 16.03 30.95 -26.49
C TYR C 194 15.30 31.44 -27.73
N TYR C 195 14.60 30.52 -28.38
CA TYR C 195 13.77 30.81 -29.54
C TYR C 195 12.42 30.18 -29.33
N LYS C 196 11.38 30.81 -29.84
CA LYS C 196 10.03 30.29 -29.68
C LYS C 196 9.27 30.40 -30.98
N LYS C 197 8.52 29.35 -31.31
CA LYS C 197 7.63 29.35 -32.47
C LYS C 197 6.23 28.98 -32.03
N VAL C 198 5.27 29.81 -32.41
CA VAL C 198 3.85 29.58 -32.14
C VAL C 198 3.13 29.53 -33.48
N ASP C 199 2.33 28.49 -33.69
CA ASP C 199 1.55 28.32 -34.91
C ASP C 199 2.43 28.41 -36.16
N GLY C 200 3.67 27.97 -36.06
CA GLY C 200 4.58 27.95 -37.17
C GLY C 200 5.34 29.23 -37.42
N VAL C 201 5.10 30.29 -36.63
CA VAL C 201 5.78 31.57 -36.83
C VAL C 201 6.61 31.88 -35.60
N VAL C 202 7.82 32.40 -35.82
CA VAL C 202 8.73 32.71 -34.74
C VAL C 202 8.23 33.92 -33.98
N GLN C 203 8.21 33.82 -32.65
CA GLN C 203 7.83 34.92 -31.79
C GLN C 203 9.08 35.63 -31.27
N GLN C 204 8.94 36.92 -31.03
CA GLN C 204 10.01 37.71 -30.42
C GLN C 204 9.80 37.68 -28.92
N LEU C 205 10.68 36.97 -28.22
CA LEU C 205 10.56 36.89 -26.77
C LEU C 205 10.81 38.27 -26.17
N PRO C 206 9.99 38.71 -25.23
CA PRO C 206 10.14 40.08 -24.70
C PRO C 206 11.40 40.21 -23.86
N GLU C 207 11.87 41.44 -23.75
CA GLU C 207 12.94 41.73 -22.81
C GLU C 207 12.46 41.43 -21.39
N THR C 208 13.30 40.77 -20.61
CA THR C 208 12.82 40.21 -19.35
C THR C 208 13.92 40.30 -18.30
N TYR C 209 13.49 40.34 -17.05
CA TYR C 209 14.37 40.09 -15.92
C TYR C 209 14.32 38.60 -15.59
N PHE C 210 15.33 38.14 -14.86
CA PHE C 210 15.41 36.75 -14.46
C PHE C 210 15.66 36.65 -12.97
N THR C 211 14.97 35.71 -12.33
CA THR C 211 15.23 35.44 -10.93
C THR C 211 16.57 34.73 -10.78
N GLN C 212 17.12 34.80 -9.57
CA GLN C 212 18.47 34.31 -9.32
C GLN C 212 18.50 32.88 -8.84
N SER C 213 17.36 32.30 -8.46
CA SER C 213 17.28 30.90 -8.07
C SER C 213 18.20 30.57 -6.90
N ARG C 214 18.32 31.50 -5.96
CA ARG C 214 19.21 31.29 -4.83
C ARG C 214 18.46 30.60 -3.70
N ASN C 215 19.20 30.22 -2.66
CA ASN C 215 18.64 29.49 -1.54
C ASN C 215 18.80 30.32 -0.27
N LEU C 216 17.86 30.14 0.64
CA LEU C 216 17.90 30.91 1.88
C LEU C 216 19.12 30.58 2.72
N GLN C 217 19.40 29.30 2.92
CA GLN C 217 20.49 28.93 3.82
C GLN C 217 21.86 29.33 3.27
N GLU C 218 22.12 29.03 2.00
CA GLU C 218 23.40 29.32 1.37
C GLU C 218 23.31 30.56 0.50
N PHE C 219 22.62 31.60 0.96
CA PHE C 219 22.50 32.82 0.18
C PHE C 219 23.85 33.51 0.06
N LYS C 220 24.19 33.91 -1.17
CA LYS C 220 25.43 34.61 -1.43
C LYS C 220 25.13 35.82 -2.32
N PRO C 221 25.55 37.02 -1.93
CA PRO C 221 25.28 38.21 -2.74
C PRO C 221 25.96 38.15 -4.09
N ARG C 222 25.33 38.75 -5.09
CA ARG C 222 25.82 38.77 -6.46
C ARG C 222 26.00 40.18 -7.00
N SER C 223 26.05 41.18 -6.13
CA SER C 223 26.29 42.55 -6.54
C SER C 223 26.82 43.32 -5.34
N GLN C 224 27.39 44.49 -5.63
CA GLN C 224 27.84 45.36 -4.55
C GLN C 224 26.65 45.86 -3.73
N MET C 225 25.52 46.13 -4.39
CA MET C 225 24.33 46.56 -3.67
C MET C 225 23.84 45.46 -2.73
N GLU C 226 23.89 44.21 -3.17
CA GLU C 226 23.49 43.11 -2.30
C GLU C 226 24.45 42.93 -1.14
N ILE C 227 25.75 43.11 -1.38
CA ILE C 227 26.73 43.05 -0.30
C ILE C 227 26.45 44.14 0.72
N ASP C 228 26.17 45.35 0.26
CA ASP C 228 25.84 46.44 1.17
C ASP C 228 24.57 46.13 1.94
N PHE C 229 23.55 45.57 1.28
CA PHE C 229 22.31 45.22 1.96
C PHE C 229 22.56 44.21 3.07
N LEU C 230 23.37 43.19 2.78
CA LEU C 230 23.62 42.17 3.79
C LEU C 230 24.51 42.68 4.91
N GLU C 231 25.39 43.64 4.62
CA GLU C 231 26.33 44.14 5.62
C GLU C 231 25.85 45.42 6.31
N LEU C 232 25.40 46.40 5.55
CA LEU C 232 24.97 47.65 6.15
C LEU C 232 23.67 47.47 6.91
N ALA C 233 23.46 48.33 7.89
CA ALA C 233 22.19 48.36 8.58
C ALA C 233 21.10 48.88 7.65
N MET C 234 19.85 48.77 8.11
CA MET C 234 18.72 49.16 7.28
C MET C 234 18.80 50.62 6.89
N ASP C 235 18.92 51.52 7.88
CA ASP C 235 18.99 52.94 7.58
C ASP C 235 20.24 53.29 6.81
N GLU C 236 21.38 52.69 7.17
CA GLU C 236 22.63 52.97 6.47
C GLU C 236 22.54 52.59 5.00
N PHE C 237 22.02 51.39 4.72
CA PHE C 237 21.90 50.96 3.33
C PHE C 237 20.89 51.80 2.56
N ILE C 238 19.75 52.11 3.19
CA ILE C 238 18.74 52.91 2.51
C ILE C 238 19.29 54.28 2.17
N GLU C 239 20.05 54.88 3.09
CA GLU C 239 20.65 56.18 2.85
C GLU C 239 21.70 56.11 1.75
N ARG C 240 22.52 55.05 1.76
CA ARG C 240 23.64 54.98 0.81
C ARG C 240 23.15 54.95 -0.63
N TYR C 241 22.08 54.19 -0.89
CA TYR C 241 21.53 54.07 -2.23
C TYR C 241 20.30 54.95 -2.44
N LYS C 242 20.14 55.98 -1.62
CA LYS C 242 19.03 56.93 -1.66
C LYS C 242 17.71 56.26 -2.01
N LEU C 243 17.35 55.29 -1.18
CA LEU C 243 16.13 54.52 -1.32
C LEU C 243 15.00 55.03 -0.43
N GLU C 244 15.13 56.24 0.09
CA GLU C 244 14.07 56.81 0.92
C GLU C 244 12.80 57.01 0.11
N GLY C 245 11.66 56.76 0.74
CA GLY C 245 10.38 56.89 0.08
C GLY C 245 9.88 55.69 -0.68
N TYR C 246 10.64 54.60 -0.72
CA TYR C 246 10.21 53.38 -1.39
C TYR C 246 9.90 52.23 -0.44
N ALA C 247 9.74 52.52 0.85
CA ALA C 247 9.28 51.54 1.83
C ALA C 247 10.18 50.31 1.89
N PHE C 248 11.48 50.51 1.69
CA PHE C 248 12.42 49.38 1.75
C PHE C 248 12.45 48.76 3.14
N GLU C 249 12.17 49.55 4.19
CA GLU C 249 12.14 49.01 5.54
C GLU C 249 11.05 47.96 5.72
N HIS C 250 10.06 47.96 4.83
CA HIS C 250 8.96 47.01 4.92
C HIS C 250 8.93 46.02 3.77
N ILE C 251 9.14 46.49 2.54
CA ILE C 251 9.04 45.61 1.37
C ILE C 251 10.13 44.54 1.42
N VAL C 252 11.36 44.93 1.75
CA VAL C 252 12.52 44.07 1.62
C VAL C 252 13.01 43.57 2.98
N TYR C 253 13.18 44.48 3.94
CA TYR C 253 13.76 44.10 5.22
C TYR C 253 12.80 43.25 6.05
N GLY C 254 11.52 43.59 6.04
CA GLY C 254 10.55 42.82 6.80
C GLY C 254 10.30 43.40 8.18
N ASP C 255 9.03 43.38 8.58
CA ASP C 255 8.59 43.91 9.86
C ASP C 255 8.15 42.75 10.75
N PHE C 256 8.66 42.73 11.98
CA PHE C 256 8.37 41.66 12.93
C PHE C 256 7.75 42.19 14.23
N SER C 257 7.29 43.43 14.25
CA SER C 257 6.78 44.00 15.48
C SER C 257 5.37 43.55 15.82
N HIS C 258 4.60 43.10 14.83
CA HIS C 258 3.22 42.69 15.03
C HIS C 258 3.10 41.17 14.91
N SER C 259 1.96 40.65 15.35
CA SER C 259 1.71 39.22 15.24
C SER C 259 1.64 38.78 13.79
N GLN C 260 1.36 39.69 12.87
CA GLN C 260 1.35 39.40 11.44
C GLN C 260 2.61 39.96 10.82
N LEU C 261 3.36 39.11 10.14
CA LEU C 261 4.61 39.50 9.51
C LEU C 261 4.35 40.47 8.37
N GLY C 262 5.24 41.45 8.23
CA GLY C 262 5.13 42.49 7.23
C GLY C 262 6.23 42.42 6.19
N GLY C 263 5.84 42.55 4.92
CA GLY C 263 6.83 42.59 3.85
C GLY C 263 7.65 41.33 3.72
N LEU C 264 8.97 41.50 3.53
CA LEU C 264 9.89 40.37 3.34
C LEU C 264 9.52 39.60 2.07
N HIS C 265 9.39 40.33 0.97
CA HIS C 265 8.96 39.81 -0.33
C HIS C 265 10.11 39.55 -1.30
N LEU C 266 11.35 39.76 -0.89
CA LEU C 266 12.52 39.41 -1.68
C LEU C 266 13.38 38.45 -0.88
N LEU C 267 13.96 37.47 -1.57
CA LEU C 267 14.72 36.44 -0.87
C LEU C 267 15.93 36.99 -0.16
N ILE C 268 16.47 38.13 -0.61
CA ILE C 268 17.65 38.68 0.04
C ILE C 268 17.29 39.17 1.45
N GLY C 269 16.09 39.73 1.62
CA GLY C 269 15.65 40.12 2.95
C GLY C 269 15.48 38.94 3.87
N LEU C 270 14.91 37.86 3.35
CA LEU C 270 14.81 36.63 4.14
C LEU C 270 16.19 36.12 4.53
N ALA C 271 17.15 36.20 3.60
CA ALA C 271 18.50 35.75 3.92
C ALA C 271 19.13 36.59 5.02
N LYS C 272 18.95 37.91 4.95
CA LYS C 272 19.49 38.77 5.99
C LYS C 272 18.88 38.45 7.35
N ARG C 273 17.55 38.29 7.39
CA ARG C 273 16.90 37.94 8.64
C ARG C 273 17.35 36.57 9.14
N PHE C 274 17.49 35.60 8.23
CA PHE C 274 17.89 34.25 8.62
C PHE C 274 19.28 34.24 9.23
N LYS C 275 20.20 34.99 8.64
CA LYS C 275 21.50 35.15 9.29
C LYS C 275 21.37 35.89 10.61
N GLU C 276 20.42 36.79 10.72
CA GLU C 276 20.16 37.46 11.99
C GLU C 276 19.52 36.50 13.00
N SER C 277 18.50 35.75 12.57
CA SER C 277 17.79 34.84 13.46
C SER C 277 17.01 33.83 12.64
N PRO C 278 16.97 32.57 13.03
CA PRO C 278 16.26 31.56 12.23
C PRO C 278 14.76 31.75 12.28
N PHE C 279 14.10 31.27 11.22
CA PHE C 279 12.64 31.23 11.16
C PHE C 279 12.23 30.01 10.35
N GLU C 280 10.93 29.74 10.38
CA GLU C 280 10.37 28.58 9.69
C GLU C 280 9.70 29.03 8.40
N LEU C 281 10.07 28.39 7.30
CA LEU C 281 9.38 28.56 6.02
C LEU C 281 8.67 27.27 5.67
N GLU C 282 7.38 27.36 5.41
CA GLU C 282 6.57 26.22 4.99
C GLU C 282 6.19 26.44 3.53
N ASP C 283 6.76 25.60 2.65
CA ASP C 283 6.46 25.67 1.22
C ASP C 283 5.28 24.74 0.97
N PHE C 284 4.07 25.29 1.09
CA PHE C 284 2.87 24.46 1.00
C PHE C 284 2.52 24.08 -0.44
N ILE C 285 3.19 24.65 -1.43
CA ILE C 285 3.06 24.21 -2.81
C ILE C 285 4.46 23.95 -3.33
N PRO C 286 5.06 22.82 -2.97
CA PRO C 286 6.48 22.62 -3.27
C PRO C 286 6.78 22.35 -4.73
N MET C 287 6.79 23.40 -5.55
CA MET C 287 7.19 23.29 -6.93
C MET C 287 8.05 24.50 -7.27
N ASP C 288 8.41 24.64 -8.54
CA ASP C 288 9.28 25.72 -8.97
C ASP C 288 8.46 26.80 -9.67
N SER C 289 8.57 28.03 -9.18
CA SER C 289 7.84 29.15 -9.75
C SER C 289 8.69 30.40 -9.66
N THR C 290 8.35 31.38 -10.50
CA THR C 290 8.99 32.69 -10.40
C THR C 290 8.67 33.33 -9.05
N VAL C 291 7.43 33.22 -8.60
CA VAL C 291 7.00 33.72 -7.30
C VAL C 291 6.61 32.55 -6.43
N LYS C 292 7.14 32.50 -5.22
CA LYS C 292 6.87 31.42 -4.27
C LYS C 292 6.05 31.96 -3.12
N ASN C 293 5.10 31.16 -2.64
CA ASN C 293 4.31 31.51 -1.48
C ASN C 293 4.75 30.65 -0.30
N TYR C 294 4.95 31.28 0.85
CA TYR C 294 5.45 30.59 2.03
C TYR C 294 4.56 30.90 3.22
N PHE C 295 4.51 29.94 4.14
CA PHE C 295 3.94 30.12 5.47
C PHE C 295 5.13 30.35 6.39
N ILE C 296 5.35 31.60 6.77
CA ILE C 296 6.55 31.99 7.48
C ILE C 296 6.21 32.23 8.94
N THR C 297 7.01 31.65 9.83
CA THR C 297 6.89 31.85 11.27
C THR C 297 8.23 32.34 11.79
N ASP C 298 8.26 33.58 12.28
CA ASP C 298 9.50 34.13 12.83
C ASP C 298 9.71 33.56 14.23
N ALA C 299 10.77 32.76 14.39
CA ALA C 299 11.00 32.07 15.65
C ALA C 299 11.38 33.03 16.77
N GLN C 300 11.94 34.19 16.43
CA GLN C 300 12.38 35.13 17.46
C GLN C 300 11.20 35.87 18.08
N THR C 301 10.38 36.51 17.24
CA THR C 301 9.29 37.34 17.73
C THR C 301 7.93 36.65 17.69
N GLY C 302 7.80 35.53 17.00
CA GLY C 302 6.51 34.92 16.82
C GLY C 302 5.67 35.55 15.73
N SER C 303 6.23 36.48 14.97
CA SER C 303 5.50 37.10 13.87
C SER C 303 5.35 36.11 12.73
N SER C 304 4.14 36.00 12.18
CA SER C 304 3.84 34.98 11.19
C SER C 304 3.00 35.58 10.07
N LYS C 305 3.04 34.93 8.92
CA LYS C 305 2.15 35.25 7.82
C LYS C 305 1.82 33.98 7.06
N CYS C 306 0.53 33.70 6.90
CA CYS C 306 0.11 32.46 6.25
C CYS C 306 0.58 32.39 4.81
N VAL C 307 0.47 33.49 4.08
CA VAL C 307 0.87 33.57 2.68
C VAL C 307 1.78 34.77 2.52
N CYS C 308 3.05 34.51 2.28
CA CYS C 308 4.03 35.54 1.96
C CYS C 308 4.58 35.24 0.58
N SER C 309 4.53 36.24 -0.30
CA SER C 309 5.02 36.09 -1.66
C SER C 309 6.47 36.55 -1.74
N VAL C 310 7.34 35.69 -2.27
CA VAL C 310 8.77 35.93 -2.33
C VAL C 310 9.22 35.75 -3.77
N ILE C 311 10.02 36.69 -4.26
CA ILE C 311 10.63 36.59 -5.58
C ILE C 311 12.12 36.89 -5.43
N ASP C 312 12.95 36.08 -6.09
CA ASP C 312 14.40 36.20 -5.94
C ASP C 312 14.99 36.97 -7.11
N LEU C 313 14.63 38.25 -7.19
CA LEU C 313 15.27 39.13 -8.15
C LEU C 313 16.58 39.65 -7.59
N LEU C 314 17.48 40.03 -8.48
CA LEU C 314 18.66 40.76 -8.07
C LEU C 314 18.25 42.12 -7.51
N LEU C 315 18.88 42.50 -6.40
CA LEU C 315 18.48 43.73 -5.72
C LEU C 315 18.59 44.94 -6.65
N ASP C 316 19.61 44.96 -7.51
CA ASP C 316 19.72 46.03 -8.49
C ASP C 316 18.52 46.06 -9.41
N ASP C 317 18.11 44.88 -9.90
CA ASP C 317 16.94 44.81 -10.77
C ASP C 317 15.68 45.25 -10.04
N PHE C 318 15.53 44.85 -8.77
CA PHE C 318 14.34 45.23 -8.03
C PHE C 318 14.29 46.73 -7.79
N VAL C 319 15.41 47.35 -7.43
CA VAL C 319 15.38 48.79 -7.21
C VAL C 319 15.17 49.53 -8.53
N GLU C 320 15.73 49.00 -9.63
CA GLU C 320 15.47 49.60 -10.93
C GLU C 320 14.00 49.52 -11.30
N ILE C 321 13.35 48.40 -10.99
CA ILE C 321 11.93 48.25 -11.27
C ILE C 321 11.11 49.20 -10.42
N ILE C 322 11.43 49.28 -9.12
CA ILE C 322 10.60 50.07 -8.22
C ILE C 322 10.81 51.56 -8.43
N LYS C 323 11.97 51.96 -8.95
CA LYS C 323 12.19 53.37 -9.27
C LYS C 323 11.63 53.77 -10.62
N SER C 324 11.15 52.83 -11.41
CA SER C 324 10.59 53.13 -12.72
C SER C 324 9.08 53.32 -12.68
N GLN C 325 8.47 53.23 -11.50
CA GLN C 325 7.02 53.35 -11.34
C GLN C 325 6.71 54.66 -10.64
N ASP C 326 5.86 55.47 -11.28
CA ASP C 326 5.39 56.69 -10.65
C ASP C 326 4.50 56.35 -9.46
N LEU C 327 4.63 57.13 -8.39
CA LEU C 327 3.96 56.86 -7.12
C LEU C 327 2.75 57.77 -6.91
N SER C 328 2.10 58.17 -8.00
CA SER C 328 0.94 59.05 -7.94
C SER C 328 -0.37 58.28 -7.89
N VAL C 329 -0.33 56.96 -7.92
CA VAL C 329 -1.52 56.12 -7.87
C VAL C 329 -1.60 55.49 -6.49
N VAL C 330 -2.78 55.60 -5.86
CA VAL C 330 -2.94 55.05 -4.51
C VAL C 330 -2.84 53.53 -4.53
N SER C 331 -3.42 52.88 -5.53
CA SER C 331 -3.40 51.43 -5.60
C SER C 331 -3.48 50.99 -7.06
N LYS C 332 -2.60 50.07 -7.45
CA LYS C 332 -2.61 49.58 -8.82
C LYS C 332 -1.90 48.24 -8.90
N VAL C 333 -1.95 47.64 -10.07
CA VAL C 333 -1.27 46.40 -10.39
C VAL C 333 -0.28 46.69 -11.51
N VAL C 334 0.98 46.33 -11.30
CA VAL C 334 2.05 46.59 -12.26
C VAL C 334 2.50 45.27 -12.85
N LYS C 335 2.63 45.23 -14.17
CA LYS C 335 3.10 44.04 -14.88
C LYS C 335 4.58 44.18 -15.18
N VAL C 336 5.38 43.25 -14.68
CA VAL C 336 6.81 43.22 -14.92
C VAL C 336 7.14 41.89 -15.58
N THR C 337 7.85 41.94 -16.71
CA THR C 337 8.20 40.72 -17.44
C THR C 337 9.44 40.12 -16.79
N ILE C 338 9.25 39.07 -16.01
CA ILE C 338 10.31 38.35 -15.31
C ILE C 338 10.23 36.90 -15.73
N ASP C 339 11.39 36.31 -16.04
CA ASP C 339 11.47 34.90 -16.41
C ASP C 339 10.55 34.57 -17.58
N TYR C 340 10.46 35.50 -18.53
CA TYR C 340 9.63 35.37 -19.73
C TYR C 340 8.14 35.32 -19.43
N THR C 341 7.70 35.80 -18.27
CA THR C 341 6.28 35.83 -17.95
C THR C 341 5.96 37.12 -17.23
N GLU C 342 4.71 37.55 -17.32
CA GLU C 342 4.29 38.80 -16.71
C GLU C 342 3.88 38.56 -15.27
N ILE C 343 4.66 39.08 -14.33
CA ILE C 343 4.38 38.99 -12.91
C ILE C 343 3.64 40.26 -12.50
N SER C 344 2.57 40.08 -11.72
CA SER C 344 1.73 41.17 -11.26
C SER C 344 2.12 41.56 -9.86
N PHE C 345 2.58 42.79 -9.69
CA PHE C 345 2.91 43.36 -8.39
C PHE C 345 1.79 44.27 -7.94
N MET C 346 1.27 44.04 -6.74
CA MET C 346 0.32 44.95 -6.14
C MET C 346 1.09 46.10 -5.51
N LEU C 347 0.76 47.34 -5.91
CA LEU C 347 1.44 48.53 -5.43
C LEU C 347 0.45 49.46 -4.77
N TRP C 348 0.73 49.84 -3.53
CA TRP C 348 0.00 50.86 -2.80
C TRP C 348 0.94 51.99 -2.45
N CYS C 349 0.56 53.22 -2.80
CA CYS C 349 1.36 54.40 -2.53
C CYS C 349 0.53 55.42 -1.77
N LYS C 350 1.22 56.28 -1.02
CA LYS C 350 0.60 57.38 -0.30
C LYS C 350 1.43 58.64 -0.53
N ASP C 351 0.85 59.61 -1.22
CA ASP C 351 1.45 60.93 -1.38
C ASP C 351 2.85 60.84 -1.98
N GLY C 352 2.96 60.09 -3.07
CA GLY C 352 4.20 60.01 -3.79
C GLY C 352 5.27 59.12 -3.20
N HIS C 353 4.94 58.31 -2.20
CA HIS C 353 5.90 57.39 -1.62
C HIS C 353 5.24 56.02 -1.47
N VAL C 354 6.05 54.97 -1.63
CA VAL C 354 5.51 53.61 -1.64
C VAL C 354 5.09 53.22 -0.23
N GLU C 355 3.90 52.62 -0.13
CA GLU C 355 3.41 52.01 1.10
C GLU C 355 3.58 50.49 1.09
N THR C 356 3.25 49.85 -0.03
CA THR C 356 3.40 48.41 -0.15
C THR C 356 3.67 48.07 -1.61
N PHE C 357 4.49 47.06 -1.84
CA PHE C 357 4.79 46.63 -3.20
C PHE C 357 5.15 45.14 -3.13
N TYR C 358 4.19 44.28 -3.45
CA TYR C 358 4.45 42.86 -3.29
C TYR C 358 3.98 42.06 -4.50
N PRO C 359 4.70 41.00 -4.85
CA PRO C 359 4.29 40.18 -5.99
C PRO C 359 3.11 39.28 -5.64
N LYS C 360 2.53 38.70 -6.68
CA LYS C 360 1.44 37.74 -6.49
C LYS C 360 1.73 36.43 -7.21
N GLU D 15 -1.51 -14.47 27.93
CA GLU D 15 -0.69 -13.86 26.90
C GLU D 15 -1.52 -13.43 25.70
N MET D 16 -1.49 -12.13 25.40
CA MET D 16 -2.21 -11.57 24.26
C MET D 16 -1.19 -11.18 23.21
N SER D 17 -1.11 -11.97 22.14
CA SER D 17 -0.06 -11.85 21.15
C SER D 17 -0.60 -12.21 19.78
N LEU D 18 -0.04 -11.56 18.75
CA LEU D 18 -0.39 -11.89 17.38
C LEU D 18 -0.02 -13.33 17.04
N GLU D 19 1.16 -13.77 17.50
CA GLU D 19 1.59 -15.14 17.24
C GLU D 19 0.71 -16.14 17.96
N ASN D 20 0.28 -15.84 19.19
CA ASN D 20 -0.62 -16.74 19.91
C ASN D 20 -2.01 -16.76 19.26
N VAL D 21 -2.48 -15.61 18.79
CA VAL D 21 -3.76 -15.57 18.10
C VAL D 21 -3.69 -16.40 16.82
N ALA D 22 -2.59 -16.29 16.08
CA ALA D 22 -2.42 -17.08 14.87
C ALA D 22 -2.31 -18.56 15.20
N PHE D 23 -1.65 -18.91 16.31
CA PHE D 23 -1.59 -20.29 16.75
C PHE D 23 -2.99 -20.84 16.99
N ASN D 24 -3.82 -20.07 17.69
CA ASN D 24 -5.19 -20.51 17.96
C ASN D 24 -5.99 -20.64 16.67
N VAL D 25 -5.81 -19.71 15.73
CA VAL D 25 -6.53 -19.80 14.47
C VAL D 25 -6.10 -21.04 13.70
N VAL D 26 -4.80 -21.34 13.70
CA VAL D 26 -4.29 -22.46 12.93
C VAL D 26 -4.75 -23.79 13.54
N ASN D 27 -4.74 -23.90 14.87
CA ASN D 27 -5.03 -25.16 15.52
C ASN D 27 -6.48 -25.33 15.94
N LYS D 28 -7.28 -24.28 15.89
CA LYS D 28 -8.66 -24.33 16.38
C LYS D 28 -9.66 -23.65 15.46
N GLY D 29 -9.21 -22.97 14.39
CA GLY D 29 -10.11 -22.22 13.54
C GLY D 29 -10.50 -20.86 14.08
N HIS D 30 -10.35 -20.64 15.38
CA HIS D 30 -10.67 -19.37 16.01
C HIS D 30 -9.82 -19.26 17.27
N PHE D 31 -9.98 -18.16 17.99
CA PHE D 31 -9.23 -17.98 19.22
C PHE D 31 -9.91 -18.76 20.34
N ASP D 32 -9.26 -19.81 20.80
CA ASP D 32 -9.78 -20.65 21.86
C ASP D 32 -9.06 -20.44 23.19
N GLY D 33 -8.06 -19.57 23.24
CA GLY D 33 -7.32 -19.35 24.47
C GLY D 33 -6.21 -20.34 24.72
N GLN D 34 -5.73 -21.03 23.70
CA GLN D 34 -4.65 -21.99 23.86
C GLN D 34 -3.29 -21.29 23.92
N GLN D 35 -2.30 -22.00 24.43
CA GLN D 35 -0.94 -21.50 24.54
C GLN D 35 -0.10 -22.05 23.41
N GLY D 36 0.76 -21.21 22.85
CA GLY D 36 1.58 -21.57 21.72
C GLY D 36 1.69 -20.41 20.76
N GLU D 37 2.63 -20.53 19.82
CA GLU D 37 2.86 -19.47 18.85
C GLU D 37 3.28 -20.10 17.53
N VAL D 38 2.97 -19.40 16.44
CA VAL D 38 3.39 -19.82 15.11
C VAL D 38 4.04 -18.62 14.42
N PRO D 39 4.94 -18.86 13.47
CA PRO D 39 5.49 -17.74 12.69
C PRO D 39 4.39 -16.99 11.96
N VAL D 40 4.47 -15.67 12.00
CA VAL D 40 3.50 -14.80 11.34
C VAL D 40 4.25 -13.80 10.49
N SER D 41 3.79 -13.60 9.27
CA SER D 41 4.27 -12.54 8.41
C SER D 41 3.10 -11.64 8.04
N ILE D 42 3.29 -10.34 8.14
CA ILE D 42 2.25 -9.39 7.78
C ILE D 42 2.70 -8.65 6.54
N ILE D 43 1.93 -8.80 5.46
CA ILE D 43 2.22 -8.08 4.23
C ILE D 43 0.99 -7.23 4.00
N ASN D 44 0.92 -6.58 2.84
CA ASN D 44 0.22 -5.31 2.65
C ASN D 44 -0.99 -5.13 3.54
N ASN D 45 -1.96 -6.04 3.49
CA ASN D 45 -3.07 -6.02 4.44
C ASN D 45 -3.47 -7.43 4.82
N THR D 46 -2.52 -8.35 4.83
CA THR D 46 -2.79 -9.77 4.95
C THR D 46 -1.87 -10.38 5.99
N VAL D 47 -2.42 -11.32 6.75
CA VAL D 47 -1.69 -12.11 7.73
C VAL D 47 -1.46 -13.49 7.13
N TYR D 48 -0.19 -13.86 7.01
CA TYR D 48 0.26 -15.16 6.55
C TYR D 48 0.95 -15.89 7.67
N THR D 49 0.94 -17.22 7.61
CA THR D 49 1.73 -18.04 8.50
C THR D 49 2.50 -19.05 7.66
N LYS D 50 3.60 -19.53 8.21
CA LYS D 50 4.45 -20.48 7.51
C LYS D 50 4.05 -21.89 7.89
N VAL D 51 3.60 -22.66 6.91
CA VAL D 51 3.26 -24.06 7.09
C VAL D 51 4.10 -24.87 6.12
N ASP D 52 4.95 -25.75 6.65
CA ASP D 52 5.85 -26.58 5.85
C ASP D 52 6.73 -25.71 4.95
N GLY D 53 7.19 -24.58 5.47
CA GLY D 53 8.15 -23.77 4.78
C GLY D 53 7.59 -22.77 3.79
N VAL D 54 6.28 -22.76 3.57
CA VAL D 54 5.67 -21.81 2.65
C VAL D 54 4.65 -20.97 3.41
N ASP D 55 4.47 -19.74 2.96
CA ASP D 55 3.54 -18.82 3.60
C ASP D 55 2.12 -19.10 3.12
N VAL D 56 1.22 -19.26 4.08
CA VAL D 56 -0.19 -19.54 3.81
C VAL D 56 -0.99 -18.39 4.38
N GLU D 57 -1.85 -17.80 3.56
CA GLU D 57 -2.67 -16.68 4.00
C GLU D 57 -3.65 -17.13 5.06
N LEU D 58 -3.61 -16.48 6.21
CA LEU D 58 -4.57 -16.73 7.28
C LEU D 58 -5.72 -15.74 7.28
N PHE D 59 -5.44 -14.48 6.98
CA PHE D 59 -6.47 -13.46 7.13
C PHE D 59 -6.21 -12.34 6.16
N GLU D 60 -7.27 -11.80 5.58
CA GLU D 60 -7.18 -10.63 4.72
C GLU D 60 -8.05 -9.54 5.30
N ASN D 61 -7.44 -8.39 5.60
CA ASN D 61 -8.13 -7.31 6.28
C ASN D 61 -9.00 -6.56 5.28
N LYS D 62 -10.31 -6.64 5.48
CA LYS D 62 -11.27 -5.85 4.71
C LYS D 62 -11.85 -4.71 5.54
N THR D 63 -11.32 -4.46 6.72
CA THR D 63 -11.80 -3.45 7.62
C THR D 63 -10.98 -2.17 7.48
N THR D 64 -11.40 -1.14 8.20
CA THR D 64 -10.63 0.08 8.33
C THR D 64 -9.70 0.09 9.52
N LEU D 65 -9.63 -1.02 10.25
CA LEU D 65 -8.72 -1.19 11.38
C LEU D 65 -7.36 -1.64 10.88
N PRO D 66 -6.32 -1.49 11.71
CA PRO D 66 -5.03 -2.09 11.38
C PRO D 66 -5.14 -3.59 11.24
N VAL D 67 -4.29 -4.16 10.38
CA VAL D 67 -4.43 -5.55 9.97
C VAL D 67 -4.33 -6.49 11.17
N ASN D 68 -3.39 -6.24 12.08
CA ASN D 68 -3.24 -7.11 13.24
C ASN D 68 -4.40 -6.97 14.20
N VAL D 69 -4.92 -5.75 14.36
CA VAL D 69 -6.07 -5.52 15.23
C VAL D 69 -7.30 -6.23 14.67
N ALA D 70 -7.52 -6.07 13.37
CA ALA D 70 -8.66 -6.74 12.72
C ALA D 70 -8.51 -8.25 12.79
N PHE D 71 -7.29 -8.76 12.64
CA PHE D 71 -7.05 -10.19 12.74
C PHE D 71 -7.40 -10.70 14.13
N GLU D 72 -6.96 -9.99 15.17
CA GLU D 72 -7.27 -10.41 16.53
C GLU D 72 -8.77 -10.33 16.82
N LEU D 73 -9.44 -9.28 16.34
CA LEU D 73 -10.88 -9.18 16.55
C LEU D 73 -11.63 -10.26 15.82
N TRP D 74 -11.17 -10.63 14.62
CA TRP D 74 -11.80 -11.70 13.86
C TRP D 74 -11.58 -13.06 14.50
N ALA D 75 -10.41 -13.28 15.08
CA ALA D 75 -10.14 -14.55 15.73
C ALA D 75 -10.98 -14.71 16.99
N LYS D 76 -11.34 -13.60 17.65
CA LYS D 76 -12.09 -13.63 18.89
C LYS D 76 -13.57 -13.36 18.68
N ARG D 77 -14.05 -13.51 17.44
CA ARG D 77 -15.47 -13.33 17.16
C ARG D 77 -16.29 -14.42 17.84
N ASN D 78 -17.54 -14.09 18.11
CA ASN D 78 -18.46 -15.05 18.72
C ASN D 78 -18.86 -16.10 17.71
N ILE D 79 -18.60 -17.37 18.02
CA ILE D 79 -18.93 -18.47 17.13
C ILE D 79 -20.16 -19.23 17.60
N LYS D 80 -20.90 -18.68 18.51
CA LYS D 80 -22.22 -19.18 18.89
C LYS D 80 -23.29 -18.43 18.13
N PRO D 81 -24.51 -18.95 18.07
CA PRO D 81 -25.61 -18.20 17.46
C PRO D 81 -25.81 -16.87 18.17
N VAL D 82 -25.80 -15.79 17.41
CA VAL D 82 -25.95 -14.46 17.96
C VAL D 82 -27.06 -13.75 17.20
N PRO D 83 -27.67 -12.73 17.80
CA PRO D 83 -28.66 -11.94 17.06
C PRO D 83 -28.04 -11.34 15.82
N GLU D 84 -28.84 -11.22 14.77
CA GLU D 84 -28.34 -10.59 13.56
C GLU D 84 -27.98 -9.14 13.83
N VAL D 85 -27.04 -8.63 13.04
CA VAL D 85 -26.50 -7.29 13.30
C VAL D 85 -27.60 -6.24 13.20
N LYS D 86 -28.56 -6.43 12.29
CA LYS D 86 -29.63 -5.46 12.15
C LYS D 86 -30.47 -5.36 13.42
N ILE D 87 -30.72 -6.49 14.09
CA ILE D 87 -31.48 -6.47 15.32
C ILE D 87 -30.74 -5.68 16.39
N LEU D 88 -29.45 -5.91 16.53
CA LEU D 88 -28.65 -5.20 17.53
C LEU D 88 -28.59 -3.71 17.21
N ASN D 89 -28.48 -3.36 15.93
CA ASN D 89 -28.49 -1.95 15.55
C ASN D 89 -29.81 -1.30 15.89
N ASN D 90 -30.93 -1.98 15.61
CA ASN D 90 -32.24 -1.39 15.89
C ASN D 90 -32.49 -1.25 17.38
N LEU D 91 -31.82 -2.05 18.21
CA LEU D 91 -31.92 -1.94 19.65
C LEU D 91 -30.96 -0.93 20.23
N GLY D 92 -30.19 -0.25 19.38
CA GLY D 92 -29.28 0.76 19.86
C GLY D 92 -28.05 0.23 20.54
N VAL D 93 -27.67 -1.01 20.27
CA VAL D 93 -26.47 -1.58 20.88
C VAL D 93 -25.24 -0.85 20.35
N ASP D 94 -24.39 -0.40 21.27
CA ASP D 94 -23.17 0.30 20.92
C ASP D 94 -21.93 -0.56 21.04
N ILE D 95 -21.98 -1.60 21.86
CA ILE D 95 -20.78 -2.36 22.21
C ILE D 95 -21.21 -3.66 22.87
N ALA D 96 -20.41 -4.70 22.73
CA ALA D 96 -20.69 -5.98 23.35
C ALA D 96 -19.80 -6.19 24.56
N ALA D 97 -20.32 -6.91 25.54
CA ALA D 97 -19.57 -7.20 26.77
C ALA D 97 -18.75 -8.46 26.56
N ASN D 98 -17.43 -8.30 26.49
CA ASN D 98 -16.48 -9.41 26.50
C ASN D 98 -16.68 -10.37 25.33
N THR D 99 -17.09 -9.84 24.19
CA THR D 99 -17.14 -10.65 22.98
C THR D 99 -17.12 -9.74 21.77
N VAL D 100 -16.82 -10.32 20.62
CA VAL D 100 -16.80 -9.61 19.35
C VAL D 100 -17.94 -10.15 18.50
N ILE D 101 -18.83 -9.26 18.09
CA ILE D 101 -19.84 -9.58 17.09
C ILE D 101 -19.26 -9.24 15.73
N TRP D 102 -19.11 -10.25 14.89
CA TRP D 102 -18.54 -10.06 13.56
C TRP D 102 -19.66 -9.80 12.57
N ASP D 103 -19.53 -8.74 11.79
CA ASP D 103 -20.47 -8.43 10.71
C ASP D 103 -19.94 -9.08 9.46
N TYR D 104 -20.53 -10.21 9.07
CA TYR D 104 -20.06 -10.94 7.90
C TYR D 104 -20.45 -10.28 6.59
N LYS D 105 -21.50 -9.46 6.58
CA LYS D 105 -21.83 -8.70 5.39
C LYS D 105 -20.79 -7.61 5.13
N ARG D 106 -20.36 -6.93 6.18
CA ARG D 106 -19.29 -5.95 6.06
C ARG D 106 -17.90 -6.54 6.18
N ASP D 107 -17.79 -7.80 6.63
CA ASP D 107 -16.51 -8.45 6.87
C ASP D 107 -15.65 -7.64 7.84
N ALA D 108 -16.28 -7.24 8.94
CA ALA D 108 -15.69 -6.29 9.88
C ALA D 108 -16.37 -6.48 11.22
N PRO D 109 -15.77 -6.00 12.31
CA PRO D 109 -16.47 -6.03 13.59
C PRO D 109 -17.75 -5.21 13.54
N ALA D 110 -18.77 -5.69 14.23
CA ALA D 110 -20.03 -4.96 14.24
C ALA D 110 -19.93 -3.64 14.97
N HIS D 111 -19.02 -3.52 15.93
CA HIS D 111 -18.91 -2.34 16.76
C HIS D 111 -17.47 -1.84 16.76
N ILE D 112 -17.33 -0.52 16.95
CA ILE D 112 -16.02 0.13 16.87
C ILE D 112 -15.14 -0.27 18.03
N SER D 113 -15.68 -0.24 19.25
CA SER D 113 -14.91 -0.51 20.45
C SER D 113 -15.30 -1.86 21.02
N THR D 114 -14.49 -2.35 21.96
CA THR D 114 -14.73 -3.60 22.64
C THR D 114 -14.60 -3.38 24.14
N ILE D 115 -15.00 -4.41 24.90
CA ILE D 115 -14.87 -4.42 26.35
C ILE D 115 -14.15 -5.71 26.70
N GLY D 116 -12.87 -5.61 27.08
CA GLY D 116 -12.10 -6.77 27.44
C GLY D 116 -11.82 -7.74 26.31
N VAL D 117 -11.45 -7.24 25.14
CA VAL D 117 -11.14 -8.10 24.01
C VAL D 117 -9.75 -7.81 23.47
N CYS D 118 -9.54 -6.59 22.99
CA CYS D 118 -8.29 -6.20 22.34
C CYS D 118 -7.79 -4.90 22.94
N SER D 119 -6.50 -4.84 23.25
CA SER D 119 -5.94 -3.66 23.87
C SER D 119 -6.06 -2.43 22.97
N MET D 120 -6.01 -2.63 21.66
CA MET D 120 -6.09 -1.50 20.73
C MET D 120 -7.50 -1.00 20.53
N THR D 121 -8.52 -1.76 20.92
CA THR D 121 -9.90 -1.35 20.75
C THR D 121 -10.69 -1.28 22.04
N ASP D 122 -10.18 -1.81 23.15
CA ASP D 122 -10.91 -1.77 24.41
C ASP D 122 -11.05 -0.34 24.90
N ILE D 123 -12.28 0.01 25.27
CA ILE D 123 -12.51 1.21 26.06
C ILE D 123 -12.58 0.89 27.55
N ALA D 124 -12.77 -0.38 27.90
CA ALA D 124 -12.81 -0.83 29.29
C ALA D 124 -12.49 -2.31 29.31
N LYS D 125 -12.18 -2.83 30.48
CA LYS D 125 -11.94 -4.24 30.66
C LYS D 125 -13.16 -5.00 31.15
N LYS D 126 -14.09 -4.30 31.80
CA LYS D 126 -15.36 -4.85 32.24
C LYS D 126 -16.46 -3.85 31.93
N PRO D 127 -17.69 -4.31 31.69
CA PRO D 127 -18.78 -3.38 31.39
C PRO D 127 -19.24 -2.57 32.59
N THR D 128 -18.74 -2.88 33.79
CA THR D 128 -19.13 -2.15 34.99
C THR D 128 -18.40 -0.82 35.14
N GLU D 129 -17.38 -0.57 34.34
CA GLU D 129 -16.61 0.66 34.46
C GLU D 129 -17.43 1.87 34.03
N THR D 130 -17.00 3.05 34.49
CA THR D 130 -17.78 4.26 34.32
C THR D 130 -17.95 4.62 32.84
N ILE D 131 -16.94 4.34 32.02
CA ILE D 131 -17.00 4.71 30.61
C ILE D 131 -18.13 3.98 29.90
N CYS D 132 -18.48 2.77 30.36
CA CYS D 132 -19.49 1.97 29.71
C CYS D 132 -20.92 2.34 30.12
N ALA D 133 -21.08 3.14 31.16
CA ALA D 133 -22.43 3.42 31.67
C ALA D 133 -23.32 4.12 30.65
N PRO D 134 -22.89 5.18 29.95
CA PRO D 134 -23.77 5.79 28.96
C PRO D 134 -23.97 4.95 27.70
N LEU D 135 -23.14 3.94 27.48
CA LEU D 135 -23.24 3.11 26.28
C LEU D 135 -24.22 1.97 26.49
N THR D 136 -24.95 1.62 25.44
CA THR D 136 -25.82 0.45 25.47
C THR D 136 -24.97 -0.78 25.20
N VAL D 137 -24.78 -1.59 26.24
CA VAL D 137 -23.92 -2.75 26.17
C VAL D 137 -24.75 -3.99 25.89
N PHE D 138 -24.26 -4.85 25.02
CA PHE D 138 -24.93 -6.11 24.71
C PHE D 138 -24.46 -7.19 25.68
N PHE D 139 -25.41 -7.84 26.33
CA PHE D 139 -25.14 -8.90 27.29
C PHE D 139 -25.75 -10.20 26.79
N ASP D 140 -24.98 -11.27 26.90
CA ASP D 140 -25.39 -12.60 26.49
C ASP D 140 -25.68 -13.42 27.74
N GLY D 141 -26.93 -13.86 27.88
CA GLY D 141 -27.30 -14.65 29.04
C GLY D 141 -26.75 -16.05 29.04
N ARG D 142 -26.23 -16.52 27.90
CA ARG D 142 -25.60 -17.84 27.84
C ARG D 142 -24.21 -17.86 28.43
N VAL D 143 -23.61 -16.69 28.65
CA VAL D 143 -22.33 -16.59 29.34
C VAL D 143 -22.60 -16.30 30.80
N ASP D 144 -21.95 -17.05 31.69
CA ASP D 144 -22.27 -16.99 33.10
C ASP D 144 -21.91 -15.63 33.70
N GLY D 145 -22.84 -15.06 34.47
CA GLY D 145 -22.62 -13.83 35.16
C GLY D 145 -23.10 -12.59 34.44
N GLN D 146 -23.33 -12.67 33.13
CA GLN D 146 -23.71 -11.48 32.37
C GLN D 146 -25.13 -11.04 32.64
N VAL D 147 -25.99 -11.91 33.16
CA VAL D 147 -27.33 -11.49 33.54
C VAL D 147 -27.25 -10.49 34.69
N ASP D 148 -26.41 -10.77 35.68
CA ASP D 148 -26.22 -9.84 36.78
C ASP D 148 -25.57 -8.55 36.31
N LEU D 149 -24.65 -8.64 35.35
CA LEU D 149 -24.06 -7.45 34.78
C LEU D 149 -25.11 -6.58 34.10
N PHE D 150 -26.04 -7.22 33.39
CA PHE D 150 -27.16 -6.46 32.81
C PHE D 150 -28.04 -5.86 33.90
N ARG D 151 -28.27 -6.60 34.98
CA ARG D 151 -29.08 -6.07 36.08
C ARG D 151 -28.44 -4.82 36.66
N ASN D 152 -27.13 -4.83 36.83
CA ASN D 152 -26.42 -3.66 37.36
C ASN D 152 -26.11 -2.63 36.30
N ALA D 153 -26.32 -2.95 35.03
CA ALA D 153 -26.00 -2.04 33.94
C ALA D 153 -27.00 -0.90 33.89
N ARG D 154 -26.51 0.28 33.52
CA ARG D 154 -27.39 1.43 33.34
C ARG D 154 -28.11 1.37 32.01
N ASN D 155 -27.38 1.14 30.93
CA ASN D 155 -27.96 0.93 29.61
C ASN D 155 -27.47 -0.40 29.09
N GLY D 156 -28.37 -1.17 28.47
CA GLY D 156 -27.95 -2.44 27.94
C GLY D 156 -29.10 -3.17 27.28
N VAL D 157 -28.73 -4.20 26.52
CA VAL D 157 -29.66 -5.14 25.92
C VAL D 157 -29.18 -6.53 26.26
N LEU D 158 -30.03 -7.32 26.90
CA LEU D 158 -29.71 -8.67 27.30
C LEU D 158 -30.47 -9.66 26.42
N ILE D 159 -29.80 -10.73 26.02
CA ILE D 159 -30.46 -11.85 25.35
C ILE D 159 -30.29 -13.09 26.21
N THR D 160 -31.36 -13.87 26.31
CA THR D 160 -31.32 -15.13 27.03
C THR D 160 -32.01 -16.21 26.22
N GLU D 161 -31.68 -17.45 26.52
CA GLU D 161 -32.38 -18.59 25.93
C GLU D 161 -33.55 -19.05 26.79
N GLY D 162 -33.66 -18.55 28.01
CA GLY D 162 -34.75 -18.94 28.88
C GLY D 162 -35.36 -17.76 29.59
N SER D 163 -36.07 -18.02 30.69
CA SER D 163 -36.74 -16.97 31.43
C SER D 163 -35.80 -16.36 32.46
N VAL D 164 -36.01 -15.07 32.73
CA VAL D 164 -35.22 -14.33 33.70
C VAL D 164 -36.18 -13.80 34.77
N LYS D 165 -35.88 -14.09 36.02
CA LYS D 165 -36.76 -13.73 37.12
C LYS D 165 -36.84 -12.23 37.31
N GLY D 166 -38.05 -11.71 37.43
CA GLY D 166 -38.27 -10.30 37.65
C GLY D 166 -38.30 -9.45 36.40
N LEU D 167 -38.09 -10.04 35.23
CA LEU D 167 -38.06 -9.29 33.98
C LEU D 167 -39.02 -9.94 32.99
N GLN D 168 -39.90 -9.13 32.40
CA GLN D 168 -40.82 -9.64 31.40
C GLN D 168 -40.12 -9.81 30.07
N PRO D 169 -40.09 -11.00 29.50
CA PRO D 169 -39.33 -11.22 28.27
C PRO D 169 -40.02 -10.64 27.04
N SER D 170 -39.23 -10.46 25.99
CA SER D 170 -39.72 -10.13 24.66
C SER D 170 -39.15 -11.15 23.71
N VAL D 171 -40.03 -11.92 23.07
CA VAL D 171 -39.59 -12.98 22.17
C VAL D 171 -39.08 -12.37 20.88
N GLY D 172 -37.85 -12.72 20.50
CA GLY D 172 -37.25 -12.19 19.31
C GLY D 172 -37.51 -13.02 18.09
N PRO D 173 -36.75 -12.81 17.03
CA PRO D 173 -36.93 -13.58 15.80
C PRO D 173 -36.52 -15.04 16.01
N LYS D 174 -37.08 -15.91 15.17
CA LYS D 174 -36.75 -17.32 15.23
C LYS D 174 -35.33 -17.59 14.78
N GLN D 175 -34.82 -16.82 13.84
CA GLN D 175 -33.51 -17.06 13.27
C GLN D 175 -32.44 -16.28 14.00
N ALA D 176 -31.21 -16.78 13.91
CA ALA D 176 -30.04 -16.09 14.43
C ALA D 176 -28.87 -16.40 13.53
N SER D 177 -27.79 -15.66 13.71
CA SER D 177 -26.59 -15.80 12.89
C SER D 177 -25.59 -16.70 13.60
N LEU D 178 -25.11 -17.71 12.90
CA LEU D 178 -24.08 -18.62 13.40
C LEU D 178 -22.96 -18.66 12.37
N ASN D 179 -21.81 -18.09 12.73
CA ASN D 179 -20.65 -18.01 11.84
C ASN D 179 -20.99 -17.35 10.51
N GLY D 180 -21.89 -16.38 10.55
CA GLY D 180 -22.31 -15.68 9.35
C GLY D 180 -23.46 -16.33 8.62
N VAL D 181 -23.94 -17.47 9.07
CA VAL D 181 -25.02 -18.20 8.42
C VAL D 181 -26.30 -17.94 9.20
N THR D 182 -27.29 -17.34 8.56
CA THR D 182 -28.56 -17.11 9.21
C THR D 182 -29.36 -18.41 9.20
N LEU D 183 -29.83 -18.83 10.36
CA LEU D 183 -30.55 -20.10 10.43
C LEU D 183 -31.50 -20.09 11.60
N ILE D 184 -32.55 -20.89 11.47
CA ILE D 184 -33.44 -21.21 12.58
C ILE D 184 -32.93 -22.51 13.19
N GLY D 185 -32.51 -22.46 14.44
CA GLY D 185 -31.76 -23.56 15.01
C GLY D 185 -32.64 -24.75 15.31
N GLU D 186 -32.09 -25.94 15.05
CA GLU D 186 -32.69 -27.20 15.45
C GLU D 186 -31.84 -27.91 16.50
N ALA D 187 -30.57 -28.17 16.20
CA ALA D 187 -29.66 -28.72 17.19
C ALA D 187 -29.20 -27.66 18.18
N VAL D 188 -29.34 -26.38 17.83
CA VAL D 188 -28.94 -25.27 18.67
C VAL D 188 -30.10 -24.30 18.76
N LYS D 189 -30.16 -23.54 19.84
CA LYS D 189 -31.26 -22.64 20.10
C LYS D 189 -30.94 -21.26 19.53
N THR D 190 -31.77 -20.79 18.60
CA THR D 190 -31.59 -19.47 18.00
C THR D 190 -32.69 -18.49 18.37
N GLN D 191 -33.67 -18.90 19.18
CA GLN D 191 -34.76 -18.03 19.60
C GLN D 191 -34.40 -17.44 20.97
N PHE D 192 -34.31 -16.12 21.03
CA PHE D 192 -33.84 -15.43 22.22
C PHE D 192 -34.94 -14.57 22.81
N ASN D 193 -34.98 -14.50 24.14
CA ASN D 193 -35.72 -13.47 24.84
C ASN D 193 -34.85 -12.23 24.95
N TYR D 194 -35.43 -11.07 24.68
CA TYR D 194 -34.72 -9.80 24.67
C TYR D 194 -35.20 -8.91 25.81
N TYR D 195 -34.27 -8.27 26.49
CA TYR D 195 -34.54 -7.32 27.54
C TYR D 195 -33.73 -6.06 27.28
N LYS D 196 -34.27 -4.91 27.64
CA LYS D 196 -33.58 -3.65 27.42
C LYS D 196 -33.69 -2.77 28.65
N LYS D 197 -32.59 -2.12 29.01
CA LYS D 197 -32.57 -1.14 30.08
C LYS D 197 -31.99 0.16 29.56
N VAL D 198 -32.72 1.24 29.79
CA VAL D 198 -32.30 2.59 29.44
C VAL D 198 -32.28 3.42 30.71
N ASP D 199 -31.15 4.10 30.95
CA ASP D 199 -31.00 4.97 32.11
C ASP D 199 -31.29 4.23 33.41
N GLY D 200 -31.00 2.94 33.45
CA GLY D 200 -31.19 2.15 34.64
C GLY D 200 -32.58 1.56 34.82
N VAL D 201 -33.52 1.85 33.92
CA VAL D 201 -34.88 1.36 34.05
C VAL D 201 -35.20 0.45 32.88
N VAL D 202 -35.88 -0.66 33.15
CA VAL D 202 -36.21 -1.62 32.12
C VAL D 202 -37.29 -1.06 31.22
N GLN D 203 -37.08 -1.18 29.91
CA GLN D 203 -38.05 -0.74 28.91
C GLN D 203 -38.85 -1.94 28.44
N GLN D 204 -40.10 -1.68 28.06
CA GLN D 204 -40.97 -2.69 27.48
C GLN D 204 -40.80 -2.64 25.97
N LEU D 205 -40.14 -3.66 25.41
CA LEU D 205 -39.93 -3.67 23.98
C LEU D 205 -41.27 -3.81 23.26
N PRO D 206 -41.54 -3.03 22.23
CA PRO D 206 -42.85 -3.07 21.59
C PRO D 206 -43.07 -4.38 20.83
N GLU D 207 -44.34 -4.72 20.66
CA GLU D 207 -44.68 -5.82 19.79
C GLU D 207 -44.21 -5.51 18.37
N THR D 208 -43.60 -6.49 17.72
CA THR D 208 -42.89 -6.20 16.48
C THR D 208 -43.01 -7.36 15.52
N TYR D 209 -42.91 -7.06 14.24
CA TYR D 209 -42.67 -8.06 13.22
C TYR D 209 -41.17 -8.23 13.02
N PHE D 210 -40.79 -9.34 12.42
CA PHE D 210 -39.38 -9.62 12.16
C PHE D 210 -39.19 -10.01 10.71
N THR D 211 -38.12 -9.49 10.11
CA THR D 211 -37.77 -9.90 8.76
C THR D 211 -37.22 -11.33 8.79
N GLN D 212 -37.28 -11.98 7.63
CA GLN D 212 -36.94 -13.39 7.53
C GLN D 212 -35.48 -13.65 7.19
N SER D 213 -34.74 -12.62 6.77
CA SER D 213 -33.31 -12.73 6.51
C SER D 213 -33.01 -13.79 5.46
N ARG D 214 -33.86 -13.89 4.44
CA ARG D 214 -33.67 -14.89 3.41
C ARG D 214 -32.81 -14.34 2.29
N ASN D 215 -32.44 -15.21 1.36
CA ASN D 215 -31.55 -14.85 0.27
C ASN D 215 -32.28 -15.02 -1.05
N LEU D 216 -31.92 -14.19 -2.03
CA LEU D 216 -32.58 -14.25 -3.32
C LEU D 216 -32.34 -15.58 -4.02
N GLN D 217 -31.09 -16.04 -4.07
CA GLN D 217 -30.79 -17.23 -4.85
C GLN D 217 -31.41 -18.48 -4.23
N GLU D 218 -31.23 -18.66 -2.92
CA GLU D 218 -31.74 -19.84 -2.22
C GLU D 218 -33.03 -19.53 -1.48
N PHE D 219 -33.93 -18.76 -2.09
CA PHE D 219 -35.18 -18.43 -1.43
C PHE D 219 -36.05 -19.67 -1.27
N LYS D 220 -36.58 -19.85 -0.06
CA LYS D 220 -37.46 -20.97 0.24
C LYS D 220 -38.69 -20.44 0.98
N PRO D 221 -39.90 -20.76 0.52
CA PRO D 221 -41.10 -20.28 1.19
C PRO D 221 -41.23 -20.84 2.60
N ARG D 222 -41.83 -20.03 3.48
CA ARG D 222 -42.02 -20.40 4.88
C ARG D 222 -43.48 -20.37 5.29
N SER D 223 -44.41 -20.37 4.34
CA SER D 223 -45.83 -20.41 4.64
C SER D 223 -46.57 -20.96 3.43
N GLN D 224 -47.81 -21.37 3.65
CA GLN D 224 -48.64 -21.80 2.53
C GLN D 224 -48.92 -20.64 1.58
N MET D 225 -49.11 -19.43 2.12
CA MET D 225 -49.31 -18.27 1.27
C MET D 225 -48.09 -18.01 0.40
N GLU D 226 -46.89 -18.15 0.95
CA GLU D 226 -45.68 -17.97 0.16
C GLU D 226 -45.54 -19.05 -0.91
N ILE D 227 -45.90 -20.29 -0.58
CA ILE D 227 -45.86 -21.36 -1.56
C ILE D 227 -46.83 -21.05 -2.70
N ASP D 228 -48.03 -20.59 -2.36
CA ASP D 228 -48.99 -20.21 -3.39
C ASP D 228 -48.46 -19.06 -4.24
N PHE D 229 -47.84 -18.07 -3.62
CA PHE D 229 -47.28 -16.95 -4.37
C PHE D 229 -46.22 -17.41 -5.34
N LEU D 230 -45.34 -18.31 -4.91
CA LEU D 230 -44.27 -18.76 -5.79
C LEU D 230 -44.80 -19.69 -6.88
N GLU D 231 -45.88 -20.41 -6.61
CA GLU D 231 -46.41 -21.38 -7.57
C GLU D 231 -47.55 -20.83 -8.41
N LEU D 232 -48.53 -20.20 -7.78
CA LEU D 232 -49.67 -19.67 -8.52
C LEU D 232 -49.26 -18.48 -9.37
N ALA D 233 -50.00 -18.26 -10.45
CA ALA D 233 -49.82 -17.07 -11.24
C ALA D 233 -50.28 -15.84 -10.45
N MET D 234 -49.97 -14.66 -10.99
CA MET D 234 -50.28 -13.41 -10.30
C MET D 234 -51.78 -13.28 -10.04
N ASP D 235 -52.59 -13.40 -11.10
CA ASP D 235 -54.03 -13.27 -10.94
C ASP D 235 -54.60 -14.40 -10.08
N GLU D 236 -54.11 -15.63 -10.30
CA GLU D 236 -54.61 -16.76 -9.53
C GLU D 236 -54.33 -16.58 -8.04
N PHE D 237 -53.11 -16.19 -7.69
CA PHE D 237 -52.78 -15.99 -6.28
C PHE D 237 -53.56 -14.82 -5.69
N ILE D 238 -53.66 -13.72 -6.43
CA ILE D 238 -54.38 -12.56 -5.91
C ILE D 238 -55.84 -12.91 -5.65
N GLU D 239 -56.46 -13.67 -6.57
CA GLU D 239 -57.83 -14.09 -6.39
C GLU D 239 -57.98 -15.05 -5.21
N ARG D 240 -57.04 -15.98 -5.05
CA ARG D 240 -57.20 -17.01 -4.02
C ARG D 240 -57.21 -16.40 -2.63
N TYR D 241 -56.35 -15.41 -2.38
CA TYR D 241 -56.27 -14.75 -1.09
C TYR D 241 -57.00 -13.42 -1.05
N LYS D 242 -57.94 -13.21 -1.99
CA LYS D 242 -58.75 -12.00 -2.11
C LYS D 242 -57.93 -10.73 -1.81
N LEU D 243 -56.86 -10.57 -2.58
CA LEU D 243 -55.96 -9.44 -2.47
C LEU D 243 -56.26 -8.35 -3.49
N GLU D 244 -57.44 -8.38 -4.11
CA GLU D 244 -57.79 -7.34 -5.07
C GLU D 244 -57.88 -5.99 -4.38
N GLY D 245 -57.44 -4.94 -5.08
CA GLY D 245 -57.48 -3.60 -4.55
C GLY D 245 -56.29 -3.19 -3.72
N TYR D 246 -55.30 -4.06 -3.51
CA TYR D 246 -54.11 -3.71 -2.76
C TYR D 246 -52.86 -3.63 -3.63
N ALA D 247 -53.02 -3.56 -4.95
CA ALA D 247 -51.90 -3.31 -5.87
C ALA D 247 -50.79 -4.35 -5.74
N PHE D 248 -51.17 -5.60 -5.45
CA PHE D 248 -50.18 -6.65 -5.34
C PHE D 248 -49.45 -6.89 -6.66
N GLU D 249 -50.11 -6.62 -7.79
CA GLU D 249 -49.46 -6.77 -9.09
C GLU D 249 -48.28 -5.84 -9.26
N HIS D 250 -48.21 -4.77 -8.46
CA HIS D 250 -47.13 -3.80 -8.55
C HIS D 250 -46.25 -3.79 -7.32
N ILE D 251 -46.83 -3.83 -6.12
CA ILE D 251 -46.04 -3.73 -4.89
C ILE D 251 -45.12 -4.94 -4.75
N VAL D 252 -45.64 -6.12 -5.01
CA VAL D 252 -44.94 -7.37 -4.71
C VAL D 252 -44.41 -8.03 -5.97
N TYR D 253 -45.24 -8.18 -7.00
CA TYR D 253 -44.84 -8.92 -8.20
C TYR D 253 -43.81 -8.14 -9.01
N GLY D 254 -43.98 -6.84 -9.14
CA GLY D 254 -43.03 -6.05 -9.90
C GLY D 254 -43.47 -5.85 -11.34
N ASP D 255 -43.26 -4.64 -11.83
CA ASP D 255 -43.61 -4.25 -13.20
C ASP D 255 -42.35 -4.04 -14.00
N PHE D 256 -42.29 -4.66 -15.18
CA PHE D 256 -41.12 -4.58 -16.05
C PHE D 256 -41.44 -4.03 -17.44
N SER D 257 -42.61 -3.43 -17.61
CA SER D 257 -43.02 -2.96 -18.93
C SER D 257 -42.37 -1.65 -19.33
N HIS D 258 -41.92 -0.85 -18.37
CA HIS D 258 -41.31 0.44 -18.64
C HIS D 258 -39.82 0.39 -18.39
N SER D 259 -39.11 1.41 -18.88
CA SER D 259 -37.69 1.50 -18.65
C SER D 259 -37.35 1.65 -17.17
N GLN D 260 -38.29 2.13 -16.37
CA GLN D 260 -38.12 2.23 -14.93
C GLN D 260 -38.89 1.11 -14.25
N LEU D 261 -38.18 0.33 -13.45
CA LEU D 261 -38.79 -0.81 -12.76
C LEU D 261 -39.81 -0.33 -11.74
N GLY D 262 -40.90 -1.08 -11.62
CA GLY D 262 -41.99 -0.76 -10.73
C GLY D 262 -42.15 -1.76 -9.60
N GLY D 263 -42.33 -1.25 -8.39
CA GLY D 263 -42.58 -2.12 -7.25
C GLY D 263 -41.45 -3.07 -6.92
N LEU D 264 -41.80 -4.33 -6.65
CA LEU D 264 -40.82 -5.35 -6.29
C LEU D 264 -40.11 -4.97 -4.99
N HIS D 265 -40.91 -4.65 -3.97
CA HIS D 265 -40.45 -4.18 -2.67
C HIS D 265 -40.42 -5.24 -1.59
N LEU D 266 -40.75 -6.49 -1.93
CA LEU D 266 -40.60 -7.61 -1.01
C LEU D 266 -39.70 -8.65 -1.64
N LEU D 267 -38.85 -9.27 -0.82
CA LEU D 267 -37.87 -10.21 -1.34
C LEU D 267 -38.52 -11.41 -2.01
N ILE D 268 -39.74 -11.76 -1.63
CA ILE D 268 -40.39 -12.93 -2.23
C ILE D 268 -40.71 -12.65 -3.70
N GLY D 269 -41.10 -11.41 -4.02
CA GLY D 269 -41.32 -11.05 -5.41
C GLY D 269 -40.06 -11.11 -6.23
N LEU D 270 -38.95 -10.61 -5.66
CA LEU D 270 -37.66 -10.74 -6.33
C LEU D 270 -37.30 -12.19 -6.56
N ALA D 271 -37.58 -13.05 -5.58
CA ALA D 271 -37.27 -14.47 -5.74
C ALA D 271 -38.09 -15.09 -6.86
N LYS D 272 -39.38 -14.75 -6.93
CA LYS D 272 -40.22 -15.29 -7.99
C LYS D 272 -39.71 -14.84 -9.36
N ARG D 273 -39.38 -13.56 -9.49
CA ARG D 273 -38.85 -13.06 -10.76
C ARG D 273 -37.52 -13.72 -11.09
N PHE D 274 -36.65 -13.88 -10.09
CA PHE D 274 -35.34 -14.46 -10.32
C PHE D 274 -35.45 -15.90 -10.80
N LYS D 275 -36.35 -16.67 -10.22
CA LYS D 275 -36.61 -18.00 -10.78
C LYS D 275 -37.22 -17.91 -12.16
N GLU D 276 -37.99 -16.86 -12.43
CA GLU D 276 -38.51 -16.65 -13.77
C GLU D 276 -37.40 -16.22 -14.73
N SER D 277 -36.57 -15.26 -14.32
CA SER D 277 -35.50 -14.75 -15.18
C SER D 277 -34.48 -14.01 -14.34
N PRO D 278 -33.19 -14.17 -14.60
CA PRO D 278 -32.17 -13.51 -13.78
C PRO D 278 -32.17 -12.01 -13.96
N PHE D 279 -31.70 -11.31 -12.93
CA PHE D 279 -31.48 -9.88 -12.98
C PHE D 279 -30.29 -9.53 -12.09
N GLU D 280 -29.84 -8.29 -12.20
CA GLU D 280 -28.70 -7.80 -11.46
C GLU D 280 -29.16 -6.97 -10.27
N LEU D 281 -28.67 -7.30 -9.09
CA LEU D 281 -28.85 -6.50 -7.89
C LEU D 281 -27.52 -5.90 -7.49
N GLU D 282 -27.47 -4.59 -7.34
CA GLU D 282 -26.27 -3.89 -6.88
C GLU D 282 -26.56 -3.35 -5.49
N ASP D 283 -25.88 -3.93 -4.49
CA ASP D 283 -26.02 -3.50 -3.10
C ASP D 283 -24.98 -2.42 -2.86
N PHE D 284 -25.36 -1.17 -3.13
CA PHE D 284 -24.40 -0.08 -3.06
C PHE D 284 -24.10 0.36 -1.64
N ILE D 285 -24.83 -0.15 -0.64
CA ILE D 285 -24.48 0.07 0.76
C ILE D 285 -24.44 -1.31 1.41
N PRO D 286 -23.39 -2.07 1.21
CA PRO D 286 -23.38 -3.47 1.64
C PRO D 286 -23.27 -3.66 3.14
N MET D 287 -24.37 -3.48 3.85
CA MET D 287 -24.44 -3.75 5.27
C MET D 287 -25.76 -4.43 5.57
N ASP D 288 -26.06 -4.65 6.84
CA ASP D 288 -27.26 -5.35 7.23
C ASP D 288 -28.28 -4.35 7.76
N SER D 289 -29.47 -4.36 7.18
CA SER D 289 -30.53 -3.45 7.58
C SER D 289 -31.87 -4.14 7.44
N THR D 290 -32.86 -3.63 8.16
CA THR D 290 -34.23 -4.11 7.98
C THR D 290 -34.72 -3.85 6.56
N VAL D 291 -34.41 -2.68 6.02
CA VAL D 291 -34.75 -2.31 4.66
C VAL D 291 -33.46 -2.14 3.87
N LYS D 292 -33.39 -2.79 2.70
CA LYS D 292 -32.21 -2.73 1.85
C LYS D 292 -32.55 -1.95 0.59
N ASN D 293 -31.60 -1.17 0.11
CA ASN D 293 -31.75 -0.44 -1.15
C ASN D 293 -30.86 -1.08 -2.19
N TYR D 294 -31.41 -1.32 -3.38
CA TYR D 294 -30.69 -1.99 -4.44
C TYR D 294 -30.78 -1.19 -5.73
N PHE D 295 -29.76 -1.34 -6.55
CA PHE D 295 -29.76 -0.88 -7.93
C PHE D 295 -30.07 -2.12 -8.76
N ILE D 296 -31.29 -2.21 -9.25
CA ILE D 296 -31.78 -3.43 -9.89
C ILE D 296 -31.85 -3.19 -11.39
N THR D 297 -31.31 -4.14 -12.15
CA THR D 297 -31.36 -4.12 -13.61
C THR D 297 -31.97 -5.43 -14.07
N ASP D 298 -33.16 -5.36 -14.66
CA ASP D 298 -33.82 -6.57 -15.16
C ASP D 298 -33.16 -6.98 -16.47
N ALA D 299 -32.49 -8.13 -16.48
CA ALA D 299 -31.74 -8.56 -17.64
C ALA D 299 -32.64 -8.93 -18.81
N GLN D 300 -33.89 -9.31 -18.54
CA GLN D 300 -34.79 -9.73 -19.61
C GLN D 300 -35.33 -8.54 -20.39
N THR D 301 -35.92 -7.57 -19.68
CA THR D 301 -36.56 -6.44 -20.34
C THR D 301 -35.71 -5.18 -20.35
N GLY D 302 -34.64 -5.12 -19.57
CA GLY D 302 -33.90 -3.89 -19.43
C GLY D 302 -34.50 -2.89 -18.47
N SER D 303 -35.56 -3.26 -17.77
CA SER D 303 -36.17 -2.36 -16.80
C SER D 303 -35.26 -2.23 -15.58
N SER D 304 -35.06 -1.00 -15.13
CA SER D 304 -34.09 -0.73 -14.07
C SER D 304 -34.66 0.28 -13.08
N LYS D 305 -34.11 0.27 -11.88
CA LYS D 305 -34.41 1.29 -10.88
C LYS D 305 -33.17 1.52 -10.05
N CYS D 306 -32.75 2.78 -9.96
CA CYS D 306 -31.53 3.11 -9.25
C CYS D 306 -31.64 2.78 -7.76
N VAL D 307 -32.78 3.08 -7.15
CA VAL D 307 -33.02 2.83 -5.74
C VAL D 307 -34.33 2.08 -5.62
N CYS D 308 -34.25 0.80 -5.25
CA CYS D 308 -35.41 -0.01 -4.95
C CYS D 308 -35.30 -0.46 -3.50
N SER D 309 -36.36 -0.23 -2.72
CA SER D 309 -36.39 -0.59 -1.32
C SER D 309 -37.03 -1.97 -1.17
N VAL D 310 -36.33 -2.88 -0.50
CA VAL D 310 -36.74 -4.26 -0.34
C VAL D 310 -36.74 -4.58 1.14
N ILE D 311 -37.81 -5.21 1.61
CA ILE D 311 -37.90 -5.72 2.98
C ILE D 311 -38.36 -7.16 2.91
N ASP D 312 -37.72 -8.02 3.71
CA ASP D 312 -38.01 -9.46 3.67
C ASP D 312 -38.95 -9.85 4.82
N LEU D 313 -40.17 -9.33 4.75
CA LEU D 313 -41.20 -9.77 5.66
C LEU D 313 -41.83 -11.06 5.17
N LEU D 314 -42.40 -11.82 6.09
CA LEU D 314 -43.22 -12.95 5.71
C LEU D 314 -44.47 -12.43 5.00
N LEU D 315 -44.85 -13.11 3.91
CA LEU D 315 -45.96 -12.62 3.09
C LEU D 315 -47.24 -12.51 3.90
N ASP D 316 -47.46 -13.43 4.83
CA ASP D 316 -48.61 -13.33 5.72
C ASP D 316 -48.56 -12.06 6.55
N ASP D 317 -47.39 -11.75 7.10
CA ASP D 317 -47.24 -10.52 7.88
C ASP D 317 -47.46 -9.29 7.01
N PHE D 318 -46.95 -9.31 5.78
CA PHE D 318 -47.11 -8.15 4.91
C PHE D 318 -48.57 -7.94 4.53
N VAL D 319 -49.29 -9.01 4.20
CA VAL D 319 -50.70 -8.83 3.84
C VAL D 319 -51.50 -8.42 5.07
N GLU D 320 -51.14 -8.93 6.25
CA GLU D 320 -51.81 -8.49 7.48
C GLU D 320 -51.57 -7.01 7.72
N ILE D 321 -50.36 -6.53 7.47
CA ILE D 321 -50.06 -5.12 7.65
C ILE D 321 -50.82 -4.27 6.64
N ILE D 322 -50.84 -4.69 5.37
CA ILE D 322 -51.45 -3.87 4.35
C ILE D 322 -52.96 -3.88 4.43
N LYS D 323 -53.55 -4.93 5.01
CA LYS D 323 -54.99 -4.97 5.21
C LYS D 323 -55.43 -4.23 6.46
N SER D 324 -54.49 -3.79 7.31
CA SER D 324 -54.83 -3.08 8.53
C SER D 324 -54.83 -1.57 8.34
N GLN D 325 -54.57 -1.08 7.14
CA GLN D 325 -54.49 0.34 6.85
C GLN D 325 -55.69 0.75 6.02
N ASP D 326 -56.44 1.73 6.50
CA ASP D 326 -57.53 2.29 5.71
C ASP D 326 -56.98 3.02 4.49
N LEU D 327 -57.69 2.89 3.37
CA LEU D 327 -57.23 3.40 2.10
C LEU D 327 -57.97 4.68 1.70
N SER D 328 -58.37 5.47 2.69
CA SER D 328 -59.09 6.71 2.45
C SER D 328 -58.16 7.92 2.37
N VAL D 329 -56.86 7.72 2.53
CA VAL D 329 -55.88 8.80 2.46
C VAL D 329 -55.14 8.68 1.14
N VAL D 330 -55.03 9.80 0.41
CA VAL D 330 -54.37 9.77 -0.89
C VAL D 330 -52.88 9.49 -0.73
N SER D 331 -52.25 10.09 0.28
CA SER D 331 -50.81 9.90 0.49
C SER D 331 -50.50 10.06 1.97
N LYS D 332 -49.74 9.12 2.51
CA LYS D 332 -49.36 9.19 3.91
C LYS D 332 -48.13 8.34 4.17
N VAL D 333 -47.63 8.43 5.40
CA VAL D 333 -46.50 7.64 5.88
C VAL D 333 -47.00 6.80 7.04
N VAL D 334 -46.78 5.49 6.97
CA VAL D 334 -47.26 4.55 7.98
C VAL D 334 -46.06 4.00 8.73
N LYS D 335 -46.15 3.98 10.06
CA LYS D 335 -45.09 3.46 10.90
C LYS D 335 -45.43 2.03 11.31
N VAL D 336 -44.57 1.09 10.96
CA VAL D 336 -44.74 -0.31 11.32
C VAL D 336 -43.52 -0.74 12.13
N THR D 337 -43.76 -1.32 13.31
CA THR D 337 -42.65 -1.74 14.15
C THR D 337 -42.17 -3.11 13.68
N ILE D 338 -41.04 -3.11 12.99
CA ILE D 338 -40.41 -4.30 12.44
C ILE D 338 -38.98 -4.36 12.98
N ASP D 339 -38.57 -5.54 13.44
CA ASP D 339 -37.22 -5.76 13.95
C ASP D 339 -36.88 -4.78 15.07
N TYR D 340 -37.86 -4.49 15.92
CA TYR D 340 -37.74 -3.58 17.05
C TYR D 340 -37.47 -2.14 16.63
N THR D 341 -37.79 -1.76 15.41
CA THR D 341 -37.62 -0.38 14.97
C THR D 341 -38.80 0.03 14.11
N GLU D 342 -39.07 1.33 14.06
CA GLU D 342 -40.21 1.83 13.30
C GLU D 342 -39.79 2.08 11.86
N ILE D 343 -40.33 1.28 10.95
CA ILE D 343 -40.09 1.42 9.52
C ILE D 343 -41.21 2.27 8.93
N SER D 344 -40.84 3.22 8.10
CA SER D 344 -41.79 4.15 7.47
C SER D 344 -42.10 3.67 6.06
N PHE D 345 -43.37 3.35 5.83
CA PHE D 345 -43.86 2.96 4.51
C PHE D 345 -44.57 4.14 3.90
N MET D 346 -44.19 4.51 2.68
CA MET D 346 -44.93 5.51 1.93
C MET D 346 -46.11 4.83 1.25
N LEU D 347 -47.31 5.33 1.51
CA LEU D 347 -48.54 4.75 0.98
C LEU D 347 -49.29 5.79 0.15
N TRP D 348 -49.59 5.43 -1.08
CA TRP D 348 -50.45 6.21 -1.97
C TRP D 348 -51.65 5.38 -2.33
N CYS D 349 -52.85 5.93 -2.14
CA CYS D 349 -54.09 5.26 -2.45
C CYS D 349 -54.94 6.12 -3.37
N LYS D 350 -55.81 5.48 -4.13
CA LYS D 350 -56.78 6.15 -5.00
C LYS D 350 -58.13 5.51 -4.82
N ASP D 351 -59.08 6.27 -4.27
CA ASP D 351 -60.47 5.83 -4.19
C ASP D 351 -60.62 4.50 -3.47
N GLY D 352 -59.96 4.40 -2.31
CA GLY D 352 -60.11 3.22 -1.48
C GLY D 352 -59.32 2.02 -1.91
N HIS D 353 -58.39 2.15 -2.86
CA HIS D 353 -57.54 1.03 -3.26
C HIS D 353 -56.10 1.51 -3.35
N VAL D 354 -55.18 0.61 -3.02
CA VAL D 354 -53.77 0.97 -2.93
C VAL D 354 -53.22 1.23 -4.33
N GLU D 355 -52.45 2.31 -4.46
CA GLU D 355 -51.70 2.61 -5.66
C GLU D 355 -50.22 2.28 -5.51
N THR D 356 -49.63 2.63 -4.37
CA THR D 356 -48.23 2.33 -4.10
C THR D 356 -48.06 2.14 -2.59
N PHE D 357 -47.17 1.23 -2.20
CA PHE D 357 -46.89 1.01 -0.78
C PHE D 357 -45.47 0.48 -0.70
N TYR D 358 -44.52 1.36 -0.36
CA TYR D 358 -43.14 0.92 -0.38
C TYR D 358 -42.39 1.39 0.86
N PRO D 359 -41.46 0.59 1.37
CA PRO D 359 -40.69 1.01 2.54
C PRO D 359 -39.63 2.03 2.17
N LYS D 360 -39.06 2.64 3.22
CA LYS D 360 -37.96 3.59 3.03
C LYS D 360 -36.76 3.21 3.88
N GLU E 15 16.95 -13.00 -23.16
CA GLU E 15 16.55 -11.80 -22.44
C GLU E 15 15.51 -12.10 -21.36
N MET E 16 15.84 -11.80 -20.12
CA MET E 16 14.94 -11.99 -18.99
C MET E 16 14.48 -10.62 -18.52
N SER E 17 13.23 -10.29 -18.82
CA SER E 17 12.70 -8.96 -18.61
C SER E 17 11.23 -9.03 -18.25
N LEU E 18 10.78 -8.07 -17.44
CA LEU E 18 9.38 -7.96 -17.10
C LEU E 18 8.53 -7.69 -18.34
N GLU E 19 9.02 -6.82 -19.22
CA GLU E 19 8.30 -6.51 -20.45
C GLU E 19 8.23 -7.71 -21.38
N ASN E 20 9.31 -8.49 -21.46
CA ASN E 20 9.28 -9.69 -22.28
C ASN E 20 8.37 -10.76 -21.69
N VAL E 21 8.37 -10.89 -20.37
CA VAL E 21 7.47 -11.83 -19.72
C VAL E 21 6.02 -11.43 -19.97
N ALA E 22 5.72 -10.14 -19.88
CA ALA E 22 4.37 -9.67 -20.16
C ALA E 22 4.00 -9.87 -21.63
N PHE E 23 4.97 -9.69 -22.53
CA PHE E 23 4.72 -9.97 -23.94
C PHE E 23 4.33 -11.43 -24.15
N ASN E 24 5.06 -12.34 -23.52
CA ASN E 24 4.75 -13.76 -23.64
C ASN E 24 3.39 -14.08 -23.04
N VAL E 25 3.06 -13.46 -21.90
CA VAL E 25 1.75 -13.71 -21.29
C VAL E 25 0.63 -13.20 -22.20
N VAL E 26 0.84 -12.04 -22.81
CA VAL E 26 -0.20 -11.44 -23.66
C VAL E 26 -0.40 -12.25 -24.94
N ASN E 27 0.69 -12.72 -25.54
CA ASN E 27 0.59 -13.38 -26.84
C ASN E 27 0.51 -14.90 -26.75
N LYS E 28 0.74 -15.49 -25.59
CA LYS E 28 0.79 -16.94 -25.45
C LYS E 28 0.06 -17.46 -24.22
N GLY E 29 -0.43 -16.59 -23.34
CA GLY E 29 -1.05 -17.02 -22.11
C GLY E 29 -0.07 -17.40 -21.01
N HIS E 30 1.17 -17.67 -21.35
CA HIS E 30 2.21 -18.02 -20.39
C HIS E 30 3.55 -17.66 -21.00
N PHE E 31 4.62 -17.90 -20.28
CA PHE E 31 5.95 -17.61 -20.80
C PHE E 31 6.38 -18.74 -21.73
N ASP E 32 6.46 -18.43 -23.01
CA ASP E 32 6.86 -19.39 -24.03
C ASP E 32 8.27 -19.16 -24.54
N GLY E 33 8.97 -18.13 -24.07
CA GLY E 33 10.30 -17.84 -24.55
C GLY E 33 10.35 -17.03 -25.82
N GLN E 34 9.28 -16.31 -26.17
CA GLN E 34 9.27 -15.50 -27.36
C GLN E 34 9.97 -14.17 -27.13
N GLN E 35 10.34 -13.52 -28.22
CA GLN E 35 11.01 -12.23 -28.20
C GLN E 35 10.00 -11.12 -28.47
N GLY E 36 10.13 -10.03 -27.75
CA GLY E 36 9.21 -8.92 -27.85
C GLY E 36 8.93 -8.33 -26.49
N GLU E 37 8.32 -7.14 -26.48
CA GLU E 37 8.03 -6.45 -25.23
C GLU E 37 6.73 -5.69 -25.39
N VAL E 38 6.03 -5.51 -24.27
CA VAL E 38 4.82 -4.71 -24.24
C VAL E 38 4.93 -3.71 -23.10
N PRO E 39 4.23 -2.58 -23.17
CA PRO E 39 4.21 -1.65 -22.04
C PRO E 39 3.65 -2.33 -20.79
N VAL E 40 4.30 -2.09 -19.66
CA VAL E 40 3.89 -2.65 -18.38
C VAL E 40 3.80 -1.52 -17.38
N SER E 41 2.74 -1.49 -16.61
CA SER E 41 2.60 -0.61 -15.46
C SER E 41 2.39 -1.45 -14.22
N ILE E 42 3.11 -1.13 -13.16
CA ILE E 42 2.98 -1.85 -11.90
C ILE E 42 2.36 -0.90 -10.89
N ILE E 43 1.19 -1.26 -10.40
CA ILE E 43 0.52 -0.48 -9.37
C ILE E 43 0.41 -1.42 -8.19
N ASN E 44 -0.32 -1.01 -7.15
CA ASN E 44 -0.08 -1.41 -5.78
C ASN E 44 0.47 -2.84 -5.63
N ASN E 45 -0.25 -3.83 -6.15
CA ASN E 45 0.30 -5.18 -6.20
C ASN E 45 -0.12 -5.89 -7.48
N THR E 46 -0.29 -5.12 -8.55
CA THR E 46 -0.90 -5.60 -9.78
C THR E 46 -0.05 -5.19 -10.97
N VAL E 47 0.03 -6.08 -11.95
CA VAL E 47 0.70 -5.85 -13.21
C VAL E 47 -0.38 -5.61 -14.26
N TYR E 48 -0.33 -4.44 -14.89
CA TYR E 48 -1.19 -4.03 -15.98
C TYR E 48 -0.38 -3.88 -17.25
N THR E 49 -1.04 -4.05 -18.38
CA THR E 49 -0.46 -3.73 -19.66
C THR E 49 -1.44 -2.86 -20.44
N LYS E 50 -0.90 -2.08 -21.37
CA LYS E 50 -1.71 -1.18 -22.16
C LYS E 50 -2.13 -1.87 -23.45
N VAL E 51 -3.44 -2.05 -23.63
CA VAL E 51 -4.00 -2.62 -24.85
C VAL E 51 -4.98 -1.60 -25.41
N ASP E 52 -4.70 -1.13 -26.62
CA ASP E 52 -5.53 -0.12 -27.28
C ASP E 52 -5.69 1.12 -26.41
N GLY E 53 -4.62 1.51 -25.73
CA GLY E 53 -4.60 2.76 -25.01
C GLY E 53 -5.14 2.72 -23.59
N VAL E 54 -5.65 1.57 -23.14
CA VAL E 54 -6.16 1.46 -21.79
C VAL E 54 -5.39 0.36 -21.08
N ASP E 55 -5.26 0.52 -19.76
CA ASP E 55 -4.55 -0.45 -18.95
C ASP E 55 -5.43 -1.64 -18.63
N VAL E 56 -4.92 -2.83 -18.90
CA VAL E 56 -5.64 -4.08 -18.65
C VAL E 56 -4.82 -4.88 -17.64
N GLU E 57 -5.49 -5.31 -16.58
CA GLU E 57 -4.81 -6.07 -15.55
C GLU E 57 -4.35 -7.42 -16.08
N LEU E 58 -3.06 -7.69 -15.96
CA LEU E 58 -2.51 -8.99 -16.34
C LEU E 58 -2.35 -9.92 -15.15
N PHE E 59 -1.97 -9.39 -14.00
CA PHE E 59 -1.64 -10.27 -12.89
C PHE E 59 -1.89 -9.54 -11.59
N GLU E 60 -2.41 -10.25 -10.60
CA GLU E 60 -2.60 -9.71 -9.26
C GLU E 60 -1.82 -10.57 -8.29
N ASN E 61 -0.90 -9.96 -7.55
CA ASN E 61 -0.01 -10.69 -6.68
C ASN E 61 -0.74 -11.05 -5.40
N LYS E 62 -0.94 -12.36 -5.19
CA LYS E 62 -1.48 -12.87 -3.94
C LYS E 62 -0.41 -13.54 -3.10
N THR E 63 0.85 -13.42 -3.49
CA THR E 63 1.96 -14.07 -2.80
C THR E 63 2.63 -13.08 -1.85
N THR E 64 3.61 -13.58 -1.11
CA THR E 64 4.46 -12.75 -0.28
C THR E 64 5.72 -12.30 -0.99
N LEU E 65 5.87 -12.63 -2.26
CA LEU E 65 6.96 -12.20 -3.09
C LEU E 65 6.69 -10.83 -3.67
N PRO E 66 7.73 -10.13 -4.14
CA PRO E 66 7.51 -8.89 -4.89
C PRO E 66 6.68 -9.14 -6.13
N VAL E 67 5.92 -8.13 -6.52
CA VAL E 67 4.89 -8.31 -7.55
C VAL E 67 5.51 -8.75 -8.87
N ASN E 68 6.64 -8.16 -9.26
CA ASN E 68 7.28 -8.54 -10.52
C ASN E 68 7.87 -9.94 -10.45
N VAL E 69 8.43 -10.31 -9.30
CA VAL E 69 8.98 -11.64 -9.12
C VAL E 69 7.87 -12.69 -9.19
N ALA E 70 6.77 -12.43 -8.49
CA ALA E 70 5.63 -13.34 -8.53
C ALA E 70 5.04 -13.43 -9.93
N PHE E 71 4.99 -12.31 -10.63
CA PHE E 71 4.49 -12.32 -12.01
C PHE E 71 5.36 -13.19 -12.91
N GLU E 72 6.68 -13.05 -12.79
CA GLU E 72 7.57 -13.86 -13.61
C GLU E 72 7.47 -15.34 -13.25
N LEU E 73 7.36 -15.66 -11.96
CA LEU E 73 7.23 -17.05 -11.56
C LEU E 73 5.92 -17.64 -12.03
N TRP E 74 4.85 -16.85 -12.02
CA TRP E 74 3.56 -17.32 -12.49
C TRP E 74 3.54 -17.51 -13.99
N ALA E 75 4.24 -16.65 -14.73
CA ALA E 75 4.29 -16.81 -16.17
C ALA E 75 5.08 -18.04 -16.57
N LYS E 76 6.04 -18.45 -15.76
CA LYS E 76 6.90 -19.58 -16.06
C LYS E 76 6.46 -20.85 -15.34
N ARG E 77 5.22 -20.89 -14.86
CA ARG E 77 4.70 -22.08 -14.22
C ARG E 77 4.58 -23.22 -15.22
N ASN E 78 4.65 -24.44 -14.69
CA ASN E 78 4.51 -25.63 -15.53
C ASN E 78 3.06 -25.79 -15.96
N ILE E 79 2.82 -25.82 -17.27
CA ILE E 79 1.47 -25.96 -17.80
C ILE E 79 1.22 -27.37 -18.32
N LYS E 80 2.06 -28.31 -17.98
CA LYS E 80 1.82 -29.72 -18.22
C LYS E 80 1.23 -30.36 -16.97
N PRO E 81 0.64 -31.54 -17.08
CA PRO E 81 0.18 -32.24 -15.88
C PRO E 81 1.34 -32.50 -14.93
N VAL E 82 1.17 -32.08 -13.68
CA VAL E 82 2.21 -32.24 -12.69
C VAL E 82 1.60 -32.91 -11.47
N PRO E 83 2.42 -33.56 -10.64
CA PRO E 83 1.90 -34.11 -9.40
C PRO E 83 1.27 -33.02 -8.55
N GLU E 84 0.22 -33.39 -7.82
CA GLU E 84 -0.41 -32.42 -6.94
C GLU E 84 0.58 -31.99 -5.86
N VAL E 85 0.37 -30.78 -5.35
CA VAL E 85 1.32 -30.19 -4.42
C VAL E 85 1.44 -31.03 -3.16
N LYS E 86 0.34 -31.63 -2.72
CA LYS E 86 0.39 -32.45 -1.50
C LYS E 86 1.30 -33.65 -1.69
N ILE E 87 1.29 -34.27 -2.87
CA ILE E 87 2.17 -35.41 -3.13
C ILE E 87 3.63 -34.99 -3.05
N LEU E 88 3.97 -33.86 -3.66
CA LEU E 88 5.34 -33.38 -3.62
C LEU E 88 5.76 -33.00 -2.21
N ASN E 89 4.86 -32.42 -1.44
CA ASN E 89 5.17 -32.11 -0.04
C ASN E 89 5.42 -33.36 0.76
N ASN E 90 4.59 -34.40 0.58
CA ASN E 90 4.76 -35.63 1.33
C ASN E 90 6.03 -36.36 0.95
N LEU E 91 6.55 -36.13 -0.26
CA LEU E 91 7.80 -36.72 -0.70
C LEU E 91 9.00 -35.88 -0.29
N GLY E 92 8.78 -34.79 0.44
CA GLY E 92 9.89 -33.97 0.90
C GLY E 92 10.53 -33.13 -0.16
N VAL E 93 9.83 -32.84 -1.26
CA VAL E 93 10.41 -32.03 -2.32
C VAL E 93 10.60 -30.61 -1.80
N ASP E 94 11.81 -30.07 -1.99
CA ASP E 94 12.13 -28.73 -1.56
C ASP E 94 12.15 -27.73 -2.71
N ILE E 95 12.38 -28.19 -3.93
CA ILE E 95 12.64 -27.31 -5.06
C ILE E 95 12.50 -28.12 -6.34
N ALA E 96 12.12 -27.45 -7.43
CA ALA E 96 11.99 -28.09 -8.71
C ALA E 96 13.17 -27.72 -9.61
N ALA E 97 13.54 -28.63 -10.49
CA ALA E 97 14.65 -28.40 -11.41
C ALA E 97 14.11 -27.74 -12.67
N ASN E 98 14.45 -26.47 -12.85
CA ASN E 98 14.21 -25.74 -14.09
C ASN E 98 12.73 -25.64 -14.44
N THR E 99 11.87 -25.55 -13.42
CA THR E 99 10.46 -25.29 -13.66
C THR E 99 9.85 -24.73 -12.38
N VAL E 100 8.68 -24.13 -12.53
CA VAL E 100 7.92 -23.58 -11.41
C VAL E 100 6.66 -24.42 -11.25
N ILE E 101 6.48 -24.98 -10.07
CA ILE E 101 5.23 -25.62 -9.71
C ILE E 101 4.37 -24.56 -9.04
N TRP E 102 3.23 -24.26 -9.63
CA TRP E 102 2.33 -23.25 -9.11
C TRP E 102 1.31 -23.92 -8.19
N ASP E 103 1.16 -23.38 -6.99
CA ASP E 103 0.14 -23.84 -6.05
C ASP E 103 -1.10 -22.99 -6.28
N TYR E 104 -2.09 -23.56 -6.97
CA TYR E 104 -3.29 -22.82 -7.29
C TYR E 104 -4.21 -22.64 -6.10
N LYS E 105 -4.11 -23.51 -5.09
CA LYS E 105 -4.88 -23.29 -3.87
C LYS E 105 -4.33 -22.10 -3.08
N ARG E 106 -3.01 -21.96 -3.01
CA ARG E 106 -2.40 -20.80 -2.38
C ARG E 106 -2.23 -19.63 -3.33
N ASP E 107 -2.38 -19.85 -4.64
CA ASP E 107 -2.14 -18.84 -5.65
C ASP E 107 -0.73 -18.27 -5.54
N ALA E 108 0.23 -19.17 -5.44
CA ALA E 108 1.61 -18.82 -5.13
C ALA E 108 2.50 -19.96 -5.63
N PRO E 109 3.80 -19.71 -5.79
CA PRO E 109 4.70 -20.81 -6.13
C PRO E 109 4.71 -21.87 -5.04
N ALA E 110 4.82 -23.12 -5.45
CA ALA E 110 4.84 -24.20 -4.47
C ALA E 110 6.09 -24.17 -3.61
N HIS E 111 7.19 -23.65 -4.13
CA HIS E 111 8.47 -23.67 -3.44
C HIS E 111 9.06 -22.28 -3.38
N ILE E 112 9.86 -22.04 -2.34
CA ILE E 112 10.39 -20.71 -2.08
C ILE E 112 11.45 -20.35 -3.13
N SER E 113 12.36 -21.27 -3.42
CA SER E 113 13.46 -21.00 -4.34
C SER E 113 13.23 -21.75 -5.64
N THR E 114 14.02 -21.37 -6.64
CA THR E 114 13.97 -22.00 -7.95
C THR E 114 15.39 -22.37 -8.37
N ILE E 115 15.48 -23.14 -9.47
CA ILE E 115 16.74 -23.52 -10.07
C ILE E 115 16.65 -23.15 -11.54
N GLY E 116 17.34 -22.09 -11.94
CA GLY E 116 17.32 -21.64 -13.32
C GLY E 116 15.99 -21.12 -13.81
N VAL E 117 15.31 -20.32 -13.01
CA VAL E 117 14.03 -19.75 -13.42
C VAL E 117 14.05 -18.22 -13.33
N CYS E 118 14.25 -17.70 -12.12
CA CYS E 118 14.19 -16.26 -11.87
C CYS E 118 15.42 -15.84 -11.09
N SER E 119 16.04 -14.74 -11.51
CA SER E 119 17.24 -14.27 -10.85
C SER E 119 17.00 -13.91 -9.39
N MET E 120 15.80 -13.43 -9.08
CA MET E 120 15.50 -13.04 -7.70
C MET E 120 15.19 -14.21 -6.79
N THR E 121 14.93 -15.40 -7.35
CA THR E 121 14.61 -16.57 -6.54
C THR E 121 15.55 -17.74 -6.77
N ASP E 122 16.38 -17.71 -7.80
CA ASP E 122 17.29 -18.82 -8.06
C ASP E 122 18.32 -18.95 -6.95
N ILE E 123 18.49 -20.16 -6.44
CA ILE E 123 19.66 -20.49 -5.64
C ILE E 123 20.76 -21.11 -6.48
N ALA E 124 20.44 -21.58 -7.69
CA ALA E 124 21.40 -22.15 -8.60
C ALA E 124 20.82 -22.06 -10.00
N LYS E 125 21.69 -22.25 -11.00
CA LYS E 125 21.25 -22.27 -12.37
C LYS E 125 21.02 -23.69 -12.90
N LYS E 126 21.65 -24.68 -12.29
CA LYS E 126 21.46 -26.08 -12.60
C LYS E 126 21.37 -26.86 -11.29
N PRO E 127 20.64 -27.98 -11.28
CA PRO E 127 20.52 -28.77 -10.05
C PRO E 127 21.80 -29.51 -9.68
N THR E 128 22.82 -29.49 -10.55
CA THR E 128 24.07 -30.17 -10.26
C THR E 128 24.99 -29.37 -9.35
N GLU E 129 24.67 -28.11 -9.08
CA GLU E 129 25.53 -27.28 -8.26
C GLU E 129 25.50 -27.74 -6.81
N THR E 130 26.53 -27.33 -6.07
CA THR E 130 26.74 -27.84 -4.71
C THR E 130 25.60 -27.44 -3.78
N ILE E 131 25.02 -26.26 -3.99
CA ILE E 131 23.98 -25.77 -3.09
C ILE E 131 22.75 -26.67 -3.15
N CYS E 132 22.52 -27.31 -4.31
CA CYS E 132 21.33 -28.14 -4.49
C CYS E 132 21.49 -29.55 -3.94
N ALA E 133 22.71 -29.97 -3.59
CA ALA E 133 22.92 -31.35 -3.18
C ALA E 133 22.13 -31.72 -1.92
N PRO E 134 22.13 -30.95 -0.83
CA PRO E 134 21.33 -31.35 0.33
C PRO E 134 19.83 -31.20 0.13
N LEU E 135 19.39 -30.48 -0.90
CA LEU E 135 17.97 -30.27 -1.14
C LEU E 135 17.38 -31.41 -1.97
N THR E 136 16.14 -31.77 -1.68
CA THR E 136 15.41 -32.74 -2.48
C THR E 136 14.85 -32.04 -3.70
N VAL E 137 15.41 -32.32 -4.85
CA VAL E 137 15.05 -31.65 -6.09
C VAL E 137 14.03 -32.49 -6.84
N PHE E 138 13.03 -31.84 -7.40
CA PHE E 138 12.03 -32.53 -8.21
C PHE E 138 12.48 -32.57 -9.66
N PHE E 139 12.50 -33.76 -10.23
CA PHE E 139 12.91 -33.98 -11.62
C PHE E 139 11.75 -34.54 -12.40
N ASP E 140 11.54 -34.00 -13.60
CA ASP E 140 10.48 -34.42 -14.49
C ASP E 140 11.11 -35.23 -15.62
N GLY E 141 10.72 -36.51 -15.74
CA GLY E 141 11.26 -37.35 -16.78
C GLY E 141 10.75 -37.04 -18.16
N ARG E 142 9.71 -36.21 -18.27
CA ARG E 142 9.22 -35.79 -19.58
C ARG E 142 10.07 -34.70 -20.20
N VAL E 143 10.93 -34.06 -19.42
CA VAL E 143 11.89 -33.10 -19.94
C VAL E 143 13.21 -33.82 -20.18
N ASP E 144 13.78 -33.63 -21.36
CA ASP E 144 14.94 -34.41 -21.77
C ASP E 144 16.15 -34.10 -20.89
N GLY E 145 16.83 -35.15 -20.45
CA GLY E 145 18.05 -35.03 -19.68
C GLY E 145 17.87 -35.04 -18.18
N GLN E 146 16.65 -34.83 -17.69
CA GLN E 146 16.44 -34.75 -16.24
C GLN E 146 16.52 -36.11 -15.57
N VAL E 147 16.34 -37.21 -16.31
CA VAL E 147 16.52 -38.53 -15.72
C VAL E 147 17.98 -38.73 -15.31
N ASP E 148 18.90 -38.32 -16.17
CA ASP E 148 20.32 -38.40 -15.82
C ASP E 148 20.66 -37.47 -14.68
N LEU E 149 20.03 -36.29 -14.64
CA LEU E 149 20.24 -35.38 -13.51
C LEU E 149 19.78 -36.01 -12.21
N PHE E 150 18.65 -36.72 -12.24
CA PHE E 150 18.22 -37.46 -11.06
C PHE E 150 19.21 -38.56 -10.70
N ARG E 151 19.73 -39.26 -11.71
CA ARG E 151 20.70 -40.30 -11.46
C ARG E 151 21.92 -39.76 -10.74
N ASN E 152 22.40 -38.59 -11.17
CA ASN E 152 23.56 -37.96 -10.55
C ASN E 152 23.20 -37.18 -9.29
N ALA E 153 21.91 -36.97 -9.04
CA ALA E 153 21.47 -36.18 -7.91
C ALA E 153 21.70 -36.94 -6.60
N ARG E 154 22.03 -36.19 -5.55
CA ARG E 154 22.19 -36.80 -4.24
C ARG E 154 20.83 -37.02 -3.58
N ASN E 155 19.99 -36.00 -3.56
CA ASN E 155 18.63 -36.10 -3.07
C ASN E 155 17.70 -35.65 -4.19
N GLY E 156 16.60 -36.36 -4.38
CA GLY E 156 15.67 -35.97 -5.42
C GLY E 156 14.49 -36.90 -5.50
N VAL E 157 13.46 -36.43 -6.19
CA VAL E 157 12.29 -37.21 -6.54
C VAL E 157 12.08 -37.07 -8.04
N LEU E 158 12.05 -38.18 -8.75
CA LEU E 158 11.85 -38.20 -10.18
C LEU E 158 10.47 -38.73 -10.51
N ILE E 159 9.81 -38.10 -11.48
CA ILE E 159 8.56 -38.64 -12.02
C ILE E 159 8.78 -38.95 -13.50
N THR E 160 8.24 -40.08 -13.94
CA THR E 160 8.29 -40.45 -15.34
C THR E 160 6.94 -40.95 -15.79
N GLU E 161 6.71 -40.92 -17.10
CA GLU E 161 5.52 -41.52 -17.67
C GLU E 161 5.75 -42.96 -18.10
N GLY E 162 6.98 -43.43 -18.10
CA GLY E 162 7.28 -44.80 -18.49
C GLY E 162 8.27 -45.45 -17.55
N SER E 163 8.91 -46.52 -18.01
CA SER E 163 9.85 -47.26 -17.20
C SER E 163 11.24 -46.66 -17.30
N VAL E 164 12.00 -46.77 -16.22
CA VAL E 164 13.37 -46.28 -16.15
C VAL E 164 14.27 -47.47 -15.84
N LYS E 165 15.30 -47.66 -16.66
CA LYS E 165 16.16 -48.83 -16.54
C LYS E 165 17.00 -48.76 -15.26
N GLY E 166 17.03 -49.86 -14.52
CA GLY E 166 17.80 -49.95 -13.30
C GLY E 166 17.10 -49.44 -12.06
N LEU E 167 15.88 -48.91 -12.18
CA LEU E 167 15.16 -48.35 -11.05
C LEU E 167 13.78 -48.99 -10.99
N GLN E 168 13.42 -49.48 -9.81
CA GLN E 168 12.10 -50.07 -9.62
C GLN E 168 11.07 -48.98 -9.44
N PRO E 169 10.03 -48.92 -10.28
CA PRO E 169 9.09 -47.80 -10.20
C PRO E 169 8.12 -47.95 -9.04
N SER E 170 7.51 -46.82 -8.69
CA SER E 170 6.41 -46.78 -7.74
C SER E 170 5.26 -46.05 -8.43
N VAL E 171 4.15 -46.75 -8.62
CA VAL E 171 3.02 -46.17 -9.33
C VAL E 171 2.31 -45.16 -8.42
N GLY E 172 2.14 -43.95 -8.92
CA GLY E 172 1.53 -42.89 -8.16
C GLY E 172 0.03 -42.84 -8.36
N PRO E 173 -0.58 -41.73 -7.95
CA PRO E 173 -2.03 -41.58 -8.12
C PRO E 173 -2.41 -41.45 -9.59
N LYS E 174 -3.66 -41.80 -9.87
CA LYS E 174 -4.16 -41.71 -11.24
C LYS E 174 -4.31 -40.26 -11.69
N GLN E 175 -4.64 -39.37 -10.77
CA GLN E 175 -4.91 -37.98 -11.13
C GLN E 175 -3.64 -37.13 -11.01
N ALA E 176 -3.64 -36.03 -11.74
CA ALA E 176 -2.58 -35.04 -11.66
C ALA E 176 -3.20 -33.67 -11.90
N SER E 177 -2.43 -32.63 -11.62
CA SER E 177 -2.89 -31.26 -11.74
C SER E 177 -2.44 -30.70 -13.08
N LEU E 178 -3.38 -30.14 -13.83
CA LEU E 178 -3.10 -29.48 -15.10
C LEU E 178 -3.70 -28.08 -15.04
N ASN E 179 -2.85 -27.07 -14.98
CA ASN E 179 -3.28 -25.67 -14.89
C ASN E 179 -4.21 -25.43 -13.70
N GLY E 180 -3.96 -26.15 -12.61
CA GLY E 180 -4.78 -26.04 -11.43
C GLY E 180 -5.99 -26.94 -11.40
N VAL E 181 -6.24 -27.69 -12.46
CA VAL E 181 -7.40 -28.57 -12.54
C VAL E 181 -6.93 -29.99 -12.27
N THR E 182 -7.46 -30.60 -11.24
CA THR E 182 -7.13 -31.99 -10.94
C THR E 182 -7.93 -32.90 -11.86
N LEU E 183 -7.24 -33.80 -12.56
CA LEU E 183 -7.95 -34.65 -13.50
C LEU E 183 -7.18 -35.94 -13.70
N ILE E 184 -7.92 -36.97 -14.08
CA ILE E 184 -7.34 -38.23 -14.54
C ILE E 184 -7.28 -38.14 -16.06
N GLY E 185 -6.08 -38.17 -16.61
CA GLY E 185 -5.91 -37.83 -18.00
C GLY E 185 -6.42 -38.91 -18.94
N GLU E 186 -7.04 -38.46 -20.02
CA GLU E 186 -7.40 -39.32 -21.14
C GLU E 186 -6.62 -38.99 -22.39
N ALA E 187 -6.68 -37.73 -22.84
CA ALA E 187 -5.85 -37.30 -23.96
C ALA E 187 -4.40 -37.08 -23.53
N VAL E 188 -4.16 -36.92 -22.23
CA VAL E 188 -2.83 -36.69 -21.68
C VAL E 188 -2.61 -37.68 -20.54
N LYS E 189 -1.36 -38.00 -20.28
CA LYS E 189 -1.01 -39.00 -19.28
C LYS E 189 -0.79 -38.32 -17.94
N THR E 190 -1.58 -38.71 -16.94
CA THR E 190 -1.45 -38.16 -15.60
C THR E 190 -0.97 -39.17 -14.58
N GLN E 191 -0.72 -40.41 -14.98
CA GLN E 191 -0.24 -41.45 -14.08
C GLN E 191 1.27 -41.52 -14.20
N PHE E 192 1.96 -41.29 -13.08
CA PHE E 192 3.41 -41.18 -13.07
C PHE E 192 4.03 -42.28 -12.23
N ASN E 193 5.17 -42.78 -12.67
CA ASN E 193 6.05 -43.56 -11.83
C ASN E 193 6.94 -42.63 -11.02
N TYR E 194 7.08 -42.92 -9.74
CA TYR E 194 7.83 -42.09 -8.81
C TYR E 194 9.08 -42.83 -8.33
N TYR E 195 10.18 -42.10 -8.28
CA TYR E 195 11.44 -42.60 -7.77
C TYR E 195 12.00 -41.58 -6.79
N LYS E 196 12.70 -42.06 -5.76
CA LYS E 196 13.25 -41.16 -4.76
C LYS E 196 14.67 -41.58 -4.43
N LYS E 197 15.55 -40.59 -4.29
CA LYS E 197 16.92 -40.82 -3.85
C LYS E 197 17.21 -39.94 -2.65
N VAL E 198 17.71 -40.55 -1.59
CA VAL E 198 18.12 -39.86 -0.37
C VAL E 198 19.60 -40.16 -0.15
N ASP E 199 20.39 -39.11 0.06
CA ASP E 199 21.82 -39.25 0.34
C ASP E 199 22.52 -40.08 -0.74
N GLY E 200 22.04 -39.99 -1.97
CA GLY E 200 22.65 -40.69 -3.08
C GLY E 200 22.20 -42.11 -3.29
N VAL E 201 21.32 -42.64 -2.44
CA VAL E 201 20.85 -44.02 -2.56
C VAL E 201 19.35 -44.02 -2.80
N VAL E 202 18.91 -44.89 -3.71
CA VAL E 202 17.51 -44.98 -4.08
C VAL E 202 16.72 -45.59 -2.93
N GLN E 203 15.60 -44.96 -2.59
CA GLN E 203 14.70 -45.45 -1.56
C GLN E 203 13.55 -46.20 -2.22
N GLN E 204 13.03 -47.18 -1.50
CA GLN E 204 11.85 -47.93 -1.94
C GLN E 204 10.63 -47.23 -1.35
N LEU E 205 9.86 -46.56 -2.20
CA LEU E 205 8.68 -45.88 -1.73
C LEU E 205 7.67 -46.90 -1.22
N PRO E 206 7.06 -46.67 -0.06
CA PRO E 206 6.18 -47.68 0.51
C PRO E 206 4.89 -47.80 -0.28
N GLU E 207 4.26 -48.96 -0.17
CA GLU E 207 2.91 -49.12 -0.71
C GLU E 207 1.98 -48.16 -0.02
N THR E 208 1.13 -47.48 -0.80
CA THR E 208 0.39 -46.36 -0.26
C THR E 208 -1.00 -46.31 -0.88
N TYR E 209 -1.93 -45.72 -0.15
CA TYR E 209 -3.20 -45.27 -0.69
C TYR E 209 -3.06 -43.84 -1.17
N PHE E 210 -3.98 -43.42 -2.02
CA PHE E 210 -3.96 -42.07 -2.55
C PHE E 210 -5.34 -41.43 -2.38
N THR E 211 -5.35 -40.17 -1.99
CA THR E 211 -6.59 -39.44 -1.92
C THR E 211 -7.08 -39.12 -3.34
N GLN E 212 -8.38 -38.85 -3.45
CA GLN E 212 -9.00 -38.69 -4.74
C GLN E 212 -9.05 -37.25 -5.23
N SER E 213 -8.75 -36.28 -4.36
CA SER E 213 -8.66 -34.88 -4.74
C SER E 213 -9.96 -34.37 -5.36
N ARG E 214 -11.09 -34.83 -4.83
CA ARG E 214 -12.38 -34.42 -5.36
C ARG E 214 -12.87 -33.16 -4.67
N ASN E 215 -13.97 -32.62 -5.17
CA ASN E 215 -14.50 -31.36 -4.68
C ASN E 215 -15.90 -31.61 -4.12
N LEU E 216 -16.26 -30.83 -3.11
CA LEU E 216 -17.56 -31.00 -2.48
C LEU E 216 -18.71 -30.71 -3.45
N GLN E 217 -18.63 -29.58 -4.17
CA GLN E 217 -19.77 -29.20 -5.01
C GLN E 217 -19.96 -30.15 -6.18
N GLU E 218 -18.88 -30.47 -6.89
CA GLU E 218 -18.93 -31.34 -8.06
C GLU E 218 -18.49 -32.75 -7.73
N PHE E 219 -18.90 -33.27 -6.58
CA PHE E 219 -18.51 -34.62 -6.20
C PHE E 219 -19.15 -35.65 -7.12
N LYS E 220 -18.33 -36.58 -7.60
CA LYS E 220 -18.81 -37.65 -8.47
C LYS E 220 -18.25 -38.97 -7.96
N PRO E 221 -19.09 -39.97 -7.74
CA PRO E 221 -18.60 -41.27 -7.24
C PRO E 221 -17.69 -41.96 -8.25
N ARG E 222 -16.72 -42.71 -7.71
CA ARG E 222 -15.74 -43.42 -8.53
C ARG E 222 -15.74 -44.92 -8.27
N SER E 223 -16.80 -45.44 -7.64
CA SER E 223 -16.93 -46.88 -7.42
C SER E 223 -18.39 -47.21 -7.23
N GLN E 224 -18.71 -48.50 -7.34
CA GLN E 224 -20.06 -48.94 -7.06
C GLN E 224 -20.43 -48.71 -5.60
N MET E 225 -19.46 -48.91 -4.70
CA MET E 225 -19.72 -48.65 -3.28
C MET E 225 -20.03 -47.19 -3.04
N GLU E 226 -19.32 -46.28 -3.72
CA GLU E 226 -19.61 -44.86 -3.57
C GLU E 226 -20.97 -44.50 -4.15
N ILE E 227 -21.34 -45.11 -5.27
CA ILE E 227 -22.66 -44.88 -5.84
C ILE E 227 -23.74 -45.34 -4.87
N ASP E 228 -23.55 -46.51 -4.27
CA ASP E 228 -24.50 -47.00 -3.28
C ASP E 228 -24.57 -46.06 -2.08
N PHE E 229 -23.43 -45.56 -1.62
CA PHE E 229 -23.42 -44.65 -0.49
C PHE E 229 -24.19 -43.38 -0.81
N LEU E 230 -24.00 -42.83 -2.00
CA LEU E 230 -24.69 -41.59 -2.35
C LEU E 230 -26.18 -41.83 -2.60
N GLU E 231 -26.55 -43.03 -3.05
CA GLU E 231 -27.95 -43.31 -3.40
C GLU E 231 -28.69 -44.00 -2.27
N LEU E 232 -28.12 -45.06 -1.69
CA LEU E 232 -28.82 -45.78 -0.64
C LEU E 232 -28.89 -44.94 0.63
N ALA E 233 -29.90 -45.24 1.44
CA ALA E 233 -29.98 -44.63 2.75
C ALA E 233 -28.88 -45.17 3.65
N MET E 234 -28.74 -44.54 4.82
CA MET E 234 -27.65 -44.91 5.73
C MET E 234 -27.76 -46.37 6.15
N ASP E 235 -28.91 -46.77 6.68
CA ASP E 235 -29.08 -48.15 7.12
C ASP E 235 -29.01 -49.12 5.95
N GLU E 236 -29.63 -48.75 4.82
CA GLU E 236 -29.61 -49.63 3.65
C GLU E 236 -28.19 -49.87 3.16
N PHE E 237 -27.40 -48.81 3.04
CA PHE E 237 -26.02 -48.96 2.58
C PHE E 237 -25.18 -49.73 3.59
N ILE E 238 -25.34 -49.43 4.88
CA ILE E 238 -24.56 -50.13 5.90
C ILE E 238 -24.87 -51.61 5.87
N GLU E 239 -26.15 -51.96 5.73
CA GLU E 239 -26.54 -53.36 5.66
C GLU E 239 -26.00 -54.03 4.41
N ARG E 240 -26.05 -53.34 3.27
CA ARG E 240 -25.67 -53.97 2.00
C ARG E 240 -24.21 -54.39 2.00
N TYR E 241 -23.33 -53.55 2.56
CA TYR E 241 -21.91 -53.83 2.61
C TYR E 241 -21.46 -54.34 3.97
N LYS E 242 -22.40 -54.86 4.77
CA LYS E 242 -22.17 -55.41 6.11
C LYS E 242 -21.13 -54.59 6.88
N LEU E 243 -21.45 -53.31 7.04
CA LEU E 243 -20.60 -52.36 7.75
C LEU E 243 -21.06 -52.14 9.17
N GLU E 244 -21.91 -53.02 9.72
CA GLU E 244 -22.34 -52.89 11.09
C GLU E 244 -21.16 -53.04 12.05
N GLY E 245 -21.18 -52.24 13.12
CA GLY E 245 -20.13 -52.28 14.11
C GLY E 245 -18.92 -51.42 13.83
N TYR E 246 -18.90 -50.68 12.71
CA TYR E 246 -17.79 -49.78 12.41
C TYR E 246 -18.18 -48.31 12.47
N ALA E 247 -19.32 -47.99 13.09
CA ALA E 247 -19.71 -46.60 13.37
C ALA E 247 -19.79 -45.76 12.11
N PHE E 248 -20.20 -46.37 10.99
CA PHE E 248 -20.33 -45.62 9.75
C PHE E 248 -21.38 -44.53 9.85
N GLU E 249 -22.39 -44.71 10.71
CA GLU E 249 -23.41 -43.68 10.90
C GLU E 249 -22.82 -42.40 11.48
N HIS E 250 -21.64 -42.47 12.08
CA HIS E 250 -21.00 -41.31 12.68
C HIS E 250 -19.72 -40.92 11.97
N ILE E 251 -18.86 -41.88 11.63
CA ILE E 251 -17.57 -41.56 11.03
C ILE E 251 -17.76 -40.91 9.67
N VAL E 252 -18.65 -41.46 8.86
CA VAL E 252 -18.78 -41.08 7.46
C VAL E 252 -20.03 -40.23 7.21
N TYR E 253 -21.18 -40.68 7.71
CA TYR E 253 -22.43 -39.98 7.42
C TYR E 253 -22.52 -38.64 8.13
N GLY E 254 -22.08 -38.58 9.38
CA GLY E 254 -22.13 -37.33 10.11
C GLY E 254 -23.38 -37.22 10.96
N ASP E 255 -23.21 -36.69 12.17
CA ASP E 255 -24.29 -36.49 13.13
C ASP E 255 -24.55 -35.01 13.29
N PHE E 256 -25.83 -34.62 13.18
CA PHE E 256 -26.23 -33.23 13.27
C PHE E 256 -27.26 -32.99 14.38
N SER E 257 -27.43 -33.93 15.29
CA SER E 257 -28.46 -33.79 16.32
C SER E 257 -28.03 -32.87 17.46
N HIS E 258 -26.73 -32.68 17.66
CA HIS E 258 -26.24 -31.85 18.75
C HIS E 258 -25.66 -30.55 18.20
N SER E 259 -25.44 -29.60 19.11
CA SER E 259 -24.84 -28.33 18.71
C SER E 259 -23.42 -28.52 18.19
N GLN E 260 -22.75 -29.61 18.54
CA GLN E 260 -21.44 -29.93 18.04
C GLN E 260 -21.56 -31.04 16.99
N LEU E 261 -21.05 -30.76 15.80
CA LEU E 261 -21.13 -31.71 14.70
C LEU E 261 -20.29 -32.95 14.99
N GLY E 262 -20.82 -34.10 14.59
CA GLY E 262 -20.18 -35.38 14.82
C GLY E 262 -19.71 -36.05 13.54
N GLY E 263 -18.49 -36.57 13.57
CA GLY E 263 -17.98 -37.31 12.44
C GLY E 263 -17.84 -36.50 11.17
N LEU E 264 -18.26 -37.09 10.04
CA LEU E 264 -18.16 -36.44 8.73
C LEU E 264 -16.70 -36.18 8.38
N HIS E 265 -15.89 -37.23 8.48
CA HIS E 265 -14.45 -37.19 8.28
C HIS E 265 -14.01 -37.68 6.90
N LEU E 266 -14.94 -38.03 6.03
CA LEU E 266 -14.62 -38.37 4.64
C LEU E 266 -15.41 -37.44 3.73
N LEU E 267 -14.77 -37.03 2.64
CA LEU E 267 -15.40 -36.06 1.74
C LEU E 267 -16.67 -36.58 1.11
N ILE E 268 -16.81 -37.90 0.99
CA ILE E 268 -18.03 -38.44 0.37
C ILE E 268 -19.23 -38.20 1.27
N GLY E 269 -19.04 -38.29 2.59
CA GLY E 269 -20.13 -37.97 3.50
C GLY E 269 -20.53 -36.51 3.43
N LEU E 270 -19.54 -35.61 3.35
CA LEU E 270 -19.84 -34.20 3.15
C LEU E 270 -20.60 -33.98 1.86
N ALA E 271 -20.23 -34.69 0.79
CA ALA E 271 -20.93 -34.54 -0.48
C ALA E 271 -22.38 -35.00 -0.37
N LYS E 272 -22.60 -36.13 0.30
CA LYS E 272 -23.97 -36.60 0.47
C LYS E 272 -24.80 -35.61 1.26
N ARG E 273 -24.25 -35.09 2.35
CA ARG E 273 -24.98 -34.09 3.13
C ARG E 273 -25.22 -32.81 2.33
N PHE E 274 -24.22 -32.38 1.56
CA PHE E 274 -24.34 -31.15 0.78
C PHE E 274 -25.44 -31.28 -0.27
N LYS E 275 -25.53 -32.43 -0.93
CA LYS E 275 -26.66 -32.65 -1.82
C LYS E 275 -27.96 -32.72 -1.05
N GLU E 276 -27.91 -33.21 0.20
CA GLU E 276 -29.10 -33.20 1.04
C GLU E 276 -29.44 -31.78 1.50
N SER E 277 -28.43 -31.01 1.96
CA SER E 277 -28.66 -29.67 2.45
C SER E 277 -27.35 -28.91 2.50
N PRO E 278 -27.33 -27.64 2.12
CA PRO E 278 -26.07 -26.90 2.10
C PRO E 278 -25.54 -26.62 3.50
N PHE E 279 -24.22 -26.46 3.58
CA PHE E 279 -23.56 -26.05 4.81
C PHE E 279 -22.35 -25.21 4.45
N GLU E 280 -21.76 -24.59 5.47
CA GLU E 280 -20.62 -23.71 5.29
C GLU E 280 -19.35 -24.44 5.70
N LEU E 281 -18.36 -24.43 4.82
CA LEU E 281 -17.02 -24.92 5.11
C LEU E 281 -16.06 -23.74 5.12
N GLU E 282 -15.33 -23.57 6.21
CA GLU E 282 -14.32 -22.53 6.32
C GLU E 282 -12.95 -23.20 6.33
N ASP E 283 -12.19 -23.00 5.26
CA ASP E 283 -10.85 -23.55 5.14
C ASP E 283 -9.90 -22.53 5.71
N PHE E 284 -9.65 -22.62 7.02
CA PHE E 284 -8.85 -21.61 7.70
C PHE E 284 -7.35 -21.76 7.45
N ILE E 285 -6.92 -22.85 6.82
CA ILE E 285 -5.53 -23.00 6.38
C ILE E 285 -5.60 -23.37 4.90
N PRO E 286 -5.84 -22.40 4.02
CA PRO E 286 -6.11 -22.74 2.61
C PRO E 286 -4.89 -23.18 1.83
N MET E 287 -4.48 -24.43 2.02
CA MET E 287 -3.40 -25.02 1.25
C MET E 287 -3.80 -26.44 0.90
N ASP E 288 -2.88 -27.18 0.29
CA ASP E 288 -3.16 -28.54 -0.15
C ASP E 288 -2.52 -29.53 0.80
N SER E 289 -3.32 -30.44 1.35
CA SER E 289 -2.84 -31.44 2.28
C SER E 289 -3.63 -32.73 2.07
N THR E 290 -3.02 -33.82 2.52
CA THR E 290 -3.74 -35.10 2.54
C THR E 290 -4.95 -35.03 3.44
N VAL E 291 -4.81 -34.40 4.60
CA VAL E 291 -5.90 -34.19 5.55
C VAL E 291 -6.17 -32.70 5.65
N LYS E 292 -7.43 -32.32 5.51
CA LYS E 292 -7.84 -30.92 5.57
C LYS E 292 -8.66 -30.68 6.84
N ASN E 293 -8.47 -29.54 7.46
CA ASN E 293 -9.25 -29.15 8.63
C ASN E 293 -10.21 -28.04 8.22
N TYR E 294 -11.46 -28.18 8.63
CA TYR E 294 -12.49 -27.23 8.26
C TYR E 294 -13.26 -26.76 9.48
N PHE E 295 -13.76 -25.54 9.38
CA PHE E 295 -14.73 -25.00 10.33
C PHE E 295 -16.08 -25.17 9.64
N ILE E 296 -16.86 -26.15 10.08
CA ILE E 296 -18.08 -26.54 9.39
C ILE E 296 -19.27 -26.05 10.19
N THR E 297 -20.21 -25.41 9.51
CA THR E 297 -21.47 -24.96 10.10
C THR E 297 -22.60 -25.55 9.28
N ASP E 298 -23.39 -26.42 9.89
CA ASP E 298 -24.52 -27.02 9.19
C ASP E 298 -25.66 -26.02 9.17
N ALA E 299 -26.02 -25.55 7.98
CA ALA E 299 -27.02 -24.49 7.85
C ALA E 299 -28.42 -24.98 8.21
N GLN E 300 -28.67 -26.28 8.11
CA GLN E 300 -30.01 -26.80 8.39
C GLN E 300 -30.26 -26.87 9.89
N THR E 301 -29.39 -27.54 10.63
CA THR E 301 -29.59 -27.76 12.06
C THR E 301 -28.81 -26.81 12.95
N GLY E 302 -27.84 -26.07 12.41
CA GLY E 302 -26.99 -25.26 13.24
C GLY E 302 -25.86 -26.02 13.91
N SER E 303 -25.70 -27.30 13.60
CA SER E 303 -24.62 -28.08 14.17
C SER E 303 -23.29 -27.65 13.58
N SER E 304 -22.28 -27.44 14.43
CA SER E 304 -21.02 -26.89 14.00
C SER E 304 -19.86 -27.63 14.66
N LYS E 305 -18.70 -27.53 14.04
CA LYS E 305 -17.46 -28.02 14.64
C LYS E 305 -16.33 -27.13 14.19
N CYS E 306 -15.58 -26.60 15.15
CA CYS E 306 -14.50 -25.67 14.82
C CYS E 306 -13.42 -26.33 13.99
N VAL E 307 -13.05 -27.55 14.34
CA VAL E 307 -12.02 -28.30 13.62
C VAL E 307 -12.58 -29.66 13.27
N CYS E 308 -12.82 -29.89 11.99
CA CYS E 308 -13.23 -31.18 11.47
C CYS E 308 -12.17 -31.64 10.48
N SER E 309 -11.67 -32.85 10.67
CA SER E 309 -10.64 -33.41 9.81
C SER E 309 -11.30 -34.24 8.71
N VAL E 310 -10.96 -33.95 7.47
CA VAL E 310 -11.56 -34.57 6.30
C VAL E 310 -10.44 -35.12 5.44
N ILE E 311 -10.60 -36.36 4.99
CA ILE E 311 -9.67 -36.99 4.04
C ILE E 311 -10.50 -37.59 2.91
N ASP E 312 -10.06 -37.38 1.68
CA ASP E 312 -10.80 -37.83 0.51
C ASP E 312 -10.23 -39.15 -0.02
N LEU E 313 -10.39 -40.19 0.78
CA LEU E 313 -10.06 -41.52 0.32
C LEU E 313 -11.22 -42.11 -0.45
N LEU E 314 -10.92 -43.05 -1.33
CA LEU E 314 -11.97 -43.84 -1.95
C LEU E 314 -12.66 -44.67 -0.88
N LEU E 315 -13.99 -44.74 -0.95
CA LEU E 315 -14.75 -45.42 0.08
C LEU E 315 -14.33 -46.88 0.21
N ASP E 316 -14.01 -47.52 -0.90
CA ASP E 316 -13.51 -48.90 -0.84
C ASP E 316 -12.21 -48.96 -0.05
N ASP E 317 -11.29 -48.02 -0.31
CA ASP E 317 -10.03 -48.00 0.43
C ASP E 317 -10.27 -47.73 1.91
N PHE E 318 -11.20 -46.83 2.23
CA PHE E 318 -11.47 -46.53 3.64
C PHE E 318 -12.06 -47.72 4.37
N VAL E 319 -13.01 -48.42 3.74
CA VAL E 319 -13.60 -49.58 4.42
C VAL E 319 -12.57 -50.70 4.52
N GLU E 320 -11.70 -50.84 3.52
CA GLU E 320 -10.62 -51.83 3.62
C GLU E 320 -9.67 -51.50 4.77
N ILE E 321 -9.37 -50.22 4.94
CA ILE E 321 -8.50 -49.81 6.05
C ILE E 321 -9.17 -50.07 7.39
N ILE E 322 -10.45 -49.69 7.51
CA ILE E 322 -11.11 -49.79 8.80
C ILE E 322 -11.43 -51.23 9.16
N LYS E 323 -11.56 -52.11 8.17
CA LYS E 323 -11.77 -53.53 8.47
C LYS E 323 -10.48 -54.28 8.74
N SER E 324 -9.32 -53.64 8.55
CA SER E 324 -8.05 -54.29 8.80
C SER E 324 -7.52 -54.01 10.19
N GLN E 325 -8.27 -53.29 11.02
CA GLN E 325 -7.84 -52.93 12.36
C GLN E 325 -8.67 -53.70 13.38
N ASP E 326 -8.00 -54.44 14.26
CA ASP E 326 -8.70 -55.11 15.35
C ASP E 326 -9.27 -54.07 16.32
N LEU E 327 -10.47 -54.36 16.82
CA LEU E 327 -11.22 -53.42 17.65
C LEU E 327 -11.16 -53.80 19.13
N SER E 328 -10.06 -54.42 19.55
CA SER E 328 -9.88 -54.83 20.93
C SER E 328 -9.18 -53.79 21.78
N VAL E 329 -8.80 -52.65 21.19
CA VAL E 329 -8.12 -51.58 21.90
C VAL E 329 -9.12 -50.44 22.11
N VAL E 330 -9.20 -49.95 23.35
CA VAL E 330 -10.15 -48.90 23.64
C VAL E 330 -9.77 -47.60 22.93
N SER E 331 -8.47 -47.27 22.90
CA SER E 331 -8.01 -46.05 22.26
C SER E 331 -6.60 -46.25 21.75
N LYS E 332 -6.37 -45.85 20.50
CA LYS E 332 -5.03 -45.98 19.92
C LYS E 332 -4.90 -45.03 18.74
N VAL E 333 -3.68 -44.98 18.21
CA VAL E 333 -3.34 -44.22 17.02
C VAL E 333 -2.85 -45.20 15.97
N VAL E 334 -3.45 -45.14 14.79
CA VAL E 334 -3.13 -46.05 13.69
C VAL E 334 -2.44 -45.27 12.59
N LYS E 335 -1.33 -45.81 12.09
CA LYS E 335 -0.58 -45.19 11.01
C LYS E 335 -0.95 -45.85 9.69
N VAL E 336 -1.47 -45.04 8.76
CA VAL E 336 -1.83 -45.51 7.43
C VAL E 336 -1.02 -44.72 6.41
N THR E 337 -0.35 -45.42 5.51
CA THR E 337 0.47 -44.74 4.51
C THR E 337 -0.43 -44.31 3.35
N ILE E 338 -0.74 -43.02 3.32
CA ILE E 338 -1.58 -42.41 2.30
C ILE E 338 -0.79 -41.28 1.66
N ASP E 339 -0.82 -41.21 0.33
CA ASP E 339 -0.14 -40.16 -0.42
C ASP E 339 1.34 -40.10 -0.09
N TYR E 340 1.96 -41.27 0.11
CA TYR E 340 3.37 -41.42 0.44
C TYR E 340 3.73 -40.84 1.79
N THR E 341 2.77 -40.67 2.70
CA THR E 341 3.07 -40.17 4.04
C THR E 341 2.21 -40.92 5.05
N GLU E 342 2.68 -40.98 6.28
CA GLU E 342 1.98 -41.71 7.34
C GLU E 342 0.97 -40.79 8.00
N ILE E 343 -0.31 -41.07 7.78
CA ILE E 343 -1.41 -40.35 8.40
C ILE E 343 -1.81 -41.07 9.67
N SER E 344 -2.00 -40.31 10.75
CA SER E 344 -2.36 -40.84 12.05
C SER E 344 -3.85 -40.72 12.26
N PHE E 345 -4.53 -41.85 12.41
CA PHE E 345 -5.95 -41.90 12.71
C PHE E 345 -6.12 -42.20 14.19
N MET E 346 -6.89 -41.37 14.87
CA MET E 346 -7.28 -41.65 16.24
C MET E 346 -8.47 -42.61 16.22
N LEU E 347 -8.32 -43.75 16.88
CA LEU E 347 -9.35 -44.79 16.92
C LEU E 347 -9.77 -45.05 18.35
N TRP E 348 -11.07 -44.96 18.61
CA TRP E 348 -11.69 -45.34 19.86
C TRP E 348 -12.69 -46.46 19.59
N CYS E 349 -12.58 -47.55 20.34
CA CYS E 349 -13.46 -48.69 20.20
C CYS E 349 -14.08 -49.04 21.54
N LYS E 350 -15.24 -49.68 21.50
CA LYS E 350 -15.92 -50.17 22.69
C LYS E 350 -16.41 -51.59 22.42
N ASP E 351 -15.83 -52.56 23.13
CA ASP E 351 -16.31 -53.94 23.10
C ASP E 351 -16.34 -54.49 21.68
N GLY E 352 -15.23 -54.30 20.97
CA GLY E 352 -15.09 -54.88 19.65
C GLY E 352 -15.79 -54.15 18.53
N HIS E 353 -16.31 -52.94 18.77
CA HIS E 353 -16.94 -52.17 17.71
C HIS E 353 -16.43 -50.74 17.78
N VAL E 354 -16.32 -50.12 16.61
CA VAL E 354 -15.73 -48.79 16.51
C VAL E 354 -16.66 -47.76 17.12
N GLU E 355 -16.09 -46.86 17.94
CA GLU E 355 -16.79 -45.70 18.45
C GLU E 355 -16.44 -44.43 17.70
N THR E 356 -15.16 -44.23 17.41
CA THR E 356 -14.71 -43.06 16.66
C THR E 356 -13.46 -43.45 15.87
N PHE E 357 -13.32 -42.88 14.68
CA PHE E 357 -12.13 -43.14 13.86
C PHE E 357 -11.92 -41.92 12.97
N TYR E 358 -11.01 -41.03 13.36
CA TYR E 358 -10.87 -39.81 12.60
C TYR E 358 -9.41 -39.48 12.35
N PRO E 359 -9.10 -38.90 11.19
CA PRO E 359 -7.71 -38.53 10.89
C PRO E 359 -7.30 -37.29 11.65
N LYS E 360 -5.98 -37.03 11.63
CA LYS E 360 -5.43 -35.83 12.24
C LYS E 360 -4.57 -35.06 11.25
N GLU F 15 -21.38 22.04 -7.08
CA GLU F 15 -20.31 21.58 -6.20
C GLU F 15 -19.80 20.20 -6.59
N MET F 16 -18.52 20.12 -6.90
CA MET F 16 -17.87 18.87 -7.26
C MET F 16 -16.96 18.46 -6.12
N SER F 17 -17.39 17.44 -5.36
CA SER F 17 -16.73 17.06 -4.13
C SER F 17 -16.83 15.56 -3.94
N LEU F 18 -15.82 15.00 -3.29
CA LEU F 18 -15.85 13.58 -2.94
C LEU F 18 -16.99 13.26 -2.00
N GLU F 19 -17.23 14.14 -1.02
CA GLU F 19 -18.32 13.93 -0.07
C GLU F 19 -19.67 14.03 -0.75
N ASN F 20 -19.83 14.96 -1.70
CA ASN F 20 -21.08 15.06 -2.43
C ASN F 20 -21.29 13.86 -3.36
N VAL F 21 -20.21 13.39 -4.00
CA VAL F 21 -20.31 12.19 -4.82
C VAL F 21 -20.72 11.00 -3.98
N ALA F 22 -20.14 10.86 -2.79
CA ALA F 22 -20.51 9.76 -1.90
C ALA F 22 -21.94 9.91 -1.43
N PHE F 23 -22.39 11.14 -1.18
CA PHE F 23 -23.77 11.36 -0.82
C PHE F 23 -24.71 10.88 -1.92
N ASN F 24 -24.40 11.22 -3.16
CA ASN F 24 -25.23 10.77 -4.27
C ASN F 24 -25.21 9.26 -4.42
N VAL F 25 -24.04 8.64 -4.23
CA VAL F 25 -23.96 7.18 -4.33
C VAL F 25 -24.80 6.53 -3.22
N VAL F 26 -24.74 7.09 -2.02
CA VAL F 26 -25.46 6.50 -0.89
C VAL F 26 -26.97 6.64 -1.05
N ASN F 27 -27.42 7.80 -1.53
CA ASN F 27 -28.85 8.08 -1.59
C ASN F 27 -29.49 7.77 -2.93
N LYS F 28 -28.70 7.50 -3.97
CA LYS F 28 -29.22 7.30 -5.31
C LYS F 28 -28.59 6.13 -6.04
N GLY F 29 -27.57 5.49 -5.49
CA GLY F 29 -26.87 4.43 -6.19
C GLY F 29 -25.85 4.90 -7.19
N HIS F 30 -25.95 6.14 -7.64
CA HIS F 30 -25.03 6.72 -8.61
C HIS F 30 -25.05 8.23 -8.40
N PHE F 31 -24.27 8.95 -9.19
CA PHE F 31 -24.24 10.40 -9.10
C PHE F 31 -25.44 10.97 -9.85
N ASP F 32 -26.38 11.53 -9.10
CA ASP F 32 -27.58 12.12 -9.66
C ASP F 32 -27.55 13.64 -9.64
N GLY F 33 -26.50 14.26 -9.11
CA GLY F 33 -26.45 15.70 -9.02
C GLY F 33 -27.15 16.30 -7.83
N GLN F 34 -27.39 15.52 -6.78
CA GLN F 34 -28.05 16.03 -5.59
C GLN F 34 -27.07 16.79 -4.70
N GLN F 35 -27.62 17.60 -3.80
CA GLN F 35 -26.84 18.37 -2.86
C GLN F 35 -26.84 17.68 -1.51
N GLY F 36 -25.68 17.69 -0.85
CA GLY F 36 -25.51 17.03 0.41
C GLY F 36 -24.14 16.37 0.49
N GLU F 37 -23.76 15.96 1.69
CA GLU F 37 -22.46 15.35 1.89
C GLU F 37 -22.57 14.29 2.98
N VAL F 38 -21.72 13.28 2.90
CA VAL F 38 -21.64 12.24 3.92
C VAL F 38 -20.17 12.09 4.33
N PRO F 39 -19.90 11.62 5.54
CA PRO F 39 -18.52 11.34 5.92
C PRO F 39 -17.90 10.29 5.00
N VAL F 40 -16.67 10.53 4.60
CA VAL F 40 -15.93 9.63 3.73
C VAL F 40 -14.58 9.36 4.36
N SER F 41 -14.18 8.10 4.37
CA SER F 41 -12.84 7.69 4.74
C SER F 41 -12.21 6.96 3.57
N ILE F 42 -10.97 7.30 3.24
CA ILE F 42 -10.26 6.64 2.17
C ILE F 42 -9.13 5.85 2.78
N ILE F 43 -9.16 4.54 2.59
CA ILE F 43 -8.09 3.67 3.06
C ILE F 43 -7.55 3.02 1.81
N ASN F 44 -6.66 2.05 1.97
CA ASN F 44 -5.60 1.74 1.01
C ASN F 44 -5.97 2.01 -0.44
N ASN F 45 -7.06 1.40 -0.94
CA ASN F 45 -7.57 1.74 -2.25
C ASN F 45 -9.10 1.70 -2.26
N THR F 46 -9.71 2.02 -1.13
CA THR F 46 -11.13 1.81 -0.91
C THR F 46 -11.74 3.06 -0.32
N VAL F 47 -12.96 3.36 -0.76
CA VAL F 47 -13.77 4.45 -0.25
C VAL F 47 -14.83 3.84 0.66
N TYR F 48 -14.82 4.27 1.93
CA TYR F 48 -15.78 3.89 2.94
C TYR F 48 -16.60 5.11 3.34
N THR F 49 -17.81 4.86 3.81
CA THR F 49 -18.62 5.89 4.44
C THR F 49 -19.13 5.37 5.77
N LYS F 50 -19.44 6.30 6.67
CA LYS F 50 -19.91 5.94 7.99
C LYS F 50 -21.44 5.90 7.99
N VAL F 51 -22.00 4.73 8.25
CA VAL F 51 -23.44 4.55 8.38
C VAL F 51 -23.72 3.97 9.75
N ASP F 52 -24.46 4.71 10.57
CA ASP F 52 -24.79 4.30 11.94
C ASP F 52 -23.52 4.01 12.74
N GLY F 53 -22.49 4.83 12.53
CA GLY F 53 -21.30 4.76 13.35
C GLY F 53 -20.25 3.77 12.91
N VAL F 54 -20.51 2.98 11.87
CA VAL F 54 -19.54 2.02 11.37
C VAL F 54 -19.23 2.34 9.92
N ASP F 55 -18.01 2.03 9.52
CA ASP F 55 -17.56 2.29 8.15
C ASP F 55 -18.06 1.19 7.22
N VAL F 56 -18.69 1.60 6.14
CA VAL F 56 -19.23 0.69 5.14
C VAL F 56 -18.52 0.99 3.82
N GLU F 57 -17.97 -0.05 3.21
CA GLU F 57 -17.26 0.12 1.96
C GLU F 57 -18.21 0.55 0.86
N LEU F 58 -17.90 1.67 0.21
CA LEU F 58 -18.67 2.14 -0.93
C LEU F 58 -18.04 1.75 -2.25
N PHE F 59 -16.72 1.78 -2.33
CA PHE F 59 -16.09 1.58 -3.62
C PHE F 59 -14.71 1.00 -3.42
N GLU F 60 -14.32 0.07 -4.29
CA GLU F 60 -12.98 -0.48 -4.27
C GLU F 60 -12.34 -0.22 -5.62
N ASN F 61 -11.20 0.46 -5.61
CA ASN F 61 -10.55 0.90 -6.84
C ASN F 61 -9.81 -0.27 -7.46
N LYS F 62 -10.27 -0.71 -8.63
CA LYS F 62 -9.57 -1.71 -9.42
C LYS F 62 -8.88 -1.10 -10.63
N THR F 63 -8.84 0.22 -10.72
CA THR F 63 -8.26 0.92 -11.85
C THR F 63 -6.84 1.35 -11.52
N THR F 64 -6.18 1.93 -12.51
CA THR F 64 -4.86 2.55 -12.33
C THR F 64 -4.96 4.02 -12.00
N LEU F 65 -6.16 4.55 -11.84
CA LEU F 65 -6.40 5.93 -11.44
C LEU F 65 -6.34 6.06 -9.92
N PRO F 66 -6.16 7.27 -9.42
CA PRO F 66 -6.29 7.49 -7.97
C PRO F 66 -7.68 7.12 -7.49
N VAL F 67 -7.75 6.68 -6.24
CA VAL F 67 -8.98 6.06 -5.73
C VAL F 67 -10.15 7.03 -5.78
N ASN F 68 -9.92 8.30 -5.41
CA ASN F 68 -11.01 9.28 -5.43
C ASN F 68 -11.43 9.61 -6.85
N VAL F 69 -10.47 9.68 -7.77
CA VAL F 69 -10.78 9.96 -9.17
C VAL F 69 -11.61 8.82 -9.76
N ALA F 70 -11.17 7.58 -9.50
CA ALA F 70 -11.90 6.42 -9.99
C ALA F 70 -13.28 6.34 -9.36
N PHE F 71 -13.40 6.68 -8.09
CA PHE F 71 -14.70 6.70 -7.43
C PHE F 71 -15.64 7.70 -8.08
N GLU F 72 -15.14 8.90 -8.36
CA GLU F 72 -15.99 9.91 -9.01
C GLU F 72 -16.37 9.50 -10.42
N LEU F 73 -15.43 8.91 -11.17
CA LEU F 73 -15.76 8.47 -12.52
C LEU F 73 -16.76 7.33 -12.51
N TRP F 74 -16.67 6.44 -11.51
CA TRP F 74 -17.61 5.34 -11.40
C TRP F 74 -18.99 5.82 -10.98
N ALA F 75 -19.05 6.83 -10.13
CA ALA F 75 -20.35 7.36 -9.72
C ALA F 75 -21.04 8.07 -10.87
N LYS F 76 -20.28 8.63 -11.81
CA LYS F 76 -20.84 9.38 -12.92
C LYS F 76 -20.90 8.56 -14.20
N ARG F 77 -20.83 7.24 -14.08
CA ARG F 77 -20.95 6.37 -15.24
C ARG F 77 -22.35 6.45 -15.83
N ASN F 78 -22.44 6.16 -17.13
CA ASN F 78 -23.72 6.18 -17.81
C ASN F 78 -24.53 4.95 -17.40
N ILE F 79 -25.73 5.18 -16.85
CA ILE F 79 -26.60 4.10 -16.40
C ILE F 79 -27.74 3.85 -17.38
N LYS F 80 -27.66 4.39 -18.56
CA LYS F 80 -28.56 4.06 -19.65
C LYS F 80 -27.92 3.00 -20.54
N PRO F 81 -28.72 2.33 -21.38
CA PRO F 81 -28.12 1.40 -22.35
C PRO F 81 -27.13 2.10 -23.25
N VAL F 82 -25.92 1.57 -23.31
CA VAL F 82 -24.87 2.18 -24.12
C VAL F 82 -24.30 1.09 -25.02
N PRO F 83 -23.66 1.48 -26.13
CA PRO F 83 -22.98 0.49 -26.96
C PRO F 83 -21.92 -0.23 -26.15
N GLU F 84 -21.74 -1.51 -26.48
CA GLU F 84 -20.70 -2.27 -25.80
C GLU F 84 -19.34 -1.68 -26.10
N VAL F 85 -18.41 -1.89 -25.17
CA VAL F 85 -17.10 -1.24 -25.26
C VAL F 85 -16.38 -1.68 -26.53
N LYS F 86 -16.55 -2.94 -26.94
CA LYS F 86 -15.88 -3.42 -28.14
C LYS F 86 -16.35 -2.66 -29.37
N ILE F 87 -17.64 -2.34 -29.45
CA ILE F 87 -18.15 -1.59 -30.59
C ILE F 87 -17.52 -0.21 -30.65
N LEU F 88 -17.44 0.47 -29.51
CA LEU F 88 -16.84 1.80 -29.47
C LEU F 88 -15.36 1.74 -29.80
N ASN F 89 -14.66 0.71 -29.33
CA ASN F 89 -13.25 0.56 -29.69
C ASN F 89 -13.08 0.35 -31.18
N ASN F 90 -13.91 -0.50 -31.79
CA ASN F 90 -13.78 -0.76 -33.22
C ASN F 90 -14.12 0.45 -34.05
N LEU F 91 -14.91 1.37 -33.53
CA LEU F 91 -15.22 2.62 -34.21
C LEU F 91 -14.19 3.70 -33.95
N GLY F 92 -13.13 3.40 -33.21
CA GLY F 92 -12.10 4.37 -32.97
C GLY F 92 -12.46 5.45 -31.99
N VAL F 93 -13.45 5.22 -31.13
CA VAL F 93 -13.83 6.22 -30.15
C VAL F 93 -12.70 6.41 -29.15
N ASP F 94 -12.31 7.66 -28.94
CA ASP F 94 -11.25 8.00 -28.00
C ASP F 94 -11.78 8.55 -26.68
N ILE F 95 -12.98 9.12 -26.68
CA ILE F 95 -13.47 9.87 -25.54
C ILE F 95 -14.97 10.08 -25.71
N ALA F 96 -15.70 10.19 -24.61
CA ALA F 96 -17.12 10.44 -24.64
C ALA F 96 -17.41 11.88 -24.28
N ALA F 97 -18.49 12.42 -24.85
CA ALA F 97 -18.88 13.80 -24.59
C ALA F 97 -19.79 13.82 -23.37
N ASN F 98 -19.29 14.37 -22.27
CA ASN F 98 -20.09 14.67 -21.08
C ASN F 98 -20.71 13.42 -20.46
N THR F 99 -20.02 12.29 -20.55
CA THR F 99 -20.46 11.10 -19.85
C THR F 99 -19.27 10.16 -19.68
N VAL F 100 -19.43 9.20 -18.78
CA VAL F 100 -18.42 8.19 -18.52
C VAL F 100 -18.98 6.85 -18.98
N ILE F 101 -18.27 6.20 -19.88
CA ILE F 101 -18.56 4.82 -20.25
C ILE F 101 -17.73 3.93 -19.34
N TRP F 102 -18.40 3.12 -18.54
CA TRP F 102 -17.71 2.24 -17.61
C TRP F 102 -17.50 0.89 -18.27
N ASP F 103 -16.27 0.40 -18.23
CA ASP F 103 -15.93 -0.93 -18.72
C ASP F 103 -16.06 -1.89 -17.55
N TYR F 104 -17.15 -2.64 -17.53
CA TYR F 104 -17.40 -3.56 -16.41
C TYR F 104 -16.53 -4.80 -16.46
N LYS F 105 -16.03 -5.17 -17.64
CA LYS F 105 -15.09 -6.28 -17.73
C LYS F 105 -13.74 -5.89 -17.12
N ARG F 106 -13.28 -4.67 -17.39
CA ARG F 106 -12.06 -4.16 -16.78
C ARG F 106 -12.30 -3.51 -15.43
N ASP F 107 -13.56 -3.23 -15.07
CA ASP F 107 -13.91 -2.53 -13.84
C ASP F 107 -13.19 -1.18 -13.77
N ALA F 108 -13.27 -0.43 -14.86
CA ALA F 108 -12.50 0.78 -15.04
C ALA F 108 -13.21 1.63 -16.10
N PRO F 109 -12.91 2.92 -16.16
CA PRO F 109 -13.46 3.74 -17.25
C PRO F 109 -13.00 3.22 -18.60
N ALA F 110 -13.90 3.30 -19.58
CA ALA F 110 -13.55 2.83 -20.91
C ALA F 110 -12.49 3.71 -21.56
N HIS F 111 -12.41 4.98 -21.20
CA HIS F 111 -11.51 5.92 -21.83
C HIS F 111 -10.67 6.64 -20.78
N ILE F 112 -9.47 7.04 -21.19
CA ILE F 112 -8.52 7.64 -20.26
C ILE F 112 -8.97 9.02 -19.82
N SER F 113 -9.40 9.85 -20.76
CA SER F 113 -9.79 11.22 -20.47
C SER F 113 -11.30 11.36 -20.56
N THR F 114 -11.79 12.49 -20.06
CA THR F 114 -13.21 12.82 -20.11
C THR F 114 -13.37 14.23 -20.65
N ILE F 115 -14.63 14.59 -20.92
CA ILE F 115 -14.99 15.92 -21.37
C ILE F 115 -16.12 16.39 -20.44
N GLY F 116 -15.79 17.31 -19.54
CA GLY F 116 -16.78 17.83 -18.61
C GLY F 116 -17.30 16.84 -17.60
N VAL F 117 -16.43 16.03 -17.01
CA VAL F 117 -16.84 15.06 -16.01
C VAL F 117 -16.07 15.25 -14.71
N CYS F 118 -14.75 15.10 -14.76
CA CYS F 118 -13.90 15.13 -13.58
C CYS F 118 -12.73 16.06 -13.84
N SER F 119 -12.44 16.93 -12.87
CA SER F 119 -11.36 17.89 -13.05
C SER F 119 -10.01 17.20 -13.22
N MET F 120 -9.82 16.03 -12.60
CA MET F 120 -8.55 15.34 -12.69
C MET F 120 -8.38 14.58 -14.00
N THR F 121 -9.46 14.37 -14.77
CA THR F 121 -9.38 13.64 -16.02
C THR F 121 -9.86 14.43 -17.23
N ASP F 122 -10.52 15.58 -17.02
CA ASP F 122 -11.01 16.36 -18.15
C ASP F 122 -9.85 16.91 -18.96
N ILE F 123 -9.93 16.73 -20.28
CA ILE F 123 -9.09 17.49 -21.19
C ILE F 123 -9.82 18.72 -21.72
N ALA F 124 -11.13 18.78 -21.56
CA ALA F 124 -11.94 19.92 -21.99
C ALA F 124 -13.24 19.88 -21.20
N LYS F 125 -13.96 21.00 -21.22
CA LYS F 125 -15.26 21.07 -20.59
C LYS F 125 -16.40 20.85 -21.57
N LYS F 126 -16.16 21.09 -22.85
CA LYS F 126 -17.12 20.83 -23.92
C LYS F 126 -16.38 20.20 -25.09
N PRO F 127 -17.06 19.36 -25.88
CA PRO F 127 -16.39 18.73 -27.02
C PRO F 127 -16.09 19.70 -28.16
N THR F 128 -16.57 20.93 -28.10
CA THR F 128 -16.31 21.91 -29.14
C THR F 128 -14.93 22.55 -29.04
N GLU F 129 -14.21 22.33 -27.94
CA GLU F 129 -12.91 22.96 -27.75
C GLU F 129 -11.88 22.37 -28.72
N THR F 130 -10.81 23.13 -28.93
CA THR F 130 -9.82 22.78 -29.95
C THR F 130 -9.14 21.45 -29.65
N ILE F 131 -8.93 21.15 -28.37
CA ILE F 131 -8.21 19.92 -28.01
C ILE F 131 -8.99 18.69 -28.44
N CYS F 132 -10.32 18.78 -28.49
CA CYS F 132 -11.15 17.64 -28.84
C CYS F 132 -11.27 17.41 -30.34
N ALA F 133 -10.86 18.36 -31.17
CA ALA F 133 -11.07 18.23 -32.60
C ALA F 133 -10.37 17.01 -33.21
N PRO F 134 -9.09 16.75 -32.94
CA PRO F 134 -8.48 15.54 -33.53
C PRO F 134 -8.97 14.23 -32.91
N LEU F 135 -9.64 14.28 -31.77
CA LEU F 135 -10.12 13.07 -31.11
C LEU F 135 -11.48 12.67 -31.62
N THR F 136 -11.71 11.36 -31.73
CA THR F 136 -13.02 10.83 -32.08
C THR F 136 -13.88 10.82 -30.83
N VAL F 137 -14.86 11.70 -30.78
CA VAL F 137 -15.71 11.89 -29.61
C VAL F 137 -16.99 11.10 -29.79
N PHE F 138 -17.43 10.44 -28.73
CA PHE F 138 -18.68 9.70 -28.75
C PHE F 138 -19.83 10.62 -28.35
N PHE F 139 -20.86 10.68 -29.19
CA PHE F 139 -22.03 11.51 -28.96
C PHE F 139 -23.25 10.63 -28.84
N ASP F 140 -24.08 10.92 -27.84
CA ASP F 140 -25.31 10.20 -27.59
C ASP F 140 -26.48 11.06 -28.03
N GLY F 141 -27.25 10.56 -28.99
CA GLY F 141 -28.39 11.31 -29.49
C GLY F 141 -29.55 11.37 -28.54
N ARG F 142 -29.55 10.55 -27.49
CA ARG F 142 -30.58 10.59 -26.48
C ARG F 142 -30.41 11.75 -25.50
N VAL F 143 -29.24 12.37 -25.48
CA VAL F 143 -29.01 13.57 -24.69
C VAL F 143 -29.20 14.77 -25.59
N ASP F 144 -29.97 15.75 -25.11
CA ASP F 144 -30.38 16.86 -25.96
C ASP F 144 -29.18 17.72 -26.35
N GLY F 145 -29.11 18.06 -27.63
CA GLY F 145 -28.09 18.94 -28.15
C GLY F 145 -26.86 18.25 -28.70
N GLN F 146 -26.64 16.97 -28.37
CA GLN F 146 -25.44 16.29 -28.81
C GLN F 146 -25.45 15.94 -30.29
N VAL F 147 -26.62 15.89 -30.91
CA VAL F 147 -26.68 15.69 -32.36
C VAL F 147 -26.04 16.86 -33.08
N ASP F 148 -26.36 18.08 -32.64
CA ASP F 148 -25.74 19.26 -33.23
C ASP F 148 -24.24 19.31 -32.94
N LEU F 149 -23.83 18.86 -31.75
CA LEU F 149 -22.42 18.79 -31.44
C LEU F 149 -21.71 17.84 -32.37
N PHE F 150 -22.34 16.70 -32.68
CA PHE F 150 -21.76 15.79 -33.67
C PHE F 150 -21.72 16.43 -35.05
N ARG F 151 -22.76 17.18 -35.41
CA ARG F 151 -22.77 17.85 -36.71
C ARG F 151 -21.60 18.82 -36.82
N ASN F 152 -21.32 19.56 -35.76
CA ASN F 152 -20.21 20.51 -35.77
C ASN F 152 -18.87 19.84 -35.45
N ALA F 153 -18.89 18.58 -35.02
CA ALA F 153 -17.67 17.89 -34.64
C ALA F 153 -16.85 17.54 -35.88
N ARG F 154 -15.52 17.59 -35.72
CA ARG F 154 -14.64 17.19 -36.79
C ARG F 154 -14.52 15.69 -36.89
N ASN F 155 -14.25 15.03 -35.76
CA ASN F 155 -14.24 13.58 -35.68
C ASN F 155 -15.21 13.16 -34.59
N GLY F 156 -15.98 12.12 -34.85
CA GLY F 156 -16.92 11.66 -33.84
C GLY F 156 -17.71 10.47 -34.33
N VAL F 157 -18.36 9.83 -33.36
CA VAL F 157 -19.31 8.75 -33.60
C VAL F 157 -20.57 9.08 -32.84
N LEU F 158 -21.70 9.16 -33.54
CA LEU F 158 -22.98 9.48 -32.95
C LEU F 158 -23.85 8.23 -32.91
N ILE F 159 -24.57 8.04 -31.81
CA ILE F 159 -25.59 7.00 -31.74
C ILE F 159 -26.93 7.67 -31.50
N THR F 160 -27.96 7.17 -32.18
CA THR F 160 -29.32 7.66 -31.98
C THR F 160 -30.27 6.48 -31.88
N GLU F 161 -31.42 6.73 -31.28
CA GLU F 161 -32.50 5.75 -31.27
C GLU F 161 -33.45 5.91 -32.44
N GLY F 162 -33.34 7.00 -33.18
CA GLY F 162 -34.22 7.22 -34.32
C GLY F 162 -33.47 7.73 -35.53
N SER F 163 -34.19 8.34 -36.47
CA SER F 163 -33.59 8.83 -37.68
C SER F 163 -33.05 10.25 -37.50
N VAL F 164 -31.98 10.56 -38.22
CA VAL F 164 -31.36 11.88 -38.19
C VAL F 164 -31.39 12.45 -39.59
N LYS F 165 -31.93 13.66 -39.72
CA LYS F 165 -32.12 14.27 -41.03
C LYS F 165 -30.79 14.60 -41.69
N GLY F 166 -30.65 14.23 -42.95
CA GLY F 166 -29.45 14.51 -43.71
C GLY F 166 -28.34 13.50 -43.55
N LEU F 167 -28.51 12.49 -42.71
CA LEU F 167 -27.48 11.50 -42.46
C LEU F 167 -28.06 10.11 -42.67
N GLN F 168 -27.37 9.30 -43.46
CA GLN F 168 -27.81 7.94 -43.70
C GLN F 168 -27.43 7.05 -42.53
N PRO F 169 -28.37 6.40 -41.86
CA PRO F 169 -28.05 5.63 -40.66
C PRO F 169 -27.35 4.32 -40.98
N SER F 170 -26.70 3.77 -39.96
CA SER F 170 -26.16 2.42 -39.99
C SER F 170 -26.70 1.70 -38.77
N VAL F 171 -27.47 0.64 -39.01
CA VAL F 171 -28.11 -0.09 -37.91
C VAL F 171 -27.06 -0.92 -37.19
N GLY F 172 -26.97 -0.75 -35.88
CA GLY F 172 -26.00 -1.45 -35.08
C GLY F 172 -26.51 -2.76 -34.54
N PRO F 173 -25.82 -3.31 -33.56
CA PRO F 173 -26.27 -4.58 -32.97
C PRO F 173 -27.56 -4.41 -32.20
N LYS F 174 -28.28 -5.52 -32.05
CA LYS F 174 -29.53 -5.50 -31.31
C LYS F 174 -29.31 -5.29 -29.82
N GLN F 175 -28.20 -5.79 -29.29
CA GLN F 175 -27.95 -5.73 -27.86
C GLN F 175 -27.15 -4.49 -27.50
N ALA F 176 -27.28 -4.08 -26.25
CA ALA F 176 -26.47 -3.01 -25.69
C ALA F 176 -26.23 -3.31 -24.23
N SER F 177 -25.32 -2.56 -23.63
CA SER F 177 -24.92 -2.76 -22.25
C SER F 177 -25.69 -1.79 -21.35
N LEU F 178 -26.31 -2.33 -20.31
CA LEU F 178 -27.04 -1.55 -19.32
C LEU F 178 -26.50 -1.95 -17.95
N ASN F 179 -25.78 -1.04 -17.30
CA ASN F 179 -25.18 -1.29 -15.99
C ASN F 179 -24.29 -2.53 -16.00
N GLY F 180 -23.62 -2.77 -17.11
CA GLY F 180 -22.77 -3.92 -17.25
C GLY F 180 -23.46 -5.18 -17.72
N VAL F 181 -24.76 -5.15 -17.92
CA VAL F 181 -25.54 -6.31 -18.35
C VAL F 181 -25.82 -6.16 -19.82
N THR F 182 -25.35 -7.10 -20.63
CA THR F 182 -25.64 -7.07 -22.05
C THR F 182 -27.04 -7.62 -22.28
N LEU F 183 -27.87 -6.86 -22.99
CA LEU F 183 -29.24 -7.30 -23.19
C LEU F 183 -29.80 -6.69 -24.46
N ILE F 184 -30.78 -7.38 -25.03
CA ILE F 184 -31.60 -6.85 -26.10
C ILE F 184 -32.84 -6.26 -25.45
N GLY F 185 -33.02 -4.95 -25.60
CA GLY F 185 -34.00 -4.26 -24.80
C GLY F 185 -35.42 -4.55 -25.25
N GLU F 186 -36.31 -4.70 -24.27
CA GLU F 186 -37.74 -4.77 -24.51
C GLU F 186 -38.47 -3.56 -23.93
N ALA F 187 -38.30 -3.29 -22.64
CA ALA F 187 -38.85 -2.08 -22.06
C ALA F 187 -38.02 -0.85 -22.41
N VAL F 188 -36.77 -1.06 -22.84
CA VAL F 188 -35.86 0.01 -23.21
C VAL F 188 -35.28 -0.30 -24.57
N LYS F 189 -34.88 0.73 -25.30
CA LYS F 189 -34.40 0.57 -26.66
C LYS F 189 -32.88 0.40 -26.64
N THR F 190 -32.40 -0.74 -27.15
CA THR F 190 -30.97 -1.00 -27.23
C THR F 190 -30.44 -1.04 -28.65
N GLN F 191 -31.28 -0.84 -29.66
CA GLN F 191 -30.86 -0.83 -31.05
C GLN F 191 -30.60 0.60 -31.47
N PHE F 192 -29.37 0.88 -31.88
CA PHE F 192 -28.93 2.24 -32.18
C PHE F 192 -28.56 2.37 -33.65
N ASN F 193 -28.88 3.53 -34.21
CA ASN F 193 -28.29 3.95 -35.48
C ASN F 193 -26.95 4.61 -35.20
N TYR F 194 -25.95 4.26 -36.00
CA TYR F 194 -24.59 4.74 -35.83
C TYR F 194 -24.19 5.65 -36.99
N TYR F 195 -23.54 6.75 -36.67
CA TYR F 195 -23.01 7.68 -37.65
C TYR F 195 -21.57 7.99 -37.28
N LYS F 196 -20.74 8.21 -38.29
CA LYS F 196 -19.33 8.50 -38.04
C LYS F 196 -18.88 9.65 -38.91
N LYS F 197 -18.09 10.55 -38.34
CA LYS F 197 -17.47 11.64 -39.07
C LYS F 197 -15.96 11.61 -38.84
N VAL F 198 -15.20 11.62 -39.93
CA VAL F 198 -13.75 11.68 -39.88
C VAL F 198 -13.32 12.92 -40.64
N ASP F 199 -12.46 13.74 -40.02
CA ASP F 199 -11.93 14.94 -40.64
C ASP F 199 -13.04 15.86 -41.14
N GLY F 200 -14.18 15.86 -40.45
CA GLY F 200 -15.29 16.71 -40.80
C GLY F 200 -16.23 16.16 -41.86
N VAL F 201 -15.96 14.99 -42.42
CA VAL F 201 -16.80 14.42 -43.45
C VAL F 201 -17.40 13.12 -42.95
N VAL F 202 -18.68 12.91 -43.26
CA VAL F 202 -19.38 11.71 -42.80
C VAL F 202 -18.88 10.50 -43.58
N GLN F 203 -18.59 9.43 -42.86
CA GLN F 203 -18.17 8.17 -43.44
C GLN F 203 -19.36 7.23 -43.54
N GLN F 204 -19.33 6.37 -44.54
CA GLN F 204 -20.33 5.32 -44.71
C GLN F 204 -19.83 4.08 -44.00
N LEU F 205 -20.45 3.75 -42.88
CA LEU F 205 -20.02 2.58 -42.13
C LEU F 205 -20.31 1.33 -42.95
N PRO F 206 -19.37 0.40 -43.04
CA PRO F 206 -19.57 -0.77 -43.91
C PRO F 206 -20.64 -1.71 -43.35
N GLU F 207 -21.22 -2.49 -44.26
CA GLU F 207 -22.10 -3.56 -43.82
C GLU F 207 -21.31 -4.54 -42.99
N THR F 208 -21.88 -4.97 -41.87
CA THR F 208 -21.10 -5.69 -40.88
C THR F 208 -21.96 -6.76 -40.22
N TYR F 209 -21.30 -7.81 -39.74
CA TYR F 209 -21.89 -8.73 -38.79
C TYR F 209 -21.62 -8.24 -37.38
N PHE F 210 -22.39 -8.75 -36.42
CA PHE F 210 -22.22 -8.38 -35.03
C PHE F 210 -22.14 -9.62 -34.18
N THR F 211 -21.24 -9.60 -33.20
CA THR F 211 -21.16 -10.68 -32.24
C THR F 211 -22.35 -10.60 -31.29
N GLN F 212 -22.65 -11.73 -30.66
CA GLN F 212 -23.86 -11.85 -29.85
C GLN F 212 -23.63 -11.52 -28.38
N SER F 213 -22.38 -11.42 -27.94
CA SER F 213 -22.04 -11.03 -26.58
C SER F 213 -22.67 -11.95 -25.55
N ARG F 214 -22.71 -13.24 -25.85
CA ARG F 214 -23.31 -14.20 -24.94
C ARG F 214 -22.27 -14.72 -23.96
N ASN F 215 -22.73 -15.49 -22.99
CA ASN F 215 -21.88 -16.00 -21.93
C ASN F 215 -21.88 -17.53 -21.98
N LEU F 216 -20.75 -18.11 -21.59
CA LEU F 216 -20.62 -19.56 -21.62
C LEU F 216 -21.61 -20.25 -20.69
N GLN F 217 -21.69 -19.78 -19.44
CA GLN F 217 -22.52 -20.50 -18.47
C GLN F 217 -24.00 -20.39 -18.81
N GLU F 218 -24.48 -19.19 -19.10
CA GLU F 218 -25.88 -18.94 -19.40
C GLU F 218 -26.13 -18.84 -20.89
N PHE F 219 -25.49 -19.68 -21.69
CA PHE F 219 -25.67 -19.63 -23.13
C PHE F 219 -27.08 -20.04 -23.51
N LYS F 220 -27.71 -19.24 -24.38
CA LYS F 220 -29.05 -19.52 -24.85
C LYS F 220 -29.08 -19.36 -26.36
N PRO F 221 -29.56 -20.36 -27.10
CA PRO F 221 -29.59 -20.24 -28.56
C PRO F 221 -30.53 -19.14 -29.03
N ARG F 222 -30.17 -18.53 -30.16
CA ARG F 222 -30.95 -17.42 -30.74
C ARG F 222 -31.40 -17.72 -32.16
N SER F 223 -31.38 -18.98 -32.58
CA SER F 223 -31.86 -19.35 -33.90
C SER F 223 -32.22 -20.83 -33.87
N GLN F 224 -32.98 -21.26 -34.88
CA GLN F 224 -33.28 -22.68 -35.00
C GLN F 224 -32.03 -23.48 -35.27
N MET F 225 -31.09 -22.93 -36.06
CA MET F 225 -29.84 -23.62 -36.31
C MET F 225 -29.05 -23.80 -35.01
N GLU F 226 -29.03 -22.79 -34.15
CA GLU F 226 -28.34 -22.92 -32.88
C GLU F 226 -29.02 -23.93 -31.97
N ILE F 227 -30.35 -23.97 -31.98
CA ILE F 227 -31.06 -24.97 -31.19
C ILE F 227 -30.71 -26.36 -31.68
N ASP F 228 -30.68 -26.55 -33.00
CA ASP F 228 -30.30 -27.85 -33.55
C ASP F 228 -28.87 -28.20 -33.18
N PHE F 229 -27.96 -27.24 -33.23
CA PHE F 229 -26.58 -27.49 -32.85
C PHE F 229 -26.47 -27.94 -31.40
N LEU F 230 -27.19 -27.27 -30.50
CA LEU F 230 -27.11 -27.63 -29.10
C LEU F 230 -27.81 -28.95 -28.80
N GLU F 231 -28.84 -29.30 -29.59
CA GLU F 231 -29.60 -30.51 -29.33
C GLU F 231 -29.15 -31.70 -30.17
N LEU F 232 -28.98 -31.50 -31.48
CA LEU F 232 -28.59 -32.60 -32.34
C LEU F 232 -27.15 -33.00 -32.07
N ALA F 233 -26.84 -34.26 -32.37
CA ALA F 233 -25.47 -34.72 -32.31
C ALA F 233 -24.66 -34.06 -33.44
N MET F 234 -23.34 -34.26 -33.38
CA MET F 234 -22.45 -33.62 -34.35
C MET F 234 -22.78 -34.05 -35.77
N ASP F 235 -22.81 -35.36 -36.02
CA ASP F 235 -23.09 -35.85 -37.36
C ASP F 235 -24.52 -35.52 -37.77
N GLU F 236 -25.48 -35.65 -36.85
CA GLU F 236 -26.86 -35.34 -37.18
C GLU F 236 -27.04 -33.88 -37.59
N PHE F 237 -26.45 -32.97 -36.81
CA PHE F 237 -26.56 -31.55 -37.14
C PHE F 237 -25.83 -31.22 -38.44
N ILE F 238 -24.64 -31.77 -38.63
CA ILE F 238 -23.88 -31.49 -39.85
C ILE F 238 -24.66 -31.97 -41.07
N GLU F 239 -25.26 -33.15 -40.97
CA GLU F 239 -26.05 -33.69 -42.08
C GLU F 239 -27.30 -32.84 -42.33
N ARG F 240 -27.98 -32.40 -41.26
CA ARG F 240 -29.24 -31.69 -41.43
C ARG F 240 -29.05 -30.38 -42.20
N TYR F 241 -27.98 -29.65 -41.91
CA TYR F 241 -27.70 -28.38 -42.55
C TYR F 241 -26.65 -28.51 -43.66
N LYS F 242 -26.44 -29.73 -44.17
CA LYS F 242 -25.49 -30.05 -45.24
C LYS F 242 -24.20 -29.24 -45.09
N LEU F 243 -23.57 -29.42 -43.94
CA LEU F 243 -22.32 -28.76 -43.60
C LEU F 243 -21.10 -29.65 -43.83
N GLU F 244 -21.25 -30.73 -44.59
CA GLU F 244 -20.13 -31.60 -44.89
C GLU F 244 -19.09 -30.86 -45.70
N GLY F 245 -17.81 -31.14 -45.42
CA GLY F 245 -16.72 -30.51 -46.12
C GLY F 245 -16.26 -29.17 -45.56
N TYR F 246 -16.88 -28.67 -44.50
CA TYR F 246 -16.45 -27.42 -43.89
C TYR F 246 -15.82 -27.60 -42.51
N ALA F 247 -15.44 -28.83 -42.16
CA ALA F 247 -14.67 -29.11 -40.93
C ALA F 247 -15.39 -28.63 -39.68
N PHE F 248 -16.73 -28.71 -39.68
CA PHE F 248 -17.49 -28.31 -38.51
C PHE F 248 -17.17 -29.17 -37.30
N GLU F 249 -16.77 -30.42 -37.51
CA GLU F 249 -16.40 -31.29 -36.40
C GLU F 249 -15.18 -30.78 -35.65
N HIS F 250 -14.40 -29.91 -36.27
CA HIS F 250 -13.20 -29.37 -35.66
C HIS F 250 -13.30 -27.88 -35.38
N ILE F 251 -13.80 -27.10 -36.33
CA ILE F 251 -13.85 -25.65 -36.16
C ILE F 251 -14.76 -25.27 -35.01
N VAL F 252 -15.94 -25.89 -34.94
CA VAL F 252 -16.98 -25.47 -34.03
C VAL F 252 -17.12 -26.43 -32.85
N TYR F 253 -17.21 -27.73 -33.13
CA TYR F 253 -17.46 -28.70 -32.05
C TYR F 253 -16.26 -28.85 -31.14
N GLY F 254 -15.05 -28.86 -31.69
CA GLY F 254 -13.87 -29.01 -30.85
C GLY F 254 -13.41 -30.44 -30.73
N ASP F 255 -12.09 -30.63 -30.78
CA ASP F 255 -11.47 -31.94 -30.69
C ASP F 255 -10.73 -32.05 -29.37
N PHE F 256 -10.97 -33.14 -28.65
CA PHE F 256 -10.37 -33.37 -27.34
C PHE F 256 -9.57 -34.67 -27.28
N SER F 257 -9.25 -35.27 -28.42
CA SER F 257 -8.58 -36.56 -28.42
C SER F 257 -7.08 -36.44 -28.15
N HIS F 258 -6.49 -35.28 -28.42
CA HIS F 258 -5.05 -35.08 -28.25
C HIS F 258 -4.79 -34.18 -27.04
N SER F 259 -3.53 -34.16 -26.61
CA SER F 259 -3.15 -33.30 -25.50
C SER F 259 -3.32 -31.83 -25.84
N GLN F 260 -3.33 -31.48 -27.12
CA GLN F 260 -3.58 -30.12 -27.57
C GLN F 260 -5.00 -30.02 -28.10
N LEU F 261 -5.77 -29.09 -27.54
CA LEU F 261 -7.15 -28.91 -27.93
C LEU F 261 -7.26 -28.41 -29.36
N GLY F 262 -8.26 -28.91 -30.08
CA GLY F 262 -8.48 -28.57 -31.47
C GLY F 262 -9.75 -27.77 -31.69
N GLY F 263 -9.65 -26.72 -32.49
CA GLY F 263 -10.83 -25.94 -32.85
C GLY F 263 -11.51 -25.27 -31.68
N LEU F 264 -12.84 -25.35 -31.65
CA LEU F 264 -13.65 -24.73 -30.60
C LEU F 264 -13.45 -23.21 -30.62
N HIS F 265 -13.64 -22.64 -31.81
CA HIS F 265 -13.42 -21.22 -32.09
C HIS F 265 -14.71 -20.39 -32.10
N LEU F 266 -15.86 -20.99 -31.83
CA LEU F 266 -17.11 -20.27 -31.67
C LEU F 266 -17.68 -20.56 -30.30
N LEU F 267 -18.26 -19.54 -29.68
CA LEU F 267 -18.74 -19.68 -28.30
C LEU F 267 -19.85 -20.72 -28.18
N ILE F 268 -20.59 -20.98 -29.26
CA ILE F 268 -21.67 -21.96 -29.17
C ILE F 268 -21.09 -23.36 -28.98
N GLY F 269 -19.96 -23.66 -29.62
CA GLY F 269 -19.30 -24.94 -29.40
C GLY F 269 -18.81 -25.09 -27.97
N LEU F 270 -18.23 -24.03 -27.42
CA LEU F 270 -17.83 -24.06 -26.02
C LEU F 270 -19.03 -24.28 -25.12
N ALA F 271 -20.16 -23.65 -25.43
CA ALA F 271 -21.37 -23.85 -24.62
C ALA F 271 -21.84 -25.29 -24.68
N LYS F 272 -21.84 -25.88 -25.87
CA LYS F 272 -22.26 -27.27 -25.98
C LYS F 272 -21.35 -28.19 -25.18
N ARG F 273 -20.03 -27.99 -25.29
CA ARG F 273 -19.09 -28.79 -24.52
C ARG F 273 -19.28 -28.58 -23.02
N PHE F 274 -19.48 -27.33 -22.61
CA PHE F 274 -19.62 -27.00 -21.20
C PHE F 274 -20.85 -27.67 -20.60
N LYS F 275 -21.97 -27.68 -21.34
CA LYS F 275 -23.11 -28.45 -20.89
C LYS F 275 -22.82 -29.94 -20.90
N GLU F 276 -21.96 -30.38 -21.82
CA GLU F 276 -21.53 -31.78 -21.81
C GLU F 276 -20.59 -32.07 -20.65
N SER F 277 -19.59 -31.20 -20.42
CA SER F 277 -18.62 -31.40 -19.36
C SER F 277 -17.91 -30.10 -19.07
N PRO F 278 -17.65 -29.78 -17.80
CA PRO F 278 -17.01 -28.50 -17.49
C PRO F 278 -15.55 -28.45 -17.93
N PHE F 279 -15.07 -27.24 -18.17
CA PHE F 279 -13.67 -27.00 -18.46
C PHE F 279 -13.29 -25.64 -17.91
N GLU F 280 -11.98 -25.37 -17.92
CA GLU F 280 -11.44 -24.12 -17.39
C GLU F 280 -11.11 -23.18 -18.54
N LEU F 281 -11.61 -21.95 -18.44
CA LEU F 281 -11.24 -20.87 -19.36
C LEU F 281 -10.46 -19.83 -18.56
N GLU F 282 -9.26 -19.50 -19.04
CA GLU F 282 -8.44 -18.47 -18.44
C GLU F 282 -8.39 -17.30 -19.41
N ASP F 283 -9.02 -16.19 -19.02
CA ASP F 283 -9.03 -14.97 -19.82
C ASP F 283 -7.82 -14.15 -19.40
N PHE F 284 -6.69 -14.38 -20.05
CA PHE F 284 -5.45 -13.75 -19.63
C PHE F 284 -5.35 -12.29 -20.09
N ILE F 285 -6.27 -11.81 -20.91
CA ILE F 285 -6.36 -10.40 -21.24
C ILE F 285 -7.81 -9.99 -20.98
N PRO F 286 -8.19 -9.79 -19.73
CA PRO F 286 -9.61 -9.59 -19.41
C PRO F 286 -10.17 -8.25 -19.83
N MET F 287 -10.47 -8.10 -21.11
CA MET F 287 -11.12 -6.91 -21.62
C MET F 287 -12.16 -7.35 -22.63
N ASP F 288 -12.78 -6.37 -23.29
CA ASP F 288 -13.85 -6.67 -24.25
C ASP F 288 -13.32 -6.53 -25.67
N SER F 289 -13.47 -7.59 -26.46
CA SER F 289 -13.01 -7.60 -27.83
C SER F 289 -13.96 -8.42 -28.67
N THR F 290 -13.92 -8.16 -29.99
CA THR F 290 -14.67 -9.00 -30.92
C THR F 290 -14.18 -10.44 -30.87
N VAL F 291 -12.85 -10.62 -30.81
CA VAL F 291 -12.22 -11.93 -30.70
C VAL F 291 -11.54 -12.02 -29.35
N LYS F 292 -11.81 -13.09 -28.62
CA LYS F 292 -11.22 -13.31 -27.31
C LYS F 292 -10.25 -14.47 -27.36
N ASN F 293 -9.14 -14.35 -26.64
CA ASN F 293 -8.17 -15.44 -26.54
C ASN F 293 -8.25 -16.04 -25.14
N TYR F 294 -8.29 -17.36 -25.08
CA TYR F 294 -8.45 -18.07 -23.83
C TYR F 294 -7.38 -19.15 -23.68
N PHE F 295 -7.04 -19.42 -22.43
CA PHE F 295 -6.24 -20.57 -22.06
C PHE F 295 -7.23 -21.62 -21.58
N ILE F 296 -7.51 -22.61 -22.40
CA ILE F 296 -8.58 -23.56 -22.14
C ILE F 296 -7.98 -24.87 -21.71
N THR F 297 -8.51 -25.43 -20.62
CA THR F 297 -8.13 -26.74 -20.11
C THR F 297 -9.37 -27.59 -20.01
N ASP F 298 -9.45 -28.65 -20.80
CA ASP F 298 -10.61 -29.54 -20.75
C ASP F 298 -10.45 -30.46 -19.55
N ALA F 299 -11.36 -30.31 -18.58
CA ALA F 299 -11.25 -31.05 -17.33
C ALA F 299 -11.51 -32.54 -17.52
N GLN F 300 -12.26 -32.91 -18.56
CA GLN F 300 -12.58 -34.32 -18.77
C GLN F 300 -11.40 -35.09 -19.34
N THR F 301 -10.84 -34.61 -20.45
CA THR F 301 -9.78 -35.33 -21.14
C THR F 301 -8.39 -34.79 -20.85
N GLY F 302 -8.27 -33.61 -20.26
CA GLY F 302 -6.98 -32.99 -20.10
C GLY F 302 -6.46 -32.29 -21.33
N SER F 303 -7.26 -32.19 -22.38
CA SER F 303 -6.86 -31.49 -23.59
C SER F 303 -6.82 -29.99 -23.32
N SER F 304 -5.75 -29.33 -23.76
CA SER F 304 -5.54 -27.93 -23.43
C SER F 304 -5.02 -27.19 -24.66
N LYS F 305 -5.21 -25.88 -24.65
CA LYS F 305 -4.61 -25.00 -25.64
C LYS F 305 -4.30 -23.67 -24.99
N CYS F 306 -3.04 -23.24 -25.10
CA CYS F 306 -2.63 -22.00 -24.44
C CYS F 306 -3.37 -20.80 -25.00
N VAL F 307 -3.53 -20.74 -26.31
CA VAL F 307 -4.21 -19.63 -26.97
C VAL F 307 -5.28 -20.22 -27.88
N CYS F 308 -6.54 -20.02 -27.52
CA CYS F 308 -7.67 -20.39 -28.35
C CYS F 308 -8.46 -19.13 -28.66
N SER F 309 -8.71 -18.88 -29.94
CA SER F 309 -9.44 -17.71 -30.38
C SER F 309 -10.92 -18.05 -30.50
N VAL F 310 -11.76 -17.26 -29.85
CA VAL F 310 -13.19 -17.49 -29.79
C VAL F 310 -13.91 -16.23 -30.25
N ILE F 311 -14.89 -16.39 -31.13
CA ILE F 311 -15.75 -15.29 -31.56
C ILE F 311 -17.19 -15.74 -31.44
N ASP F 312 -18.04 -14.87 -30.89
CA ASP F 312 -19.43 -15.22 -30.63
C ASP F 312 -20.34 -14.69 -31.74
N LEU F 313 -20.15 -15.23 -32.93
CA LEU F 313 -21.07 -14.96 -34.02
C LEU F 313 -22.29 -15.85 -33.93
N LEU F 314 -23.39 -15.37 -34.50
CA LEU F 314 -24.54 -16.25 -34.67
C LEU F 314 -24.19 -17.37 -35.64
N LEU F 315 -24.61 -18.59 -35.31
CA LEU F 315 -24.24 -19.75 -36.10
C LEU F 315 -24.68 -19.60 -37.55
N ASP F 316 -25.84 -19.00 -37.78
CA ASP F 316 -26.28 -18.73 -39.14
C ASP F 316 -25.31 -17.81 -39.86
N ASP F 317 -24.87 -16.75 -39.17
CA ASP F 317 -23.90 -15.83 -39.79
C ASP F 317 -22.58 -16.53 -40.06
N PHE F 318 -22.12 -17.39 -39.13
CA PHE F 318 -20.86 -18.08 -39.34
C PHE F 318 -20.93 -19.04 -40.51
N VAL F 319 -22.02 -19.81 -40.63
CA VAL F 319 -22.11 -20.72 -41.76
C VAL F 319 -22.27 -19.95 -43.06
N GLU F 320 -22.97 -18.82 -43.04
CA GLU F 320 -23.06 -17.99 -44.23
C GLU F 320 -21.69 -17.47 -44.64
N ILE F 321 -20.87 -17.06 -43.67
CA ILE F 321 -19.53 -16.59 -43.96
C ILE F 321 -18.68 -17.72 -44.53
N ILE F 322 -18.72 -18.89 -43.89
CA ILE F 322 -17.83 -19.97 -44.30
C ILE F 322 -18.26 -20.58 -45.64
N LYS F 323 -19.54 -20.48 -45.99
CA LYS F 323 -19.98 -20.96 -47.29
C LYS F 323 -19.75 -19.95 -48.41
N SER F 324 -19.34 -18.73 -48.09
CA SER F 324 -19.09 -17.72 -49.10
C SER F 324 -17.64 -17.67 -49.54
N GLN F 325 -16.80 -18.56 -49.02
CA GLN F 325 -15.37 -18.58 -49.33
C GLN F 325 -15.08 -19.81 -50.18
N ASP F 326 -14.48 -19.59 -51.35
CA ASP F 326 -14.02 -20.70 -52.18
C ASP F 326 -12.88 -21.43 -51.48
N LEU F 327 -12.89 -22.76 -51.60
CA LEU F 327 -11.94 -23.61 -50.90
C LEU F 327 -10.84 -24.12 -51.81
N SER F 328 -10.47 -23.33 -52.82
CA SER F 328 -9.43 -23.69 -53.77
C SER F 328 -8.06 -23.20 -53.36
N VAL F 329 -7.95 -22.49 -52.25
CA VAL F 329 -6.69 -21.96 -51.75
C VAL F 329 -6.24 -22.80 -50.56
N VAL F 330 -4.99 -23.26 -50.58
CA VAL F 330 -4.49 -24.10 -49.50
C VAL F 330 -4.42 -23.32 -48.20
N SER F 331 -3.98 -22.07 -48.25
CA SER F 331 -3.84 -21.26 -47.04
C SER F 331 -4.01 -19.79 -47.39
N LYS F 332 -4.84 -19.09 -46.63
CA LYS F 332 -5.06 -17.67 -46.88
C LYS F 332 -5.61 -17.00 -45.63
N VAL F 333 -5.72 -15.68 -45.71
CA VAL F 333 -6.31 -14.86 -44.66
C VAL F 333 -7.53 -14.16 -45.25
N VAL F 334 -8.67 -14.31 -44.58
CA VAL F 334 -9.93 -13.75 -45.06
C VAL F 334 -10.33 -12.62 -44.13
N LYS F 335 -10.73 -11.49 -44.71
CA LYS F 335 -11.18 -10.34 -43.95
C LYS F 335 -12.71 -10.33 -43.91
N VAL F 336 -13.27 -10.36 -42.71
CA VAL F 336 -14.71 -10.30 -42.51
C VAL F 336 -15.02 -9.10 -41.64
N THR F 337 -15.93 -8.25 -42.09
CA THR F 337 -16.28 -7.06 -41.33
C THR F 337 -17.29 -7.44 -40.25
N ILE F 338 -16.82 -7.54 -39.01
CA ILE F 338 -17.62 -7.88 -37.85
C ILE F 338 -17.46 -6.78 -36.83
N ASP F 339 -18.57 -6.33 -36.24
CA ASP F 339 -18.58 -5.31 -35.21
C ASP F 339 -17.88 -4.03 -35.69
N TYR F 340 -18.09 -3.69 -36.96
CA TYR F 340 -17.51 -2.51 -37.61
C TYR F 340 -16.01 -2.57 -37.72
N THR F 341 -15.39 -3.76 -37.65
CA THR F 341 -13.96 -3.87 -37.81
C THR F 341 -13.64 -5.12 -38.63
N GLU F 342 -12.49 -5.11 -39.29
CA GLU F 342 -12.10 -6.23 -40.15
C GLU F 342 -11.38 -7.28 -39.32
N ILE F 343 -12.02 -8.43 -39.14
CA ILE F 343 -11.44 -9.56 -38.44
C ILE F 343 -10.78 -10.48 -39.46
N SER F 344 -9.57 -10.92 -39.16
CA SER F 344 -8.78 -11.77 -40.03
C SER F 344 -8.93 -13.23 -39.60
N PHE F 345 -9.47 -14.05 -40.48
CA PHE F 345 -9.61 -15.48 -40.25
C PHE F 345 -8.52 -16.20 -41.04
N MET F 346 -7.75 -17.04 -40.36
CA MET F 346 -6.82 -17.91 -41.04
C MET F 346 -7.57 -19.13 -41.56
N LEU F 347 -7.48 -19.37 -42.86
CA LEU F 347 -8.18 -20.48 -43.51
C LEU F 347 -7.18 -21.41 -44.18
N TRP F 348 -7.26 -22.69 -43.85
CA TRP F 348 -6.51 -23.75 -44.50
C TRP F 348 -7.50 -24.73 -45.11
N CYS F 349 -7.34 -25.03 -46.39
CA CYS F 349 -8.20 -25.95 -47.10
C CYS F 349 -7.35 -27.03 -47.76
N LYS F 350 -7.98 -28.19 -47.99
CA LYS F 350 -7.35 -29.30 -48.71
C LYS F 350 -8.35 -29.84 -49.72
N ASP F 351 -8.04 -29.68 -51.01
CA ASP F 351 -8.81 -30.30 -52.08
C ASP F 351 -10.28 -29.90 -52.02
N GLY F 352 -10.52 -28.61 -51.88
CA GLY F 352 -11.87 -28.09 -51.91
C GLY F 352 -12.68 -28.27 -50.64
N HIS F 353 -12.06 -28.65 -49.53
CA HIS F 353 -12.77 -28.78 -48.27
C HIS F 353 -11.95 -28.15 -47.17
N VAL F 354 -12.63 -27.55 -46.20
CA VAL F 354 -11.96 -26.79 -45.16
C VAL F 354 -11.21 -27.73 -44.23
N GLU F 355 -9.97 -27.37 -43.91
CA GLU F 355 -9.17 -28.04 -42.89
C GLU F 355 -9.15 -27.28 -41.58
N THR F 356 -8.98 -25.97 -41.63
CA THR F 356 -8.99 -25.14 -40.44
C THR F 356 -9.51 -23.75 -40.80
N PHE F 357 -10.24 -23.13 -39.89
CA PHE F 357 -10.76 -21.79 -40.12
C PHE F 357 -10.92 -21.13 -38.75
N TYR F 358 -9.95 -20.30 -38.37
CA TYR F 358 -10.01 -19.73 -37.04
C TYR F 358 -9.70 -18.24 -37.03
N PRO F 359 -10.34 -17.48 -36.16
CA PRO F 359 -10.09 -16.04 -36.10
C PRO F 359 -8.77 -15.74 -35.42
N LYS F 360 -8.34 -14.50 -35.53
CA LYS F 360 -7.13 -14.04 -34.86
C LYS F 360 -7.41 -12.79 -34.02
#